data_8ULG
#
_entry.id   8ULG
#
_cell.length_a   1.00
_cell.length_b   1.00
_cell.length_c   1.00
_cell.angle_alpha   90.00
_cell.angle_beta   90.00
_cell.angle_gamma   90.00
#
_symmetry.space_group_name_H-M   'P 1'
#
loop_
_entity.id
_entity.type
_entity.pdbx_description
1 polymer "Rod cGMP-specific 3',5'-cyclic phosphodiesterase subunit alpha"
2 polymer "Rod cGMP-specific 3',5'-cyclic phosphodiesterase subunit beta"
3 polymer "Retinal rod rhodopsin-sensitive cGMP 3',5'-cyclic phosphodiesterase subunit gamma"
4 non-polymer 'CYCLIC GUANOSINE MONOPHOSPHATE'
5 non-polymer 'MAGNESIUM ION'
6 non-polymer 'ZINC ION'
7 non-polymer 3-ISOBUTYL-1-METHYLXANTHINE
#
loop_
_entity_poly.entity_id
_entity_poly.type
_entity_poly.pdbx_seq_one_letter_code
_entity_poly.pdbx_strand_id
1 'polypeptide(L)'
;MGEVTAEEVEKFLDSNVSFAKQYYNLRYRAKVISDLLGPREAAVDFSNYHALNSVEESEIIFDLLRDFQDNLQAEKCVFN
VMKKLCFLLQADRMSLFMYRARNGIAELATRLFNVHKDAVLEECLVAPDSEIVFPLDMGVVGHVALSKKIVNVPNTEEDE
HFCDFVDTLTEYQTKNILASPIMNGKDVVAIIMVVNKVDGPHFTENDEEILLKYLNFANLIMKVFHLSYLHNCETRRGQI
LLWSGSKVFEELTDIERQFHKALYTVRAFLNCDRYSVGLLDMTKQKEFFDVWPVLMGEAPPYAGPRTPDGREINFYKVID
YILHGKEDIKVIPNPPPDHWALVSGLPTYVAQNGLICNIMNAPSEDFFAFQKEPLDESGWMIKNVLSMPIVNKKEEIVGV
ATFYNRKDGKPFDEMDETLMESLTQFLGWSVLNPDTYELMNKLENRKDIFQDMVKYHVKCDNEEIQTILKTREVYGKEPW
ECEEEELAEILQGELPDADKYEINKFHFSDLPLTELELVKCGIQMYYELKVVDKFHIPQEALVRFMYSLSKGYRRITYHN
WRHGFNVGQTMFSLLVTGKLKRYFTDLEALAMVTAAFCHDIDHRGTNNLYQMKSQNPLAKLHGSSILERHHLEFGKTLLR
DESLNIFQNLNRRQHEHAIHMMDIAIIATDLALYFKKRTMFQKIVDQSKTYETQQEWTQYMMLDQTRKEIVMAMMMTACD
LSAITKPWEVQSKVALLVAAEFWEQGDLERTVLQQNPIPMMDRNKADELPKLQVGFIDFVCTFVYKEFSRFHEEITPMLD
GITNNRKEWKALADEYETKMKGLEEEKQKQQAANQAAAGSQHGGKQPGGGPASKSCCVQ
;
A
2 'polypeptide(L)'
;MSLSEGQVHRFLDQNPGFADQYFGRKLSPEDVANACEDGCPEGCTSFRELCQVEESAALFELVQDMQENVNMERVVFKIL
RRLCSILHADRCSLFMYRQRNGVAELATRLFSVQPDSVLEDCLVPPDSEIVFPLDIGVVGHVAQTKKMVNVQDVMECPHF
SSFADELTDYVTRNILATPIMNGKDVVAVIMAVNKLDGPCFTSEDEDVFLKYLNFGTLNLKIYHLSYLHNCETRRGQVLL
WSANKVFEELTDIERQFHKAFYTVRAYLNCDRYSVGLLDMTKEKEFFDVWPVLMGEAQAYSGPRTPDGREILFYKVIDYI
LHGKEDIKVIPSPPADHWALASGLPTYVAESGFICNIMNAPADEMFNFQEGPLDDSGWIVKNVLSMPIVNKKEEIVGVAT
FYNRKDGKPFDEQDEVLMESLTQFLGWSVLNTDTYDKMNKLENRKDIAQDMVLYHVRCDREEIQLILPTRERLGKEPADC
EEDELGKILKEVLPGPAKFDIYEFHFSDLECTELELVKCGIQMYYELGVVRKFQIPQEVLVRFLFSVSKGYRRITYHNWR
HGFNVAQTMFTLLMTGKLKSYYTDLEAFAMVTAGLCHDIDHRGTNNLYQMKSQNPLAKLHGSSILERHHLEFGKFLLSEE
TLNIYQNLNRRQHEHVIHLMDIAIIATDLALYFKKRTMFQKIVDESKNYEDRKSWVEYLSLETTRKEIVMAMMMTACDLS
AITKPWEVQSKVALLVAAEFWEQGDLERTVLDQQPIPMMDRNKAAELPKLQVGFIDFVCTFVYKEFSRFHEEILPMFDRL
QNNRKEWKALADEYEAKVKALEEDQKKETTAKKVGTEICNGGPAPRSSTCRIL
;
B
3 'polypeptide(L)'
;MNLEPPKAEIRSATRVMGGPVTPRKGPPKFKQRQTRQFKSKPPKKGVQGFGDDIPGMEGLGTDITVICPWEAFNHLELHE
LAQYGII
;
C,D
#
# COMPACT_ATOMS: atom_id res chain seq x y z
N THR A 5 4.93 48.92 81.22
CA THR A 5 5.31 48.96 79.82
C THR A 5 6.54 48.10 79.57
N ALA A 6 6.84 47.85 78.30
CA ALA A 6 7.97 46.99 77.93
C ALA A 6 9.25 47.79 77.69
N GLU A 7 9.60 48.66 78.63
CA GLU A 7 10.85 49.41 78.51
C GLU A 7 12.05 48.51 78.77
N GLU A 8 11.97 47.64 79.77
CA GLU A 8 13.03 46.66 79.97
C GLU A 8 13.11 45.72 78.78
N VAL A 9 11.97 45.39 78.18
CA VAL A 9 11.97 44.54 76.99
C VAL A 9 12.70 45.22 75.83
N GLU A 10 12.45 46.51 75.63
CA GLU A 10 13.12 47.19 74.53
C GLU A 10 14.61 47.37 74.81
N LYS A 11 15.01 47.57 76.07
CA LYS A 11 16.44 47.59 76.39
C LYS A 11 17.06 46.23 76.12
N PHE A 12 16.36 45.14 76.46
CA PHE A 12 16.88 43.81 76.16
C PHE A 12 17.00 43.59 74.65
N LEU A 13 16.02 44.08 73.88
CA LEU A 13 16.08 43.96 72.44
C LEU A 13 17.28 44.73 71.88
N ASP A 14 17.54 45.92 72.42
CA ASP A 14 18.74 46.65 72.02
C ASP A 14 20.01 45.91 72.42
N SER A 15 19.97 45.18 73.54
CA SER A 15 21.15 44.43 73.96
C SER A 15 21.52 43.35 72.95
N ASN A 16 20.53 42.65 72.42
CA ASN A 16 20.74 41.62 71.39
C ASN A 16 19.82 41.95 70.21
N VAL A 17 20.31 42.79 69.29
CA VAL A 17 19.53 43.17 68.13
C VAL A 17 19.25 41.98 67.23
N SER A 18 20.10 40.95 67.29
CA SER A 18 19.82 39.73 66.53
C SER A 18 18.51 39.09 66.96
N PHE A 19 18.26 39.06 68.27
CA PHE A 19 16.99 38.52 68.76
C PHE A 19 15.81 39.38 68.34
N ALA A 20 15.98 40.70 68.31
CA ALA A 20 14.92 41.57 67.82
C ALA A 20 14.60 41.31 66.36
N LYS A 21 15.64 41.16 65.53
CA LYS A 21 15.42 40.82 64.13
C LYS A 21 14.75 39.46 63.99
N GLN A 22 15.16 38.50 64.80
CA GLN A 22 14.52 37.19 64.80
C GLN A 22 13.03 37.31 65.09
N TYR A 23 12.68 38.01 66.16
CA TYR A 23 11.28 38.17 66.53
C TYR A 23 10.51 38.85 65.42
N TYR A 24 11.09 39.90 64.83
CA TYR A 24 10.39 40.62 63.77
C TYR A 24 10.14 39.72 62.56
N ASN A 25 11.13 38.90 62.20
CA ASN A 25 10.95 38.06 61.02
C ASN A 25 10.10 36.82 61.32
N LEU A 26 9.90 36.48 62.59
CA LEU A 26 8.90 35.44 62.89
C LEU A 26 7.49 36.02 62.86
N ARG A 27 7.25 37.15 63.53
CA ARG A 27 5.89 37.63 63.72
C ARG A 27 5.44 38.68 62.71
N TYR A 28 6.33 39.15 61.82
CA TYR A 28 5.95 40.21 60.89
C TYR A 28 6.42 40.02 59.46
N ARG A 29 7.34 39.08 59.18
CA ARG A 29 7.85 38.93 57.82
C ARG A 29 6.75 38.49 56.85
N ALA A 30 5.84 37.65 57.32
CA ALA A 30 4.77 37.16 56.46
C ALA A 30 3.91 38.31 55.95
N LYS A 31 3.59 39.28 56.82
CA LYS A 31 2.75 40.40 56.41
C LYS A 31 3.43 41.21 55.31
N VAL A 32 4.71 41.53 55.48
CA VAL A 32 5.40 42.36 54.50
C VAL A 32 5.58 41.60 53.19
N ILE A 33 5.80 40.29 53.26
CA ILE A 33 5.95 39.50 52.04
C ILE A 33 4.62 39.42 51.30
N SER A 34 3.51 39.25 52.03
CA SER A 34 2.21 39.22 51.39
C SER A 34 1.86 40.57 50.77
N ASP A 35 2.15 41.66 51.47
CA ASP A 35 1.83 42.98 50.94
C ASP A 35 2.66 43.31 49.71
N LEU A 36 3.97 43.04 49.76
CA LEU A 36 4.85 43.37 48.65
C LEU A 36 4.51 42.57 47.40
N LEU A 37 4.23 41.28 47.57
CA LEU A 37 3.90 40.42 46.43
C LEU A 37 2.50 40.68 45.88
N GLY A 38 1.67 41.42 46.60
CA GLY A 38 0.36 41.78 46.10
C GLY A 38 0.40 43.12 45.38
N PRO A 39 -0.71 43.51 44.75
CA PRO A 39 -0.74 44.78 44.02
C PRO A 39 -0.49 45.97 44.94
N ARG A 40 0.62 46.68 44.73
CA ARG A 40 0.99 47.76 45.63
C ARG A 40 1.55 48.98 44.90
N GLU A 41 1.56 48.98 43.56
CA GLU A 41 2.03 50.10 42.73
C GLU A 41 3.32 50.69 43.27
N ALA A 42 4.40 49.91 43.23
CA ALA A 42 5.71 50.27 43.78
C ALA A 42 6.05 51.74 43.56
N ALA A 43 6.41 52.42 44.64
CA ALA A 43 6.61 53.86 44.64
C ALA A 43 8.10 54.16 44.48
N VAL A 44 8.49 54.56 43.26
CA VAL A 44 9.84 55.05 42.97
C VAL A 44 9.70 56.39 42.27
N ASP A 45 10.55 57.34 42.65
CA ASP A 45 10.48 58.69 42.08
C ASP A 45 11.02 58.65 40.65
N PHE A 46 10.12 58.64 39.68
CA PHE A 46 10.49 58.64 38.26
C PHE A 46 10.51 60.04 37.66
N SER A 47 10.28 61.08 38.47
CA SER A 47 10.22 62.44 37.94
C SER A 47 11.57 62.88 37.38
N ASN A 48 12.66 62.57 38.08
CA ASN A 48 13.99 62.99 37.68
C ASN A 48 14.92 61.79 37.63
N TYR A 49 16.15 62.04 37.16
CA TYR A 49 17.17 61.01 37.04
C TYR A 49 18.09 61.07 38.25
N HIS A 50 18.24 59.94 38.95
CA HIS A 50 19.06 59.90 40.14
C HIS A 50 19.49 58.46 40.39
N ALA A 51 20.50 58.32 41.24
CA ALA A 51 20.95 57.00 41.65
C ALA A 51 19.89 56.31 42.51
N LEU A 52 19.86 54.98 42.45
CA LEU A 52 18.88 54.19 43.16
C LEU A 52 19.51 53.53 44.38
N ASN A 53 18.87 53.68 45.52
CA ASN A 53 19.35 53.08 46.76
C ASN A 53 18.79 51.66 46.91
N SER A 54 19.02 51.06 48.08
CA SER A 54 18.62 49.68 48.30
C SER A 54 17.10 49.53 48.33
N VAL A 55 16.40 50.50 48.92
CA VAL A 55 14.94 50.40 49.03
C VAL A 55 14.30 50.45 47.65
N GLU A 56 14.72 51.42 46.82
CA GLU A 56 14.17 51.52 45.48
C GLU A 56 14.56 50.32 44.62
N GLU A 57 15.79 49.81 44.81
CA GLU A 57 16.19 48.61 44.10
C GLU A 57 15.31 47.43 44.48
N SER A 58 15.00 47.27 45.76
CA SER A 58 14.10 46.21 46.19
C SER A 58 12.71 46.39 45.61
N GLU A 59 12.23 47.63 45.57
CA GLU A 59 10.90 47.89 45.01
C GLU A 59 10.84 47.51 43.54
N ILE A 60 11.86 47.91 42.76
CA ILE A 60 11.84 47.62 41.34
C ILE A 60 12.09 46.13 41.08
N ILE A 61 12.80 45.46 41.99
CA ILE A 61 12.99 44.02 41.86
C ILE A 61 11.69 43.27 42.16
N PHE A 62 10.93 43.74 43.15
CA PHE A 62 9.64 43.11 43.43
C PHE A 62 8.64 43.39 42.32
N ASP A 63 8.74 44.56 41.68
CA ASP A 63 8.12 44.74 40.39
C ASP A 63 8.88 43.91 39.35
N LEU A 64 8.20 43.59 38.25
CA LEU A 64 8.67 42.63 37.25
C LEU A 64 8.68 41.22 37.84
N LEU A 65 8.41 41.13 39.14
CA LEU A 65 8.15 39.86 39.82
C LEU A 65 6.69 39.69 40.19
N ARG A 66 5.99 40.79 40.46
CA ARG A 66 4.54 40.74 40.62
C ARG A 66 3.84 40.29 39.35
N ASP A 67 4.50 40.38 38.20
CA ASP A 67 3.89 40.06 36.92
C ASP A 67 4.04 38.61 36.52
N PHE A 68 4.64 37.77 37.37
CA PHE A 68 4.79 36.35 37.08
C PHE A 68 3.50 35.60 37.42
N GLN A 69 2.44 35.96 36.70
CA GLN A 69 1.12 35.37 36.91
C GLN A 69 0.93 34.17 35.98
N ASP A 70 -0.30 33.66 35.92
CA ASP A 70 -0.56 32.48 35.10
C ASP A 70 -0.80 32.85 33.63
N ASN A 71 -1.45 33.98 33.38
CA ASN A 71 -1.73 34.39 32.00
C ASN A 71 -0.43 34.65 31.25
N LEU A 72 0.45 35.48 31.81
CA LEU A 72 1.79 35.73 31.29
C LEU A 72 1.75 36.20 29.82
N GLN A 73 1.16 37.37 29.62
CA GLN A 73 1.21 38.01 28.31
C GLN A 73 2.64 38.52 28.09
N ALA A 74 3.30 37.97 27.07
CA ALA A 74 4.70 38.28 26.85
C ALA A 74 4.91 39.75 26.50
N GLU A 75 4.05 40.30 25.65
CA GLU A 75 4.23 41.67 25.17
C GLU A 75 4.14 42.67 26.31
N LYS A 76 3.14 42.52 27.18
CA LYS A 76 2.97 43.47 28.28
C LYS A 76 4.14 43.39 29.26
N CYS A 77 4.58 42.17 29.59
CA CYS A 77 5.68 42.02 30.54
C CYS A 77 6.97 42.61 29.99
N VAL A 78 7.30 42.29 28.73
CA VAL A 78 8.53 42.82 28.16
C VAL A 78 8.42 44.34 27.98
N PHE A 79 7.21 44.85 27.71
CA PHE A 79 7.02 46.29 27.63
C PHE A 79 7.28 46.96 28.97
N ASN A 80 6.79 46.36 30.06
CA ASN A 80 7.04 46.92 31.38
C ASN A 80 8.54 46.89 31.71
N VAL A 81 9.21 45.78 31.37
CA VAL A 81 10.65 45.71 31.61
C VAL A 81 11.37 46.79 30.83
N MET A 82 10.98 47.02 29.57
CA MET A 82 11.61 48.05 28.76
C MET A 82 11.34 49.44 29.33
N LYS A 83 10.12 49.68 29.80
CA LYS A 83 9.80 50.99 30.38
C LYS A 83 10.62 51.26 31.62
N LYS A 84 10.86 50.23 32.44
CA LYS A 84 11.72 50.43 33.61
C LYS A 84 13.18 50.63 33.18
N LEU A 85 13.65 49.85 32.20
CA LEU A 85 15.02 49.99 31.73
C LEU A 85 15.27 51.35 31.09
N CYS A 86 14.23 51.99 30.56
CA CYS A 86 14.38 53.34 30.01
C CYS A 86 14.86 54.31 31.08
N PHE A 87 14.23 54.28 32.25
CA PHE A 87 14.67 55.13 33.35
C PHE A 87 16.01 54.65 33.90
N LEU A 88 16.19 53.32 34.02
CA LEU A 88 17.42 52.79 34.60
C LEU A 88 18.64 53.10 33.72
N LEU A 89 18.50 52.96 32.41
CA LEU A 89 19.65 53.10 31.52
C LEU A 89 19.92 54.54 31.13
N GLN A 90 19.03 55.48 31.46
CA GLN A 90 19.12 56.87 31.03
C GLN A 90 19.23 56.97 29.51
N ALA A 91 18.33 56.24 28.84
CA ALA A 91 18.26 56.23 27.39
C ALA A 91 16.97 56.92 26.95
N ASP A 92 16.90 57.22 25.65
CA ASP A 92 15.75 57.94 25.12
C ASP A 92 14.69 57.02 24.53
N ARG A 93 15.10 56.08 23.68
CA ARG A 93 14.16 55.18 23.01
C ARG A 93 14.68 53.75 23.08
N MET A 94 13.73 52.82 22.99
CA MET A 94 14.03 51.39 22.92
C MET A 94 13.14 50.75 21.88
N SER A 95 13.48 49.53 21.49
CA SER A 95 12.70 48.78 20.53
C SER A 95 13.01 47.29 20.70
N LEU A 96 12.15 46.46 20.11
CA LEU A 96 12.31 45.01 20.16
C LEU A 96 12.21 44.46 18.74
N PHE A 97 13.30 43.83 18.29
CA PHE A 97 13.34 43.23 16.96
C PHE A 97 13.25 41.72 17.10
N MET A 98 12.13 41.15 16.64
CA MET A 98 11.96 39.71 16.70
C MET A 98 12.77 39.04 15.60
N TYR A 99 13.01 37.74 15.78
CA TYR A 99 13.83 36.95 14.88
C TYR A 99 12.96 35.92 14.18
N ARG A 100 12.98 35.91 12.85
CA ARG A 100 12.27 34.93 12.06
C ARG A 100 13.10 34.60 10.83
N ALA A 101 12.91 33.38 10.31
CA ALA A 101 13.67 32.88 9.17
C ALA A 101 12.73 32.47 8.05
N ARG A 102 12.97 32.99 6.86
CA ARG A 102 12.18 32.66 5.68
C ARG A 102 13.11 32.23 4.55
N ASN A 103 12.73 31.17 3.84
CA ASN A 103 13.47 30.66 2.69
C ASN A 103 14.90 30.27 3.05
N GLY A 104 15.17 30.00 4.32
CA GLY A 104 16.51 29.75 4.79
C GLY A 104 17.34 30.99 5.05
N ILE A 105 16.79 32.17 4.79
CA ILE A 105 17.47 33.44 5.03
C ILE A 105 16.77 34.12 6.19
N ALA A 106 17.48 34.28 7.31
CA ALA A 106 16.87 34.83 8.50
C ALA A 106 16.60 36.33 8.34
N GLU A 107 15.54 36.79 9.00
CA GLU A 107 15.14 38.19 8.98
C GLU A 107 15.08 38.70 10.41
N LEU A 108 14.88 40.00 10.55
CA LEU A 108 14.75 40.61 11.88
C LEU A 108 13.66 41.69 11.78
N ALA A 109 12.42 41.29 12.04
CA ALA A 109 11.30 42.21 12.03
C ALA A 109 11.14 42.88 13.38
N THR A 110 10.26 43.88 13.44
CA THR A 110 10.04 44.66 14.64
C THR A 110 8.68 44.35 15.24
N ARG A 111 8.60 44.37 16.57
CA ARG A 111 7.37 44.16 17.30
C ARG A 111 7.04 45.29 18.26
N LEU A 112 8.05 45.85 18.93
CA LEU A 112 7.87 46.99 19.81
C LEU A 112 8.80 48.10 19.35
N PHE A 113 8.27 49.31 19.20
CA PHE A 113 9.04 50.42 18.65
C PHE A 113 8.75 51.69 19.42
N ASN A 114 9.82 52.45 19.69
CA ASN A 114 9.73 53.78 20.29
C ASN A 114 9.02 53.76 21.64
N VAL A 115 9.63 53.06 22.60
CA VAL A 115 9.19 53.07 23.99
C VAL A 115 10.12 54.00 24.77
N HIS A 116 9.55 55.03 25.39
CA HIS A 116 10.28 55.99 26.18
C HIS A 116 9.90 55.82 27.66
N LYS A 117 10.38 56.75 28.48
CA LYS A 117 10.24 56.64 29.93
C LYS A 117 8.78 56.54 30.35
N ASP A 118 7.91 57.34 29.73
CA ASP A 118 6.48 57.34 30.03
C ASP A 118 5.71 57.05 28.74
N ALA A 119 5.52 55.78 28.42
CA ALA A 119 4.82 55.34 27.22
C ALA A 119 3.76 54.33 27.59
N VAL A 120 2.93 53.96 26.62
CA VAL A 120 1.85 53.02 26.82
C VAL A 120 1.85 51.99 25.68
N LEU A 121 1.18 50.87 25.93
CA LEU A 121 1.30 49.71 25.03
C LEU A 121 0.73 50.00 23.66
N GLU A 122 -0.45 50.63 23.59
CA GLU A 122 -1.11 50.82 22.29
C GLU A 122 -0.29 51.71 21.37
N GLU A 123 0.39 52.71 21.93
CA GLU A 123 1.20 53.63 21.12
C GLU A 123 2.55 53.05 20.72
N CYS A 124 2.90 51.86 21.20
CA CYS A 124 4.19 51.26 20.90
C CYS A 124 4.12 49.87 20.30
N LEU A 125 2.94 49.24 20.28
CA LEU A 125 2.79 47.96 19.61
C LEU A 125 2.82 48.16 18.10
N VAL A 126 3.38 47.17 17.40
CA VAL A 126 3.57 47.25 15.95
C VAL A 126 2.66 46.21 15.30
N ALA A 127 1.80 46.68 14.40
CA ALA A 127 0.93 45.79 13.65
C ALA A 127 1.74 45.00 12.63
N PRO A 128 1.23 43.86 12.16
CA PRO A 128 1.99 43.08 11.17
C PRO A 128 2.24 43.82 9.87
N ASP A 129 1.45 44.83 9.54
CA ASP A 129 1.61 45.57 8.29
C ASP A 129 2.49 46.80 8.44
N SER A 130 3.07 47.03 9.62
CA SER A 130 3.94 48.18 9.85
C SER A 130 5.36 47.76 10.21
N GLU A 131 5.70 46.49 10.00
CA GLU A 131 7.03 46.00 10.38
C GLU A 131 8.11 46.62 9.51
N ILE A 132 9.26 46.87 10.11
CA ILE A 132 10.46 47.30 9.40
C ILE A 132 11.38 46.08 9.35
N VAL A 133 11.28 45.32 8.27
CA VAL A 133 12.08 44.11 8.13
C VAL A 133 13.52 44.50 7.81
N PHE A 134 14.47 43.88 8.53
CA PHE A 134 15.88 44.18 8.36
C PHE A 134 16.63 42.89 8.03
N PRO A 135 17.46 42.89 6.99
CA PRO A 135 18.36 41.75 6.77
C PRO A 135 19.35 41.62 7.91
N LEU A 136 20.04 40.48 7.94
CA LEU A 136 20.93 40.15 9.03
C LEU A 136 22.36 40.63 8.81
N ASP A 137 22.63 41.29 7.67
CA ASP A 137 23.98 41.76 7.38
C ASP A 137 23.96 43.20 6.87
N MET A 138 23.09 44.03 7.44
CA MET A 138 23.02 45.43 7.03
C MET A 138 23.43 46.39 8.14
N GLY A 139 22.77 46.34 9.30
CA GLY A 139 23.00 47.29 10.36
C GLY A 139 23.71 46.66 11.55
N VAL A 140 23.86 47.48 12.60
CA VAL A 140 24.41 46.97 13.86
C VAL A 140 23.49 45.92 14.45
N VAL A 141 22.19 45.98 14.11
CA VAL A 141 21.26 44.93 14.51
C VAL A 141 21.70 43.60 13.93
N GLY A 142 22.04 43.58 12.64
CA GLY A 142 22.58 42.38 12.04
C GLY A 142 23.90 41.96 12.65
N HIS A 143 24.71 42.94 13.05
CA HIS A 143 26.00 42.62 13.67
C HIS A 143 25.80 41.91 15.01
N VAL A 144 24.86 42.39 15.83
CA VAL A 144 24.60 41.72 17.10
C VAL A 144 23.91 40.39 16.88
N ALA A 145 23.14 40.27 15.80
CA ALA A 145 22.55 38.98 15.46
C ALA A 145 23.62 37.95 15.11
N LEU A 146 24.61 38.36 14.31
CA LEU A 146 25.67 37.43 13.92
C LEU A 146 26.61 37.12 15.08
N SER A 147 27.05 38.16 15.80
CA SER A 147 28.06 37.95 16.84
C SER A 147 27.46 37.33 18.09
N LYS A 148 26.14 37.43 18.28
CA LYS A 148 25.46 36.90 19.46
C LYS A 148 26.06 37.47 20.75
N LYS A 149 26.40 38.75 20.73
CA LYS A 149 27.06 39.38 21.86
C LYS A 149 26.58 40.83 21.99
N ILE A 150 26.78 41.39 23.18
CA ILE A 150 26.45 42.78 23.43
C ILE A 150 27.40 43.69 22.67
N VAL A 151 26.86 44.73 22.05
CA VAL A 151 27.62 45.67 21.25
C VAL A 151 27.34 47.08 21.73
N ASN A 152 28.41 47.85 21.97
CA ASN A 152 28.30 49.24 22.39
C ASN A 152 28.99 50.12 21.36
N VAL A 153 28.27 51.12 20.87
CA VAL A 153 28.76 52.02 19.83
C VAL A 153 28.79 53.43 20.40
N PRO A 154 29.95 53.91 20.84
CA PRO A 154 30.02 55.28 21.37
C PRO A 154 29.66 56.35 20.35
N ASN A 155 30.01 56.16 19.09
CA ASN A 155 29.72 57.13 18.04
C ASN A 155 29.22 56.41 16.80
N THR A 156 28.09 56.86 16.26
CA THR A 156 27.51 56.22 15.09
C THR A 156 28.27 56.53 13.81
N GLU A 157 28.91 57.70 13.73
CA GLU A 157 29.64 58.07 12.52
C GLU A 157 30.82 57.14 12.28
N GLU A 158 31.55 56.77 13.34
CA GLU A 158 32.72 55.92 13.16
C GLU A 158 32.34 54.49 12.85
N ASP A 159 31.10 54.09 13.14
CA ASP A 159 30.67 52.74 12.85
C ASP A 159 30.58 52.51 11.35
N GLU A 160 31.06 51.35 10.91
CA GLU A 160 31.08 51.02 9.49
C GLU A 160 29.81 50.33 9.02
N HIS A 161 29.11 49.63 9.90
CA HIS A 161 27.91 48.89 9.54
C HIS A 161 26.65 49.51 10.16
N PHE A 162 26.59 50.84 10.16
CA PHE A 162 25.42 51.55 10.66
C PHE A 162 24.58 52.03 9.49
N CYS A 163 23.26 51.80 9.57
CA CYS A 163 22.33 52.16 8.51
C CYS A 163 21.36 53.22 9.01
N ASP A 164 21.16 54.26 8.20
CA ASP A 164 20.30 55.38 8.55
C ASP A 164 18.97 55.36 7.82
N PHE A 165 18.56 54.22 7.28
CA PHE A 165 17.28 54.13 6.58
C PHE A 165 16.13 54.44 7.54
N VAL A 166 16.15 53.84 8.73
CA VAL A 166 15.13 54.12 9.73
C VAL A 166 15.23 55.56 10.19
N ASP A 167 16.46 56.08 10.29
CA ASP A 167 16.66 57.47 10.70
C ASP A 167 15.97 58.43 9.75
N THR A 168 16.12 58.20 8.45
CA THR A 168 15.44 59.05 7.47
C THR A 168 13.93 58.81 7.47
N LEU A 169 13.52 57.55 7.61
CA LEU A 169 12.10 57.24 7.59
C LEU A 169 11.39 57.79 8.82
N THR A 170 12.02 57.71 9.99
CA THR A 170 11.41 58.13 11.24
C THR A 170 11.88 59.51 11.70
N GLU A 171 12.54 60.26 10.83
CA GLU A 171 13.10 61.59 11.11
C GLU A 171 13.71 61.66 12.51
N TYR A 172 14.67 60.77 12.75
CA TYR A 172 15.36 60.67 14.02
C TYR A 172 16.86 60.60 13.78
N GLN A 173 17.63 61.08 14.76
CA GLN A 173 19.08 61.05 14.70
C GLN A 173 19.61 60.23 15.86
N THR A 174 20.52 59.31 15.55
CA THR A 174 21.11 58.41 16.55
C THR A 174 22.61 58.67 16.66
N LYS A 175 23.08 58.88 17.88
CA LYS A 175 24.49 59.06 18.15
C LYS A 175 25.07 58.00 19.09
N ASN A 176 24.23 57.19 19.73
CA ASN A 176 24.69 56.14 20.63
C ASN A 176 23.79 54.93 20.47
N ILE A 177 24.40 53.75 20.57
CA ILE A 177 23.69 52.49 20.39
C ILE A 177 24.29 51.44 21.33
N LEU A 178 23.40 50.68 21.97
CA LEU A 178 23.83 49.55 22.80
C LEU A 178 22.74 48.49 22.72
N ALA A 179 23.10 47.31 22.22
CA ALA A 179 22.14 46.25 21.96
C ALA A 179 22.63 44.94 22.57
N SER A 180 21.68 44.05 22.85
CA SER A 180 21.97 42.74 23.40
C SER A 180 20.94 41.74 22.86
N PRO A 181 21.38 40.54 22.52
CA PRO A 181 20.45 39.53 21.99
C PRO A 181 19.87 38.64 23.08
N ILE A 182 18.60 38.30 22.92
CA ILE A 182 17.92 37.37 23.83
C ILE A 182 17.95 35.99 23.18
N MET A 183 18.51 35.02 23.90
CA MET A 183 18.79 33.71 23.34
C MET A 183 18.01 32.63 24.09
N ASN A 184 17.64 31.58 23.36
CA ASN A 184 17.02 30.39 23.94
C ASN A 184 18.05 29.35 24.36
N GLY A 185 19.33 29.66 24.23
CA GLY A 185 20.39 28.76 24.64
C GLY A 185 21.44 28.57 23.56
N LYS A 186 21.00 28.49 22.31
CA LYS A 186 21.92 28.49 21.18
C LYS A 186 21.36 29.22 19.97
N ASP A 187 20.14 29.75 20.04
CA ASP A 187 19.54 30.46 18.92
C ASP A 187 18.95 31.77 19.44
N VAL A 188 19.20 32.86 18.71
CA VAL A 188 18.68 34.16 19.12
C VAL A 188 17.16 34.18 18.93
N VAL A 189 16.47 34.85 19.85
CA VAL A 189 15.03 34.97 19.78
C VAL A 189 14.56 36.41 19.51
N ALA A 190 15.29 37.41 19.98
CA ALA A 190 14.93 38.81 19.77
C ALA A 190 16.14 39.67 20.10
N ILE A 191 16.05 40.94 19.73
CA ILE A 191 17.11 41.92 20.00
C ILE A 191 16.47 43.17 20.59
N ILE A 192 17.04 43.66 21.69
CA ILE A 192 16.62 44.90 22.32
C ILE A 192 17.69 45.95 22.04
N MET A 193 17.27 47.21 21.95
CA MET A 193 18.17 48.29 21.57
C MET A 193 17.89 49.54 22.40
N VAL A 194 18.92 50.38 22.53
CA VAL A 194 18.81 51.71 23.11
C VAL A 194 19.49 52.70 22.17
N VAL A 195 19.03 53.94 22.21
CA VAL A 195 19.57 54.99 21.36
C VAL A 195 19.56 56.31 22.13
N ASN A 196 20.56 57.15 21.85
CA ASN A 196 20.59 58.55 22.28
C ASN A 196 20.50 58.67 23.81
N LYS A 197 21.57 58.23 24.45
CA LYS A 197 21.70 58.39 25.90
C LYS A 197 21.52 59.85 26.28
N VAL A 198 20.66 60.09 27.26
CA VAL A 198 20.32 61.45 27.69
C VAL A 198 21.31 61.92 28.73
N ASP A 199 21.77 63.17 28.59
CA ASP A 199 22.67 63.80 29.55
C ASP A 199 23.97 63.02 29.70
N GLY A 200 24.54 62.59 28.57
CA GLY A 200 25.79 61.89 28.57
C GLY A 200 26.37 61.72 27.18
N PRO A 201 27.70 61.60 27.09
CA PRO A 201 28.34 61.40 25.78
C PRO A 201 28.04 60.04 25.19
N HIS A 202 28.14 58.99 26.00
CA HIS A 202 27.96 57.63 25.52
C HIS A 202 27.58 56.74 26.69
N PHE A 203 27.09 55.54 26.36
CA PHE A 203 26.72 54.57 27.38
C PHE A 203 27.98 54.00 28.03
N THR A 204 28.01 54.00 29.36
CA THR A 204 29.18 53.57 30.10
C THR A 204 29.11 52.08 30.40
N GLU A 205 30.10 51.59 31.14
CA GLU A 205 30.14 50.18 31.53
C GLU A 205 29.06 49.85 32.55
N ASN A 206 28.71 50.81 33.41
CA ASN A 206 27.66 50.58 34.40
C ASN A 206 26.31 50.34 33.72
N ASP A 207 26.05 51.05 32.61
CA ASP A 207 24.83 50.79 31.85
C ASP A 207 24.81 49.38 31.29
N GLU A 208 25.97 48.90 30.81
CA GLU A 208 26.05 47.52 30.34
C GLU A 208 25.77 46.54 31.47
N GLU A 209 26.32 46.80 32.66
CA GLU A 209 26.06 45.92 33.80
C GLU A 209 24.59 45.92 34.17
N ILE A 210 23.94 47.09 34.16
CA ILE A 210 22.52 47.18 34.50
C ILE A 210 21.69 46.42 33.49
N LEU A 211 21.98 46.59 32.19
CA LEU A 211 21.24 45.89 31.16
C LEU A 211 21.41 44.38 31.28
N LEU A 212 22.65 43.93 31.53
CA LEU A 212 22.89 42.50 31.70
C LEU A 212 22.14 41.95 32.91
N LYS A 213 22.13 42.71 34.01
CA LYS A 213 21.48 42.22 35.23
C LYS A 213 19.97 42.17 35.07
N TYR A 214 19.38 43.16 34.42
CA TYR A 214 17.92 43.20 34.29
C TYR A 214 17.40 42.48 33.07
N LEU A 215 18.27 41.98 32.19
CA LEU A 215 17.80 41.19 31.05
C LEU A 215 17.34 39.79 31.46
N ASN A 216 17.58 39.38 32.71
CA ASN A 216 17.23 38.03 33.13
C ASN A 216 15.73 37.80 33.07
N PHE A 217 14.94 38.80 33.47
CA PHE A 217 13.49 38.61 33.55
C PHE A 217 12.89 38.38 32.17
N ALA A 218 13.34 39.12 31.16
CA ALA A 218 12.79 38.97 29.82
C ALA A 218 13.13 37.62 29.20
N ASN A 219 14.25 37.02 29.60
CA ASN A 219 14.67 35.75 29.04
C ASN A 219 13.66 34.65 29.34
N LEU A 220 13.15 34.60 30.58
CA LEU A 220 12.18 33.58 30.93
C LEU A 220 10.88 33.73 30.15
N ILE A 221 10.42 34.97 29.96
CA ILE A 221 9.20 35.22 29.21
C ILE A 221 9.38 34.79 27.76
N MET A 222 10.51 35.17 27.16
CA MET A 222 10.78 34.74 25.80
C MET A 222 10.87 33.22 25.70
N LYS A 223 11.46 32.58 26.72
CA LYS A 223 11.59 31.13 26.72
C LYS A 223 10.22 30.46 26.74
N VAL A 224 9.32 30.92 27.62
CA VAL A 224 8.01 30.28 27.69
C VAL A 224 7.22 30.53 26.42
N PHE A 225 7.32 31.73 25.85
CA PHE A 225 6.64 32.02 24.59
C PHE A 225 7.12 31.09 23.47
N HIS A 226 8.44 30.98 23.31
CA HIS A 226 9.00 30.14 22.26
C HIS A 226 8.64 28.67 22.47
N LEU A 227 8.72 28.20 23.72
CA LEU A 227 8.41 26.80 24.00
C LEU A 227 6.95 26.50 23.69
N SER A 228 6.03 27.39 24.07
CA SER A 228 4.62 27.17 23.76
C SER A 228 4.39 27.12 22.26
N TYR A 229 5.01 28.05 21.51
CA TYR A 229 4.82 28.05 20.05
C TYR A 229 5.35 26.76 19.43
N LEU A 230 6.55 26.34 19.84
CA LEU A 230 7.13 25.12 19.27
C LEU A 230 6.30 23.89 19.61
N HIS A 231 5.82 23.80 20.85
CA HIS A 231 5.00 22.66 21.25
C HIS A 231 3.71 22.60 20.43
N ASN A 232 3.06 23.75 20.23
CA ASN A 232 1.85 23.77 19.44
C ASN A 232 2.12 23.32 18.01
N CYS A 233 3.21 23.82 17.42
CA CYS A 233 3.53 23.45 16.04
C CYS A 233 3.81 21.95 15.90
N GLU A 234 4.57 21.39 16.85
CA GLU A 234 4.87 19.95 16.78
C GLU A 234 3.61 19.11 16.96
N THR A 235 2.73 19.51 17.88
CA THR A 235 1.47 18.79 18.04
C THR A 235 0.65 18.82 16.75
N ARG A 236 0.59 19.99 16.10
CA ARG A 236 -0.16 20.09 14.86
C ARG A 236 0.45 19.19 13.77
N ARG A 237 1.78 19.15 13.68
CA ARG A 237 2.42 18.29 12.68
C ARG A 237 2.09 16.83 12.93
N GLY A 238 2.17 16.39 14.18
CA GLY A 238 1.85 15.00 14.49
C GLY A 238 0.42 14.65 14.14
N GLN A 239 -0.52 15.53 14.49
CA GLN A 239 -1.92 15.28 14.16
C GLN A 239 -2.13 15.21 12.65
N ILE A 240 -1.49 16.13 11.91
CA ILE A 240 -1.63 16.13 10.45
C ILE A 240 -1.14 14.81 9.87
N LEU A 241 0.05 14.37 10.30
CA LEU A 241 0.62 13.15 9.75
C LEU A 241 -0.26 11.94 10.07
N LEU A 242 -0.75 11.85 11.30
CA LEU A 242 -1.52 10.66 11.69
C LEU A 242 -2.88 10.64 11.00
N TRP A 243 -3.53 11.80 10.87
CA TRP A 243 -4.79 11.85 10.14
C TRP A 243 -4.60 11.49 8.67
N SER A 244 -3.53 11.99 8.05
CA SER A 244 -3.26 11.67 6.65
C SER A 244 -3.01 10.17 6.49
N GLY A 245 -2.26 9.58 7.41
CA GLY A 245 -2.03 8.14 7.35
C GLY A 245 -3.31 7.35 7.53
N SER A 246 -4.20 7.82 8.41
CA SER A 246 -5.48 7.16 8.60
C SER A 246 -6.32 7.19 7.33
N LYS A 247 -6.38 8.34 6.67
CA LYS A 247 -7.23 8.46 5.49
C LYS A 247 -6.62 7.82 4.24
N VAL A 248 -5.30 7.69 4.16
CA VAL A 248 -4.70 7.08 2.98
C VAL A 248 -5.00 5.59 2.92
N PHE A 249 -4.90 4.90 4.06
CA PHE A 249 -4.98 3.44 4.10
C PHE A 249 -6.41 2.93 4.21
N GLU A 250 -7.41 3.77 3.96
CA GLU A 250 -8.79 3.29 4.00
C GLU A 250 -9.05 2.25 2.93
N GLU A 251 -8.57 2.49 1.71
CA GLU A 251 -8.76 1.57 0.60
C GLU A 251 -7.74 1.93 -0.48
N LEU A 252 -7.87 1.29 -1.64
CA LEU A 252 -7.01 1.54 -2.79
C LEU A 252 -7.79 2.37 -3.81
N THR A 253 -7.25 3.52 -4.18
CA THR A 253 -7.96 4.44 -5.05
C THR A 253 -6.95 5.25 -5.84
N ASP A 254 -7.43 5.91 -6.90
CA ASP A 254 -6.58 6.72 -7.77
C ASP A 254 -6.01 7.93 -7.03
N ILE A 255 -5.14 8.68 -7.70
CA ILE A 255 -4.41 9.76 -7.02
C ILE A 255 -5.34 10.91 -6.66
N GLU A 256 -6.32 11.23 -7.51
CA GLU A 256 -7.17 12.38 -7.27
C GLU A 256 -7.99 12.20 -6.00
N ARG A 257 -8.71 11.08 -5.91
CA ARG A 257 -9.57 10.84 -4.75
C ARG A 257 -8.76 10.71 -3.47
N GLN A 258 -7.61 10.02 -3.54
CA GLN A 258 -6.75 9.89 -2.39
C GLN A 258 -6.26 11.24 -1.89
N PHE A 259 -5.80 12.09 -2.81
CA PHE A 259 -5.31 13.41 -2.41
C PHE A 259 -6.43 14.26 -1.83
N HIS A 260 -7.61 14.21 -2.44
CA HIS A 260 -8.73 15.00 -1.92
C HIS A 260 -9.11 14.54 -0.52
N LYS A 261 -9.17 13.23 -0.30
CA LYS A 261 -9.50 12.71 1.02
C LYS A 261 -8.45 13.10 2.05
N ALA A 262 -7.16 13.03 1.67
CA ALA A 262 -6.10 13.37 2.60
C ALA A 262 -6.12 14.85 2.94
N LEU A 263 -6.39 15.71 1.95
CA LEU A 263 -6.31 17.15 2.17
C LEU A 263 -7.58 17.75 2.77
N TYR A 264 -8.71 17.05 2.69
CA TYR A 264 -9.93 17.61 3.25
C TYR A 264 -9.96 17.50 4.77
N THR A 265 -9.43 16.40 5.33
CA THR A 265 -9.57 16.16 6.76
C THR A 265 -8.63 17.05 7.58
N VAL A 266 -7.50 17.46 7.01
CA VAL A 266 -6.50 18.20 7.76
C VAL A 266 -6.69 19.70 7.55
N ARG A 267 -7.88 20.08 7.06
CA ARG A 267 -8.16 21.50 6.84
C ARG A 267 -8.13 22.30 8.14
N ALA A 268 -8.47 21.66 9.26
CA ALA A 268 -8.51 22.37 10.53
C ALA A 268 -7.11 22.66 11.06
N PHE A 269 -6.17 21.75 10.84
CA PHE A 269 -4.82 21.92 11.37
C PHE A 269 -3.96 22.86 10.54
N LEU A 270 -4.42 23.27 9.36
CA LEU A 270 -3.73 24.24 8.53
C LEU A 270 -4.40 25.59 8.71
N ASN A 271 -3.68 26.52 9.35
CA ASN A 271 -4.23 27.85 9.64
C ASN A 271 -4.04 28.75 8.43
N CYS A 272 -4.81 28.46 7.38
CA CYS A 272 -4.75 29.21 6.14
C CYS A 272 -6.17 29.51 5.66
N ASP A 273 -6.34 30.69 5.07
CA ASP A 273 -7.65 31.07 4.54
C ASP A 273 -7.99 30.25 3.31
N ARG A 274 -7.06 30.12 2.37
CA ARG A 274 -7.28 29.40 1.13
C ARG A 274 -6.08 28.52 0.84
N TYR A 275 -6.33 27.42 0.11
CA TYR A 275 -5.25 26.63 -0.45
C TYR A 275 -5.80 25.79 -1.58
N SER A 276 -5.03 25.68 -2.66
CA SER A 276 -5.44 24.96 -3.85
C SER A 276 -4.33 24.04 -4.30
N VAL A 277 -4.71 22.94 -4.96
CA VAL A 277 -3.79 21.93 -5.45
C VAL A 277 -4.04 21.71 -6.93
N GLY A 278 -2.99 21.78 -7.73
CA GLY A 278 -3.05 21.51 -9.16
C GLY A 278 -2.33 20.21 -9.48
N LEU A 279 -2.85 19.47 -10.45
CA LEU A 279 -2.34 18.17 -10.81
C LEU A 279 -1.73 18.21 -12.21
N LEU A 280 -0.49 17.76 -12.32
CA LEU A 280 0.24 17.74 -13.59
C LEU A 280 -0.08 16.47 -14.36
N ASP A 281 0.11 16.54 -15.68
CA ASP A 281 -0.06 15.40 -16.56
C ASP A 281 1.26 14.65 -16.68
N MET A 282 1.22 13.34 -16.49
CA MET A 282 2.41 12.52 -16.43
C MET A 282 2.73 11.80 -17.73
N THR A 283 2.03 12.13 -18.81
CA THR A 283 2.30 11.50 -20.10
C THR A 283 3.70 11.88 -20.59
N LYS A 284 4.52 10.88 -20.84
CA LYS A 284 5.91 11.11 -21.24
C LYS A 284 6.09 11.15 -22.74
N GLN A 285 5.56 10.16 -23.45
CA GLN A 285 5.75 10.03 -24.89
C GLN A 285 4.42 9.81 -25.58
N LYS A 286 4.24 10.48 -26.72
CA LYS A 286 3.05 10.32 -27.54
C LYS A 286 3.23 9.11 -28.47
N GLU A 287 2.26 8.91 -29.36
CA GLU A 287 2.29 7.79 -30.29
C GLU A 287 2.61 8.30 -31.69
N PHE A 288 2.76 7.34 -32.62
CA PHE A 288 3.22 7.67 -33.96
C PHE A 288 2.24 8.58 -34.69
N PHE A 289 0.94 8.31 -34.56
CA PHE A 289 -0.05 9.14 -35.25
C PHE A 289 -0.21 10.50 -34.61
N ASP A 290 0.37 10.74 -33.44
CA ASP A 290 0.39 12.06 -32.84
C ASP A 290 1.66 12.84 -33.13
N VAL A 291 2.74 12.15 -33.52
CA VAL A 291 3.98 12.83 -33.92
C VAL A 291 4.11 12.96 -35.43
N TRP A 292 3.25 12.29 -36.20
CA TRP A 292 3.30 12.45 -37.66
C TRP A 292 3.04 13.88 -38.11
N PRO A 293 1.97 14.56 -37.67
CA PRO A 293 1.74 15.93 -38.20
C PRO A 293 2.84 16.91 -37.83
N VAL A 294 3.42 16.80 -36.64
CA VAL A 294 4.46 17.72 -36.22
C VAL A 294 5.70 17.56 -37.09
N LEU A 295 6.09 16.30 -37.36
CA LEU A 295 7.25 16.05 -38.20
C LEU A 295 6.99 16.44 -39.65
N MET A 296 5.77 16.20 -40.14
CA MET A 296 5.46 16.51 -41.53
C MET A 296 5.29 18.01 -41.75
N GLY A 297 5.04 18.77 -40.69
CA GLY A 297 4.88 20.20 -40.79
C GLY A 297 3.45 20.69 -40.83
N GLU A 298 2.52 20.01 -40.15
CA GLU A 298 1.12 20.43 -40.12
C GLU A 298 0.76 21.18 -38.85
N ALA A 299 1.64 21.19 -37.84
CA ALA A 299 1.39 21.89 -36.59
C ALA A 299 2.72 22.35 -36.03
N PRO A 300 2.79 23.57 -35.48
CA PRO A 300 4.06 24.04 -34.93
C PRO A 300 4.46 23.23 -33.71
N PRO A 301 5.75 23.03 -33.49
CA PRO A 301 6.20 22.30 -32.30
C PRO A 301 5.88 23.08 -31.03
N TYR A 302 5.72 22.33 -29.94
CA TYR A 302 5.41 22.94 -28.65
C TYR A 302 6.54 23.84 -28.19
N ALA A 303 6.20 25.04 -27.71
CA ALA A 303 7.18 25.98 -27.19
C ALA A 303 6.61 26.60 -25.93
N GLY A 304 7.26 26.35 -24.79
CA GLY A 304 6.81 26.86 -23.53
C GLY A 304 7.54 26.25 -22.35
N PRO A 305 6.97 26.38 -21.16
CA PRO A 305 7.62 25.85 -19.96
C PRO A 305 7.73 24.32 -20.01
N ARG A 306 8.77 23.81 -19.37
CA ARG A 306 9.01 22.37 -19.29
C ARG A 306 9.55 22.03 -17.90
N THR A 307 9.05 20.93 -17.34
CA THR A 307 9.54 20.44 -16.07
C THR A 307 10.97 19.91 -16.24
N PRO A 308 11.75 19.87 -15.15
CA PRO A 308 13.12 19.34 -15.27
C PRO A 308 13.15 17.89 -15.72
N ASP A 309 12.07 17.14 -15.51
CA ASP A 309 12.01 15.77 -16.02
C ASP A 309 12.02 15.74 -17.54
N GLY A 310 11.45 16.76 -18.18
CA GLY A 310 11.42 16.83 -19.63
C GLY A 310 10.02 16.63 -20.21
N ARG A 311 9.02 17.15 -19.54
CA ARG A 311 7.63 17.03 -19.97
C ARG A 311 7.02 18.42 -20.10
N GLU A 312 5.94 18.50 -20.86
CA GLU A 312 5.18 19.74 -20.97
C GLU A 312 4.39 19.99 -19.69
N ILE A 313 4.27 21.27 -19.32
CA ILE A 313 3.57 21.66 -18.10
C ILE A 313 2.10 21.86 -18.46
N ASN A 314 1.24 20.98 -17.93
CA ASN A 314 -0.19 21.03 -18.22
C ASN A 314 -0.95 20.60 -16.98
N PHE A 315 -1.74 21.51 -16.42
CA PHE A 315 -2.58 21.21 -15.26
C PHE A 315 -3.96 20.79 -15.77
N TYR A 316 -4.31 19.52 -15.57
CA TYR A 316 -5.58 18.99 -16.06
C TYR A 316 -6.68 18.98 -15.00
N LYS A 317 -6.37 19.32 -13.76
CA LYS A 317 -7.37 19.36 -12.70
C LYS A 317 -6.84 20.16 -11.53
N VAL A 318 -7.66 21.08 -11.02
CA VAL A 318 -7.29 21.94 -9.91
C VAL A 318 -8.44 21.93 -8.90
N ILE A 319 -8.11 21.74 -7.63
CA ILE A 319 -9.07 21.70 -6.54
C ILE A 319 -8.87 22.94 -5.67
N ASP A 320 -9.94 23.68 -5.42
CA ASP A 320 -9.91 24.88 -4.60
C ASP A 320 -10.57 24.62 -3.26
N TYR A 321 -9.92 25.05 -2.18
CA TYR A 321 -10.46 24.96 -0.83
C TYR A 321 -10.55 26.37 -0.27
N ILE A 322 -11.78 26.88 -0.16
CA ILE A 322 -12.04 28.21 0.39
C ILE A 322 -12.56 28.05 1.80
N LEU A 323 -11.91 28.68 2.77
CA LEU A 323 -12.26 28.53 4.17
C LEU A 323 -12.48 29.84 4.91
N HIS A 324 -12.10 30.98 4.34
CA HIS A 324 -12.21 32.24 5.08
C HIS A 324 -13.66 32.60 5.36
N GLY A 325 -14.54 32.43 4.38
CA GLY A 325 -15.94 32.72 4.58
C GLY A 325 -16.77 31.47 4.75
N LYS A 326 -17.65 31.19 3.79
CA LYS A 326 -18.44 29.97 3.79
C LYS A 326 -17.62 28.89 3.09
N GLU A 327 -17.49 27.73 3.75
CA GLU A 327 -16.63 26.67 3.25
C GLU A 327 -17.13 26.16 1.91
N ASP A 328 -16.35 26.42 0.85
CA ASP A 328 -16.66 25.96 -0.49
C ASP A 328 -15.50 25.16 -1.04
N ILE A 329 -15.80 24.04 -1.68
CA ILE A 329 -14.80 23.20 -2.34
C ILE A 329 -15.27 22.95 -3.76
N LYS A 330 -14.42 23.30 -4.73
CA LYS A 330 -14.75 23.16 -6.13
C LYS A 330 -13.60 22.49 -6.87
N VAL A 331 -13.93 21.83 -7.97
CA VAL A 331 -12.95 21.20 -8.84
C VAL A 331 -13.18 21.68 -10.27
N ILE A 332 -12.12 22.11 -10.94
CA ILE A 332 -12.23 22.69 -12.28
C ILE A 332 -11.41 21.86 -13.26
N PRO A 333 -12.01 20.92 -13.98
CA PRO A 333 -11.25 20.19 -15.00
C PRO A 333 -10.78 21.13 -16.10
N ASN A 334 -9.54 20.92 -16.54
CA ASN A 334 -8.90 21.78 -17.53
C ASN A 334 -9.03 23.26 -17.17
N PRO A 335 -8.38 23.70 -16.10
CA PRO A 335 -8.52 25.10 -15.66
C PRO A 335 -7.98 26.05 -16.71
N PRO A 336 -8.66 27.18 -16.92
CA PRO A 336 -8.16 28.19 -17.86
C PRO A 336 -6.95 28.90 -17.29
N PRO A 337 -6.13 29.52 -18.14
CA PRO A 337 -5.02 30.34 -17.63
C PRO A 337 -5.47 31.53 -16.80
N ASP A 338 -6.75 31.90 -16.86
CA ASP A 338 -7.30 33.02 -16.12
C ASP A 338 -7.68 32.64 -14.70
N HIS A 339 -7.45 31.39 -14.28
CA HIS A 339 -7.79 30.96 -12.93
C HIS A 339 -7.02 31.79 -11.91
N TRP A 340 -7.68 32.06 -10.77
CA TRP A 340 -7.12 32.97 -9.79
C TRP A 340 -5.81 32.45 -9.21
N ALA A 341 -5.71 31.13 -9.00
CA ALA A 341 -4.47 30.56 -8.47
C ALA A 341 -3.37 30.48 -9.52
N LEU A 342 -3.74 30.32 -10.79
CA LEU A 342 -2.73 30.13 -11.83
C LEU A 342 -2.29 31.43 -12.48
N VAL A 343 -3.11 32.48 -12.38
CA VAL A 343 -2.80 33.73 -13.07
C VAL A 343 -1.52 34.37 -12.53
N SER A 344 -1.15 34.06 -11.29
CA SER A 344 0.04 34.65 -10.70
C SER A 344 1.31 34.17 -11.38
N GLY A 345 1.31 32.94 -11.89
CA GLY A 345 2.49 32.36 -12.50
C GLY A 345 3.42 31.64 -11.55
N LEU A 346 3.16 31.72 -10.24
CA LEU A 346 3.99 31.00 -9.28
C LEU A 346 3.90 29.48 -9.44
N PRO A 347 2.72 28.87 -9.60
CA PRO A 347 2.70 27.41 -9.82
C PRO A 347 3.52 26.96 -11.01
N THR A 348 3.47 27.69 -12.12
CA THR A 348 4.27 27.33 -13.28
C THR A 348 5.75 27.44 -13.00
N TYR A 349 6.16 28.49 -12.26
CA TYR A 349 7.57 28.64 -11.90
C TYR A 349 8.03 27.49 -11.01
N VAL A 350 7.20 27.10 -10.04
CA VAL A 350 7.54 25.99 -9.16
C VAL A 350 7.66 24.70 -9.94
N ALA A 351 6.73 24.47 -10.89
CA ALA A 351 6.80 23.28 -11.72
C ALA A 351 8.07 23.27 -12.57
N GLN A 352 8.47 24.45 -13.09
CA GLN A 352 9.68 24.53 -13.88
C GLN A 352 10.92 24.24 -13.04
N ASN A 353 10.97 24.76 -11.82
CA ASN A 353 12.19 24.69 -11.02
C ASN A 353 12.14 23.65 -9.91
N GLY A 354 10.97 23.36 -9.35
CA GLY A 354 10.89 22.46 -8.23
C GLY A 354 11.51 23.03 -6.96
N LEU A 355 11.18 24.27 -6.64
CA LEU A 355 11.71 24.97 -5.48
C LEU A 355 10.57 25.40 -4.57
N ILE A 356 10.90 25.55 -3.28
CA ILE A 356 9.93 26.03 -2.29
C ILE A 356 10.00 27.55 -2.26
N CYS A 357 8.87 28.20 -2.53
CA CYS A 357 8.81 29.65 -2.66
C CYS A 357 7.97 30.22 -1.51
N ASN A 358 8.57 31.16 -0.76
CA ASN A 358 7.88 31.89 0.28
C ASN A 358 7.87 33.37 -0.10
N ILE A 359 6.70 33.98 -0.14
CA ILE A 359 6.53 35.34 -0.60
C ILE A 359 5.85 36.16 0.49
N MET A 360 6.45 37.29 0.83
CA MET A 360 5.86 38.26 1.75
C MET A 360 5.47 39.50 0.98
N ASN A 361 4.30 40.05 1.32
CA ASN A 361 3.74 41.23 0.64
C ASN A 361 3.63 40.97 -0.86
N ALA A 362 2.81 39.98 -1.20
CA ALA A 362 2.65 39.56 -2.60
C ALA A 362 2.24 40.68 -3.54
N PRO A 363 1.28 41.56 -3.22
CA PRO A 363 0.92 42.62 -4.17
C PRO A 363 2.09 43.50 -4.59
N SER A 364 3.01 43.79 -3.66
CA SER A 364 4.18 44.61 -3.97
C SER A 364 5.36 43.75 -4.40
N GLU A 365 5.13 42.89 -5.39
CA GLU A 365 6.16 42.03 -5.94
C GLU A 365 6.20 42.21 -7.45
N ASP A 366 7.40 42.38 -7.99
CA ASP A 366 7.57 42.66 -9.42
C ASP A 366 7.83 41.42 -10.25
N PHE A 367 8.42 40.37 -9.67
CA PHE A 367 8.72 39.17 -10.44
C PHE A 367 7.45 38.50 -10.96
N PHE A 368 6.44 38.39 -10.10
CA PHE A 368 5.18 37.75 -10.45
C PHE A 368 4.10 38.80 -10.61
N ALA A 369 2.90 38.34 -11.00
CA ALA A 369 1.75 39.22 -11.24
C ALA A 369 0.62 38.76 -10.33
N PHE A 370 0.57 39.31 -9.12
CA PHE A 370 -0.48 39.00 -8.17
C PHE A 370 -1.58 40.05 -8.25
N GLN A 371 -2.82 39.62 -8.04
CA GLN A 371 -3.95 40.53 -8.06
C GLN A 371 -3.82 41.55 -6.94
N LYS A 372 -4.03 42.83 -7.27
CA LYS A 372 -3.96 43.92 -6.31
C LYS A 372 -5.34 44.45 -5.94
N GLU A 373 -6.38 43.69 -6.24
CA GLU A 373 -7.76 44.07 -5.99
C GLU A 373 -8.47 42.95 -5.25
N PRO A 374 -9.53 43.27 -4.52
CA PRO A 374 -10.28 42.21 -3.81
C PRO A 374 -10.78 41.14 -4.78
N LEU A 375 -10.47 39.89 -4.47
CA LEU A 375 -10.86 38.78 -5.34
C LEU A 375 -12.34 38.46 -5.22
N ASP A 376 -12.96 38.78 -4.09
CA ASP A 376 -14.38 38.55 -3.89
C ASP A 376 -14.99 39.77 -3.21
N GLU A 377 -16.32 39.72 -3.02
CA GLU A 377 -17.03 40.85 -2.44
C GLU A 377 -16.63 41.10 -0.99
N SER A 378 -16.16 40.07 -0.28
CA SER A 378 -15.80 40.24 1.13
C SER A 378 -14.51 41.04 1.31
N GLY A 379 -13.77 41.32 0.25
CA GLY A 379 -12.55 42.08 0.34
C GLY A 379 -11.31 41.27 0.64
N TRP A 380 -11.37 39.95 0.56
CA TRP A 380 -10.19 39.13 0.79
C TRP A 380 -9.14 39.40 -0.27
N MET A 381 -7.94 39.78 0.17
CA MET A 381 -6.87 40.18 -0.73
C MET A 381 -5.61 39.40 -0.39
N ILE A 382 -4.91 38.92 -1.42
CA ILE A 382 -3.73 38.10 -1.21
C ILE A 382 -2.61 38.94 -0.62
N LYS A 383 -2.03 38.46 0.46
CA LYS A 383 -0.92 39.15 1.11
C LYS A 383 0.33 38.30 1.23
N ASN A 384 0.19 37.03 1.62
CA ASN A 384 1.32 36.13 1.76
C ASN A 384 0.95 34.78 1.16
N VAL A 385 1.87 34.20 0.39
CA VAL A 385 1.64 32.92 -0.27
C VAL A 385 2.84 32.02 -0.01
N LEU A 386 2.63 30.71 -0.18
CA LEU A 386 3.69 29.71 -0.06
C LEU A 386 3.33 28.53 -0.95
N SER A 387 4.21 28.20 -1.89
CA SER A 387 3.95 27.16 -2.88
C SER A 387 5.10 26.16 -2.89
N MET A 388 4.75 24.88 -2.84
CA MET A 388 5.75 23.81 -2.82
C MET A 388 5.28 22.68 -3.73
N PRO A 389 6.20 21.92 -4.31
CA PRO A 389 5.81 20.85 -5.23
C PRO A 389 5.63 19.50 -4.53
N ILE A 390 4.98 18.58 -5.24
CA ILE A 390 4.80 17.20 -4.81
C ILE A 390 5.64 16.32 -5.72
N VAL A 391 6.53 15.53 -5.13
CA VAL A 391 7.50 14.73 -5.87
C VAL A 391 7.37 13.28 -5.45
N ASN A 392 7.25 12.39 -6.44
CA ASN A 392 7.13 10.95 -6.18
C ASN A 392 8.51 10.36 -5.92
N LYS A 393 8.61 9.03 -5.91
CA LYS A 393 9.85 8.36 -5.58
C LYS A 393 10.86 8.35 -6.73
N LYS A 394 10.46 8.79 -7.93
CA LYS A 394 11.37 8.88 -9.05
C LYS A 394 11.76 10.33 -9.37
N GLU A 395 11.64 11.23 -8.41
CA GLU A 395 11.99 12.64 -8.56
C GLU A 395 11.25 13.27 -9.75
N GLU A 396 9.96 12.98 -9.85
CA GLU A 396 9.10 13.57 -10.87
C GLU A 396 8.00 14.36 -10.19
N ILE A 397 7.82 15.61 -10.59
CA ILE A 397 6.81 16.46 -9.98
C ILE A 397 5.43 16.00 -10.41
N VAL A 398 4.56 15.76 -9.43
CA VAL A 398 3.21 15.29 -9.69
C VAL A 398 2.20 16.42 -9.60
N GLY A 399 2.42 17.37 -8.69
CA GLY A 399 1.50 18.48 -8.54
C GLY A 399 2.15 19.59 -7.73
N VAL A 400 1.42 20.69 -7.60
CA VAL A 400 1.89 21.87 -6.88
C VAL A 400 0.79 22.31 -5.90
N ALA A 401 1.17 22.52 -4.64
CA ALA A 401 0.26 22.95 -3.60
C ALA A 401 0.64 24.37 -3.17
N THR A 402 -0.37 25.23 -3.05
CA THR A 402 -0.16 26.63 -2.67
C THR A 402 -1.06 26.99 -1.51
N PHE A 403 -0.56 27.83 -0.62
CA PHE A 403 -1.29 28.24 0.59
C PHE A 403 -1.28 29.77 0.69
N TYR A 404 -2.39 30.32 1.17
CA TYR A 404 -2.58 31.77 1.16
C TYR A 404 -3.06 32.26 2.52
N ASN A 405 -2.53 33.41 2.95
CA ASN A 405 -3.14 34.26 3.97
C ASN A 405 -3.37 33.50 5.28
N ARG A 406 -2.24 33.20 5.95
CA ARG A 406 -2.27 32.62 7.29
C ARG A 406 -3.30 33.33 8.16
N LYS A 407 -4.00 32.55 8.99
CA LYS A 407 -5.18 33.05 9.68
C LYS A 407 -4.85 34.20 10.63
N ASP A 408 -3.76 34.10 11.38
CA ASP A 408 -3.42 35.11 12.37
C ASP A 408 -2.81 36.37 11.75
N GLY A 409 -2.85 36.52 10.43
CA GLY A 409 -2.33 37.71 9.78
C GLY A 409 -0.85 37.91 9.94
N LYS A 410 -0.06 36.85 9.80
CA LYS A 410 1.38 36.91 9.93
C LYS A 410 2.03 36.20 8.75
N PRO A 411 3.18 36.68 8.30
CA PRO A 411 3.88 35.99 7.19
C PRO A 411 4.32 34.60 7.60
N PHE A 412 4.39 33.71 6.61
CA PHE A 412 4.81 32.34 6.86
C PHE A 412 6.24 32.30 7.38
N ASP A 413 6.49 31.37 8.30
CA ASP A 413 7.80 31.27 8.94
C ASP A 413 8.37 29.87 8.79
N GLU A 414 9.46 29.59 9.52
CA GLU A 414 10.14 28.31 9.38
C GLU A 414 9.25 27.15 9.78
N MET A 415 8.49 27.31 10.86
CA MET A 415 7.67 26.20 11.35
C MET A 415 6.58 25.82 10.35
N ASP A 416 5.93 26.81 9.73
CA ASP A 416 4.94 26.53 8.70
C ASP A 416 5.57 25.81 7.52
N GLU A 417 6.76 26.26 7.12
CA GLU A 417 7.46 25.60 6.01
C GLU A 417 7.75 24.14 6.34
N THR A 418 8.22 23.86 7.56
CA THR A 418 8.51 22.49 7.94
C THR A 418 7.25 21.64 8.00
N LEU A 419 6.16 22.18 8.55
CA LEU A 419 4.92 21.43 8.64
C LEU A 419 4.40 21.07 7.25
N MET A 420 4.32 22.06 6.37
CA MET A 420 3.82 21.80 5.02
C MET A 420 4.78 20.91 4.25
N GLU A 421 6.09 20.99 4.52
CA GLU A 421 7.04 20.11 3.86
C GLU A 421 6.86 18.67 4.29
N SER A 422 6.60 18.44 5.58
CA SER A 422 6.28 17.09 6.03
C SER A 422 5.00 16.59 5.39
N LEU A 423 3.99 17.44 5.29
CA LEU A 423 2.73 17.04 4.66
C LEU A 423 2.93 16.65 3.20
N THR A 424 3.66 17.48 2.45
CA THR A 424 3.88 17.19 1.04
C THR A 424 4.80 16.01 0.84
N GLN A 425 5.76 15.80 1.74
CA GLN A 425 6.60 14.61 1.67
C GLN A 425 5.78 13.35 1.88
N PHE A 426 4.85 13.38 2.85
CA PHE A 426 3.97 12.23 3.05
C PHE A 426 3.08 12.01 1.83
N LEU A 427 2.55 13.09 1.25
CA LEU A 427 1.68 12.95 0.08
C LEU A 427 2.44 12.38 -1.11
N GLY A 428 3.68 12.82 -1.31
CA GLY A 428 4.46 12.33 -2.44
C GLY A 428 4.80 10.85 -2.32
N TRP A 429 5.03 10.37 -1.11
CA TRP A 429 5.31 8.96 -0.91
C TRP A 429 4.09 8.10 -1.21
N SER A 430 2.90 8.59 -0.85
CA SER A 430 1.66 7.81 -0.96
C SER A 430 1.21 7.59 -2.39
N VAL A 431 1.96 8.05 -3.39
CA VAL A 431 1.58 7.83 -4.78
C VAL A 431 1.72 6.37 -5.19
N LEU A 432 2.37 5.55 -4.36
CA LEU A 432 2.51 4.13 -4.67
C LEU A 432 1.16 3.44 -4.78
N ASN A 433 0.20 3.84 -3.95
CA ASN A 433 -1.10 3.17 -3.95
C ASN A 433 -1.86 3.35 -5.27
N PRO A 434 -2.00 4.55 -5.84
CA PRO A 434 -2.68 4.63 -7.16
C PRO A 434 -2.00 3.83 -8.25
N ASP A 435 -0.66 3.78 -8.24
CA ASP A 435 0.06 3.00 -9.23
C ASP A 435 -0.28 1.51 -9.09
N THR A 436 -0.29 1.01 -7.86
CA THR A 436 -0.65 -0.39 -7.63
C THR A 436 -2.11 -0.63 -8.00
N TYR A 437 -2.98 0.36 -7.79
CA TYR A 437 -4.38 0.23 -8.19
C TYR A 437 -4.50 0.03 -9.70
N GLU A 438 -3.81 0.88 -10.47
CA GLU A 438 -3.86 0.76 -11.93
C GLU A 438 -3.24 -0.56 -12.39
N LEU A 439 -2.12 -0.96 -11.80
CA LEU A 439 -1.50 -2.23 -12.17
C LEU A 439 -2.41 -3.40 -11.86
N MET A 440 -3.09 -3.35 -10.70
CA MET A 440 -4.03 -4.40 -10.34
C MET A 440 -5.18 -4.50 -11.34
N ASN A 441 -5.73 -3.34 -11.73
CA ASN A 441 -6.82 -3.35 -12.70
C ASN A 441 -6.37 -3.94 -14.03
N LYS A 442 -5.20 -3.52 -14.50
CA LYS A 442 -4.70 -4.04 -15.78
C LYS A 442 -4.41 -5.53 -15.70
N LEU A 443 -3.83 -5.99 -14.59
CA LEU A 443 -3.54 -7.41 -14.44
C LEU A 443 -4.81 -8.24 -14.39
N GLU A 444 -5.83 -7.76 -13.67
CA GLU A 444 -7.09 -8.49 -13.60
C GLU A 444 -7.73 -8.57 -14.98
N ASN A 445 -7.73 -7.45 -15.71
CA ASN A 445 -8.32 -7.47 -17.06
C ASN A 445 -7.54 -8.40 -17.98
N ARG A 446 -6.22 -8.41 -17.88
CA ARG A 446 -5.42 -9.30 -18.71
C ARG A 446 -5.69 -10.77 -18.37
N LYS A 447 -5.84 -11.07 -17.09
CA LYS A 447 -6.18 -12.44 -16.70
C LYS A 447 -7.53 -12.86 -17.24
N ASP A 448 -8.51 -11.95 -17.20
CA ASP A 448 -9.85 -12.29 -17.68
C ASP A 448 -9.84 -12.56 -19.18
N ILE A 449 -9.04 -11.81 -19.94
CA ILE A 449 -9.00 -11.99 -21.39
C ILE A 449 -8.46 -13.36 -21.76
N PHE A 450 -7.36 -13.77 -21.12
CA PHE A 450 -6.70 -15.02 -21.51
C PHE A 450 -7.51 -16.24 -21.10
N GLN A 451 -8.31 -16.14 -20.04
CA GLN A 451 -9.12 -17.27 -19.61
C GLN A 451 -10.26 -17.56 -20.58
N ASP A 452 -10.70 -16.57 -21.35
CA ASP A 452 -11.76 -16.80 -22.33
C ASP A 452 -11.24 -17.64 -23.50
N MET A 453 -9.99 -17.40 -23.91
CA MET A 453 -9.41 -18.14 -25.03
C MET A 453 -9.28 -19.63 -24.71
N VAL A 454 -8.90 -19.96 -23.48
CA VAL A 454 -8.91 -21.36 -23.05
C VAL A 454 -10.31 -21.94 -23.15
N LYS A 455 -11.32 -21.18 -22.73
CA LYS A 455 -12.70 -21.65 -22.80
C LYS A 455 -13.10 -21.95 -24.23
N TYR A 456 -12.74 -21.08 -25.17
CA TYR A 456 -13.04 -21.35 -26.57
C TYR A 456 -12.30 -22.57 -27.08
N HIS A 457 -11.01 -22.68 -26.73
CA HIS A 457 -10.20 -23.78 -27.25
C HIS A 457 -10.57 -25.12 -26.62
N VAL A 458 -11.33 -25.12 -25.52
CA VAL A 458 -11.72 -26.35 -24.87
C VAL A 458 -13.21 -26.67 -25.06
N LYS A 459 -14.07 -25.67 -25.19
CA LYS A 459 -15.49 -25.91 -25.36
C LYS A 459 -15.78 -26.63 -26.67
N CYS A 460 -16.87 -27.39 -26.68
CA CYS A 460 -17.32 -28.11 -27.87
C CYS A 460 -18.24 -27.20 -28.67
N ASP A 461 -17.85 -26.90 -29.90
CA ASP A 461 -18.60 -25.97 -30.73
C ASP A 461 -19.80 -26.66 -31.38
N ASN A 462 -20.57 -25.88 -32.14
CA ASN A 462 -21.80 -26.40 -32.72
C ASN A 462 -21.53 -27.43 -33.82
N GLU A 463 -20.36 -27.37 -34.46
CA GLU A 463 -20.05 -28.33 -35.51
C GLU A 463 -19.70 -29.71 -34.94
N GLU A 464 -18.98 -29.74 -33.82
CA GLU A 464 -18.59 -31.02 -33.23
C GLU A 464 -19.75 -31.71 -32.54
N ILE A 465 -20.73 -30.93 -32.06
CA ILE A 465 -21.86 -31.53 -31.34
C ILE A 465 -22.76 -32.33 -32.27
N GLN A 466 -22.67 -32.08 -33.58
CA GLN A 466 -23.49 -32.80 -34.53
C GLN A 466 -23.01 -34.24 -34.76
N THR A 467 -21.81 -34.59 -34.30
CA THR A 467 -21.35 -35.96 -34.41
C THR A 467 -22.12 -36.90 -33.49
N ILE A 468 -22.77 -36.39 -32.45
CA ILE A 468 -23.55 -37.20 -31.53
C ILE A 468 -25.01 -36.80 -31.62
N LEU A 469 -25.31 -35.53 -31.35
CA LEU A 469 -26.66 -35.00 -31.46
C LEU A 469 -26.91 -34.62 -32.91
N LYS A 470 -27.34 -35.62 -33.69
CA LYS A 470 -27.57 -35.44 -35.13
C LYS A 470 -28.95 -34.83 -35.37
N THR A 471 -29.20 -33.70 -34.70
CA THR A 471 -30.48 -33.02 -34.88
C THR A 471 -30.59 -32.37 -36.24
N ARG A 472 -29.47 -31.94 -36.83
CA ARG A 472 -29.50 -31.30 -38.13
C ARG A 472 -29.89 -32.25 -39.25
N GLU A 473 -29.83 -33.56 -39.00
CA GLU A 473 -30.16 -34.56 -40.02
C GLU A 473 -31.55 -35.16 -39.83
N VAL A 474 -31.87 -35.62 -38.62
CA VAL A 474 -33.19 -36.19 -38.38
C VAL A 474 -34.27 -35.12 -38.50
N TYR A 475 -33.98 -33.90 -38.09
CA TYR A 475 -34.84 -32.75 -38.28
C TYR A 475 -34.07 -31.66 -39.02
N GLY A 476 -34.73 -30.53 -39.22
CA GLY A 476 -34.10 -29.37 -39.81
C GLY A 476 -33.69 -28.29 -38.84
N LYS A 477 -33.81 -28.54 -37.54
CA LYS A 477 -33.55 -27.53 -36.52
C LYS A 477 -32.24 -27.81 -35.79
N GLU A 478 -31.63 -26.74 -35.29
CA GLU A 478 -30.47 -26.84 -34.43
C GLU A 478 -30.91 -27.31 -33.04
N PRO A 479 -29.96 -27.82 -32.23
CA PRO A 479 -30.36 -28.37 -30.91
C PRO A 479 -31.09 -27.38 -30.02
N TRP A 480 -30.84 -26.08 -30.15
CA TRP A 480 -31.53 -25.11 -29.31
C TRP A 480 -33.04 -25.11 -29.58
N GLU A 481 -33.42 -25.22 -30.85
CA GLU A 481 -34.85 -25.18 -31.18
C GLU A 481 -35.56 -26.44 -30.72
N CYS A 482 -34.89 -27.59 -30.76
CA CYS A 482 -35.52 -28.85 -30.40
C CYS A 482 -35.85 -28.88 -28.91
N GLU A 483 -36.96 -29.55 -28.58
CA GLU A 483 -37.36 -29.72 -27.20
C GLU A 483 -36.66 -30.95 -26.59
N GLU A 484 -37.03 -31.29 -25.36
CA GLU A 484 -36.33 -32.34 -24.65
C GLU A 484 -36.67 -33.72 -25.20
N GLU A 485 -37.91 -33.92 -25.63
CA GLU A 485 -38.34 -35.25 -26.08
C GLU A 485 -37.57 -35.70 -27.31
N GLU A 486 -37.42 -34.81 -28.30
CA GLU A 486 -36.69 -35.16 -29.51
C GLU A 486 -35.23 -35.46 -29.21
N LEU A 487 -34.61 -34.66 -28.33
CA LEU A 487 -33.24 -34.94 -27.93
C LEU A 487 -33.14 -36.30 -27.24
N ALA A 488 -34.13 -36.64 -26.41
CA ALA A 488 -34.12 -37.95 -25.77
C ALA A 488 -34.23 -39.08 -26.79
N GLU A 489 -35.11 -38.92 -27.79
CA GLU A 489 -35.21 -39.95 -28.83
C GLU A 489 -33.90 -40.11 -29.58
N ILE A 490 -33.28 -38.99 -29.96
CA ILE A 490 -32.02 -39.05 -30.69
C ILE A 490 -30.94 -39.73 -29.84
N LEU A 491 -30.86 -39.37 -28.56
CA LEU A 491 -29.85 -39.94 -27.69
C LEU A 491 -30.06 -41.45 -27.51
N GLN A 492 -31.31 -41.86 -27.26
CA GLN A 492 -31.57 -43.29 -27.09
C GLN A 492 -31.31 -44.05 -28.39
N GLY A 493 -31.48 -43.41 -29.54
CA GLY A 493 -31.08 -44.03 -30.78
C GLY A 493 -29.58 -44.16 -30.93
N GLU A 494 -28.83 -43.16 -30.46
CA GLU A 494 -27.40 -43.09 -30.70
C GLU A 494 -26.57 -43.77 -29.62
N LEU A 495 -26.99 -43.69 -28.36
CA LEU A 495 -26.16 -44.17 -27.27
C LEU A 495 -25.97 -45.68 -27.35
N PRO A 496 -24.78 -46.18 -27.02
CA PRO A 496 -24.54 -47.63 -27.09
C PRO A 496 -25.30 -48.39 -26.01
N ASP A 497 -25.54 -49.67 -26.28
CA ASP A 497 -26.20 -50.53 -25.32
C ASP A 497 -25.31 -50.77 -24.10
N ALA A 498 -25.93 -50.90 -22.93
CA ALA A 498 -25.17 -50.97 -21.69
C ALA A 498 -24.56 -52.35 -21.48
N ASP A 499 -25.40 -53.39 -21.41
CA ASP A 499 -24.92 -54.72 -21.08
C ASP A 499 -24.07 -55.30 -22.21
N LYS A 500 -24.31 -54.87 -23.45
CA LYS A 500 -23.53 -55.39 -24.57
C LYS A 500 -22.06 -55.03 -24.45
N TYR A 501 -21.77 -53.80 -24.04
CA TYR A 501 -20.40 -53.35 -23.87
C TYR A 501 -19.82 -53.66 -22.48
N GLU A 502 -20.64 -54.14 -21.55
CA GLU A 502 -20.21 -54.47 -20.19
C GLU A 502 -19.61 -53.26 -19.50
N ILE A 503 -20.43 -52.20 -19.39
CA ILE A 503 -19.96 -50.95 -18.81
C ILE A 503 -20.00 -50.93 -17.29
N ASN A 504 -20.64 -51.91 -16.65
CA ASN A 504 -20.74 -51.97 -15.20
C ASN A 504 -20.02 -53.20 -14.65
N LYS A 505 -18.95 -53.63 -15.28
CA LYS A 505 -18.17 -54.78 -14.86
C LYS A 505 -16.75 -54.35 -14.49
N PHE A 506 -16.07 -55.22 -13.76
CA PHE A 506 -14.72 -54.94 -13.27
C PHE A 506 -13.63 -55.32 -14.26
N HIS A 507 -14.00 -55.81 -15.45
CA HIS A 507 -13.04 -56.20 -16.47
C HIS A 507 -13.19 -55.41 -17.76
N PHE A 508 -13.90 -54.28 -17.73
CA PHE A 508 -14.12 -53.50 -18.94
C PHE A 508 -12.80 -52.96 -19.47
N SER A 509 -12.60 -53.12 -20.78
CA SER A 509 -11.38 -52.67 -21.45
C SER A 509 -11.75 -51.68 -22.55
N ASP A 510 -11.04 -50.56 -22.59
CA ASP A 510 -11.29 -49.50 -23.56
C ASP A 510 -10.37 -49.57 -24.77
N LEU A 511 -9.53 -50.59 -24.88
CA LEU A 511 -8.58 -50.65 -25.99
C LEU A 511 -9.26 -50.70 -27.36
N PRO A 512 -10.22 -51.58 -27.63
CA PRO A 512 -10.84 -51.58 -28.97
C PRO A 512 -11.62 -50.32 -29.29
N LEU A 513 -12.22 -49.67 -28.28
CA LEU A 513 -13.13 -48.57 -28.53
C LEU A 513 -12.38 -47.28 -28.88
N THR A 514 -13.10 -46.37 -29.52
CA THR A 514 -12.58 -45.05 -29.87
C THR A 514 -13.05 -44.01 -28.86
N GLU A 515 -12.44 -42.83 -28.92
CA GLU A 515 -12.70 -41.79 -27.92
C GLU A 515 -14.13 -41.30 -27.99
N LEU A 516 -14.67 -41.14 -29.19
CA LEU A 516 -16.07 -40.72 -29.32
C LEU A 516 -17.00 -41.77 -28.72
N GLU A 517 -16.70 -43.05 -28.93
CA GLU A 517 -17.47 -44.10 -28.28
C GLU A 517 -17.34 -44.02 -26.77
N LEU A 518 -16.17 -43.61 -26.26
CA LEU A 518 -16.02 -43.42 -24.82
C LEU A 518 -16.90 -42.30 -24.31
N VAL A 519 -17.01 -41.21 -25.07
CA VAL A 519 -17.89 -40.11 -24.68
C VAL A 519 -19.34 -40.58 -24.66
N LYS A 520 -19.76 -41.31 -25.69
CA LYS A 520 -21.12 -41.84 -25.72
C LYS A 520 -21.37 -42.80 -24.56
N CYS A 521 -20.35 -43.60 -24.21
CA CYS A 521 -20.48 -44.50 -23.07
C CYS A 521 -20.59 -43.73 -21.76
N GLY A 522 -19.89 -42.60 -21.66
CA GLY A 522 -20.05 -41.75 -20.48
C GLY A 522 -21.46 -41.18 -20.36
N ILE A 523 -22.02 -40.74 -21.49
CA ILE A 523 -23.40 -40.26 -21.47
C ILE A 523 -24.35 -41.38 -21.09
N GLN A 524 -24.11 -42.59 -21.61
CA GLN A 524 -24.92 -43.74 -21.23
C GLN A 524 -24.78 -44.05 -19.75
N MET A 525 -23.58 -43.91 -19.20
CA MET A 525 -23.35 -44.11 -17.78
C MET A 525 -24.16 -43.13 -16.95
N TYR A 526 -24.17 -41.86 -17.38
CA TYR A 526 -24.99 -40.87 -16.68
C TYR A 526 -26.47 -41.21 -16.77
N TYR A 527 -26.92 -41.72 -17.92
CA TYR A 527 -28.32 -42.10 -18.06
C TYR A 527 -28.68 -43.29 -17.18
N GLU A 528 -27.76 -44.25 -17.03
CA GLU A 528 -28.05 -45.50 -16.34
C GLU A 528 -28.22 -45.32 -14.83
N LEU A 529 -27.85 -44.18 -14.28
CA LEU A 529 -27.98 -43.94 -12.85
C LEU A 529 -29.31 -43.31 -12.47
N LYS A 530 -30.21 -43.11 -13.43
CA LYS A 530 -31.51 -42.47 -13.20
C LYS A 530 -31.34 -41.10 -12.54
N VAL A 531 -30.35 -40.35 -12.99
CA VAL A 531 -30.02 -39.05 -12.41
C VAL A 531 -30.52 -37.94 -13.32
N VAL A 532 -30.52 -38.21 -14.63
CA VAL A 532 -30.89 -37.19 -15.61
C VAL A 532 -32.33 -36.75 -15.40
N ASP A 533 -33.24 -37.70 -15.20
CA ASP A 533 -34.65 -37.36 -15.05
C ASP A 533 -34.94 -36.70 -13.71
N LYS A 534 -34.25 -37.13 -12.66
CA LYS A 534 -34.54 -36.62 -11.31
C LYS A 534 -34.23 -35.12 -11.21
N PHE A 535 -33.08 -34.71 -11.74
CA PHE A 535 -32.59 -33.35 -11.55
C PHE A 535 -32.81 -32.46 -12.77
N HIS A 536 -33.53 -32.94 -13.78
CA HIS A 536 -33.85 -32.17 -14.98
C HIS A 536 -32.58 -31.63 -15.64
N ILE A 537 -31.59 -32.50 -15.79
CA ILE A 537 -30.34 -32.14 -16.46
C ILE A 537 -30.60 -31.94 -17.94
N PRO A 538 -30.29 -30.77 -18.51
CA PRO A 538 -30.46 -30.59 -19.95
C PRO A 538 -29.51 -31.49 -20.73
N GLN A 539 -30.07 -32.26 -21.67
CA GLN A 539 -29.29 -33.26 -22.37
C GLN A 539 -28.22 -32.63 -23.26
N GLU A 540 -28.55 -31.51 -23.90
CA GLU A 540 -27.56 -30.81 -24.72
C GLU A 540 -26.38 -30.36 -23.88
N ALA A 541 -26.64 -29.83 -22.69
CA ALA A 541 -25.56 -29.43 -21.81
C ALA A 541 -24.74 -30.63 -21.37
N LEU A 542 -25.39 -31.77 -21.13
CA LEU A 542 -24.66 -32.99 -20.74
C LEU A 542 -23.71 -33.42 -21.85
N VAL A 543 -24.21 -33.47 -23.10
CA VAL A 543 -23.37 -33.89 -24.21
C VAL A 543 -22.23 -32.91 -24.42
N ARG A 544 -22.52 -31.62 -24.37
CA ARG A 544 -21.46 -30.62 -24.56
C ARG A 544 -20.42 -30.70 -23.46
N PHE A 545 -20.86 -30.94 -22.22
CA PHE A 545 -19.91 -31.07 -21.10
C PHE A 545 -19.03 -32.29 -21.27
N MET A 546 -19.60 -33.42 -21.69
CA MET A 546 -18.80 -34.61 -21.90
C MET A 546 -17.78 -34.41 -23.02
N TYR A 547 -18.20 -33.77 -24.11
CA TYR A 547 -17.27 -33.51 -25.20
C TYR A 547 -16.17 -32.54 -24.77
N SER A 548 -16.53 -31.52 -23.97
CA SER A 548 -15.53 -30.59 -23.47
C SER A 548 -14.53 -31.28 -22.55
N LEU A 549 -15.02 -32.21 -21.73
CA LEU A 549 -14.11 -33.01 -20.90
C LEU A 549 -13.17 -33.82 -21.77
N SER A 550 -13.69 -34.44 -22.83
CA SER A 550 -12.84 -35.22 -23.73
C SER A 550 -11.79 -34.34 -24.38
N LYS A 551 -12.16 -33.12 -24.78
CA LYS A 551 -11.21 -32.24 -25.45
C LYS A 551 -10.20 -31.62 -24.49
N GLY A 552 -10.56 -31.47 -23.20
CA GLY A 552 -9.70 -30.79 -22.26
C GLY A 552 -8.46 -31.56 -21.86
N TYR A 553 -8.48 -32.88 -22.01
CA TYR A 553 -7.33 -33.70 -21.64
C TYR A 553 -6.23 -33.58 -22.68
N ARG A 554 -5.00 -33.41 -22.19
CA ARG A 554 -3.86 -33.29 -23.08
C ARG A 554 -3.52 -34.64 -23.70
N ARG A 555 -2.89 -34.60 -24.87
CA ARG A 555 -2.47 -35.81 -25.58
C ARG A 555 -1.12 -36.28 -25.06
N ILE A 556 -1.15 -36.76 -23.83
CA ILE A 556 0.04 -37.22 -23.12
C ILE A 556 0.08 -38.74 -23.24
N THR A 557 1.24 -39.32 -22.91
CA THR A 557 1.44 -40.76 -23.07
C THR A 557 0.42 -41.57 -22.27
N TYR A 558 0.22 -41.21 -21.00
CA TYR A 558 -0.65 -41.98 -20.12
C TYR A 558 -1.90 -41.21 -19.71
N HIS A 559 -1.75 -40.01 -19.16
CA HIS A 559 -2.88 -39.27 -18.59
C HIS A 559 -3.74 -38.66 -19.70
N ASN A 560 -4.29 -39.53 -20.53
CA ASN A 560 -5.16 -39.15 -21.62
C ASN A 560 -6.61 -39.03 -21.14
N TRP A 561 -7.53 -38.88 -22.10
CA TRP A 561 -8.94 -38.98 -21.78
C TRP A 561 -9.33 -40.42 -21.45
N ARG A 562 -8.58 -41.39 -21.97
CA ARG A 562 -8.86 -42.79 -21.69
C ARG A 562 -8.69 -43.11 -20.21
N HIS A 563 -7.65 -42.55 -19.58
CA HIS A 563 -7.46 -42.78 -18.15
C HIS A 563 -8.61 -42.21 -17.33
N GLY A 564 -9.06 -41.00 -17.67
CA GLY A 564 -10.19 -40.43 -16.97
C GLY A 564 -11.46 -41.24 -17.15
N PHE A 565 -11.70 -41.72 -18.37
CA PHE A 565 -12.86 -42.56 -18.60
C PHE A 565 -12.76 -43.88 -17.83
N ASN A 566 -11.55 -44.43 -17.73
CA ASN A 566 -11.37 -45.65 -16.96
C ASN A 566 -11.68 -45.41 -15.48
N VAL A 567 -11.23 -44.28 -14.94
CA VAL A 567 -11.53 -43.96 -13.54
C VAL A 567 -13.03 -43.79 -13.35
N GLY A 568 -13.69 -43.09 -14.27
CA GLY A 568 -15.14 -42.92 -14.17
C GLY A 568 -15.89 -44.23 -14.26
N GLN A 569 -15.47 -45.12 -15.17
CA GLN A 569 -16.11 -46.41 -15.29
C GLN A 569 -15.91 -47.25 -14.04
N THR A 570 -14.72 -47.19 -13.44
CA THR A 570 -14.49 -47.91 -12.20
C THR A 570 -15.38 -47.38 -11.08
N MET A 571 -15.55 -46.06 -11.00
CA MET A 571 -16.44 -45.50 -9.99
C MET A 571 -17.88 -45.94 -10.22
N PHE A 572 -18.33 -45.95 -11.47
CA PHE A 572 -19.69 -46.42 -11.76
C PHE A 572 -19.86 -47.89 -11.39
N SER A 573 -18.86 -48.71 -11.70
CA SER A 573 -18.93 -50.13 -11.35
C SER A 573 -18.95 -50.32 -9.84
N LEU A 574 -18.17 -49.53 -9.11
CA LEU A 574 -18.19 -49.60 -7.65
C LEU A 574 -19.56 -49.21 -7.10
N LEU A 575 -20.17 -48.17 -7.68
CA LEU A 575 -21.49 -47.74 -7.22
C LEU A 575 -22.56 -48.78 -7.51
N VAL A 576 -22.52 -49.40 -8.69
CA VAL A 576 -23.60 -50.29 -9.11
C VAL A 576 -23.25 -51.74 -8.80
N THR A 577 -22.19 -52.26 -9.40
CA THR A 577 -21.85 -53.66 -9.22
C THR A 577 -21.35 -53.94 -7.80
N GLY A 578 -20.54 -53.05 -7.24
CA GLY A 578 -20.02 -53.24 -5.90
C GLY A 578 -21.01 -53.00 -4.78
N LYS A 579 -22.20 -52.48 -5.11
CA LYS A 579 -23.26 -52.24 -4.13
C LYS A 579 -22.78 -51.33 -2.99
N LEU A 580 -22.00 -50.32 -3.35
CA LEU A 580 -21.60 -49.29 -2.41
C LEU A 580 -22.50 -48.06 -2.46
N LYS A 581 -23.56 -48.10 -3.28
CA LYS A 581 -24.50 -47.00 -3.40
C LYS A 581 -25.53 -46.99 -2.28
N ARG A 582 -25.66 -48.08 -1.54
CA ARG A 582 -26.70 -48.18 -0.51
C ARG A 582 -26.58 -47.05 0.51
N TYR A 583 -25.38 -46.54 0.74
CA TYR A 583 -25.20 -45.45 1.70
C TYR A 583 -25.51 -44.09 1.06
N PHE A 584 -24.89 -43.82 -0.09
CA PHE A 584 -24.99 -42.52 -0.70
C PHE A 584 -26.34 -42.32 -1.39
N THR A 585 -26.69 -41.05 -1.61
CA THR A 585 -27.92 -40.69 -2.30
C THR A 585 -27.65 -40.48 -3.78
N ASP A 586 -28.70 -40.12 -4.53
CA ASP A 586 -28.56 -39.89 -5.95
C ASP A 586 -27.65 -38.70 -6.24
N LEU A 587 -27.83 -37.60 -5.50
CA LEU A 587 -26.99 -36.42 -5.69
C LEU A 587 -25.53 -36.74 -5.37
N GLU A 588 -25.28 -37.46 -4.28
CA GLU A 588 -23.92 -37.81 -3.93
C GLU A 588 -23.29 -38.71 -4.98
N ALA A 589 -24.05 -39.65 -5.53
CA ALA A 589 -23.52 -40.49 -6.62
C ALA A 589 -23.20 -39.68 -7.86
N LEU A 590 -24.08 -38.71 -8.20
CA LEU A 590 -23.82 -37.84 -9.34
C LEU A 590 -22.53 -37.06 -9.15
N ALA A 591 -22.33 -36.50 -7.94
CA ALA A 591 -21.08 -35.83 -7.63
C ALA A 591 -19.90 -36.80 -7.70
N MET A 592 -20.08 -38.03 -7.21
CA MET A 592 -19.04 -39.06 -7.30
C MET A 592 -18.55 -39.20 -8.73
N VAL A 593 -19.48 -39.46 -9.66
CA VAL A 593 -19.11 -39.74 -11.04
C VAL A 593 -18.52 -38.49 -11.69
N THR A 594 -19.13 -37.32 -11.46
CA THR A 594 -18.64 -36.10 -12.10
C THR A 594 -17.24 -35.74 -11.63
N ALA A 595 -16.97 -35.88 -10.32
CA ALA A 595 -15.62 -35.62 -9.82
C ALA A 595 -14.64 -36.68 -10.31
N ALA A 596 -15.11 -37.92 -10.50
CA ALA A 596 -14.23 -38.96 -11.03
C ALA A 596 -13.81 -38.65 -12.46
N PHE A 597 -14.73 -38.10 -13.25
CA PHE A 597 -14.43 -37.84 -14.66
C PHE A 597 -13.46 -36.68 -14.86
N CYS A 598 -13.26 -35.83 -13.86
CA CYS A 598 -12.44 -34.63 -14.01
C CYS A 598 -11.29 -34.58 -13.02
N HIS A 599 -10.75 -35.73 -12.63
CA HIS A 599 -9.76 -35.75 -11.55
C HIS A 599 -8.38 -35.30 -12.01
N ASP A 600 -8.03 -35.48 -13.29
CA ASP A 600 -6.76 -35.00 -13.83
C ASP A 600 -6.98 -34.32 -15.18
N ILE A 601 -7.91 -33.36 -15.19
CA ILE A 601 -8.39 -32.77 -16.44
C ILE A 601 -7.24 -32.17 -17.26
N ASP A 602 -6.31 -31.49 -16.60
CA ASP A 602 -5.25 -30.76 -17.29
C ASP A 602 -3.87 -31.22 -16.85
N HIS A 603 -3.66 -32.53 -16.80
CA HIS A 603 -2.35 -33.06 -16.42
C HIS A 603 -1.31 -32.73 -17.48
N ARG A 604 -0.13 -32.30 -17.05
CA ARG A 604 0.96 -31.96 -17.95
C ARG A 604 1.96 -33.10 -18.13
N GLY A 605 1.83 -34.18 -17.38
CA GLY A 605 2.75 -35.29 -17.47
C GLY A 605 3.83 -35.33 -16.42
N THR A 606 3.78 -34.47 -15.41
CA THR A 606 4.78 -34.44 -14.35
C THR A 606 4.06 -34.41 -13.00
N ASN A 607 4.69 -35.01 -12.00
CA ASN A 607 4.08 -35.12 -10.69
C ASN A 607 4.32 -33.84 -9.88
N ASN A 608 3.90 -33.88 -8.60
CA ASN A 608 3.99 -32.69 -7.76
C ASN A 608 5.43 -32.33 -7.41
N LEU A 609 6.30 -33.33 -7.28
CA LEU A 609 7.70 -33.06 -6.94
C LEU A 609 8.38 -32.21 -8.02
N TYR A 610 8.12 -32.52 -9.29
CA TYR A 610 8.69 -31.73 -10.37
C TYR A 610 8.14 -30.31 -10.36
N GLN A 611 6.85 -30.15 -10.07
CA GLN A 611 6.27 -28.82 -9.98
C GLN A 611 6.91 -28.00 -8.86
N MET A 612 7.16 -28.64 -7.71
CA MET A 612 7.77 -27.92 -6.59
C MET A 612 9.23 -27.59 -6.87
N LYS A 613 9.97 -28.52 -7.47
CA LYS A 613 11.41 -28.33 -7.65
C LYS A 613 11.72 -27.33 -8.76
N SER A 614 10.87 -27.22 -9.77
CA SER A 614 11.11 -26.32 -10.88
C SER A 614 10.50 -24.94 -10.67
N GLN A 615 9.88 -24.71 -9.52
CA GLN A 615 9.28 -23.41 -9.18
C GLN A 615 8.25 -22.98 -10.24
N ASN A 616 7.36 -23.92 -10.58
CA ASN A 616 6.29 -23.63 -11.51
C ASN A 616 5.31 -22.64 -10.88
N PRO A 617 4.58 -21.88 -11.70
CA PRO A 617 3.55 -20.98 -11.15
C PRO A 617 2.50 -21.72 -10.34
N LEU A 618 2.19 -22.96 -10.71
CA LEU A 618 1.24 -23.76 -9.93
C LEU A 618 1.76 -23.98 -8.51
N ALA A 619 3.06 -24.28 -8.37
CA ALA A 619 3.63 -24.48 -7.04
C ALA A 619 3.56 -23.20 -6.21
N LYS A 620 3.81 -22.05 -6.84
CA LYS A 620 3.72 -20.78 -6.13
C LYS A 620 2.28 -20.49 -5.71
N LEU A 621 1.31 -20.80 -6.56
CA LEU A 621 -0.07 -20.46 -6.27
C LEU A 621 -0.68 -21.38 -5.22
N HIS A 622 -0.67 -22.69 -5.49
CA HIS A 622 -1.36 -23.63 -4.61
C HIS A 622 -0.49 -24.03 -3.42
N GLY A 623 0.66 -24.64 -3.69
CA GLY A 623 1.61 -24.95 -2.63
C GLY A 623 1.50 -26.33 -2.02
N SER A 624 0.37 -26.66 -1.42
CA SER A 624 0.26 -27.91 -0.68
C SER A 624 0.00 -29.09 -1.62
N SER A 625 -1.13 -29.08 -2.31
CA SER A 625 -1.48 -30.09 -3.30
C SER A 625 -1.62 -29.35 -4.63
N ILE A 626 -0.58 -29.38 -5.44
CA ILE A 626 -0.52 -28.51 -6.63
C ILE A 626 -1.49 -29.03 -7.70
N LEU A 627 -1.25 -30.23 -8.20
CA LEU A 627 -1.98 -30.69 -9.37
C LEU A 627 -3.44 -31.00 -9.04
N GLU A 628 -3.71 -31.54 -7.86
CA GLU A 628 -5.09 -31.86 -7.50
C GLU A 628 -5.94 -30.61 -7.41
N ARG A 629 -5.42 -29.57 -6.75
CA ARG A 629 -6.16 -28.31 -6.66
C ARG A 629 -6.28 -27.65 -8.03
N HIS A 630 -5.26 -27.77 -8.87
CA HIS A 630 -5.34 -27.22 -10.22
C HIS A 630 -6.46 -27.90 -11.01
N HIS A 631 -6.53 -29.23 -10.94
CA HIS A 631 -7.58 -29.97 -11.63
C HIS A 631 -8.95 -29.59 -11.09
N LEU A 632 -9.08 -29.48 -9.77
CA LEU A 632 -10.36 -29.09 -9.18
C LEU A 632 -10.79 -27.71 -9.65
N GLU A 633 -9.86 -26.75 -9.66
CA GLU A 633 -10.20 -25.40 -10.09
C GLU A 633 -10.62 -25.37 -11.55
N PHE A 634 -9.85 -26.03 -12.42
CA PHE A 634 -10.19 -26.02 -13.85
C PHE A 634 -11.52 -26.73 -14.10
N GLY A 635 -11.75 -27.86 -13.42
CA GLY A 635 -13.01 -28.55 -13.59
C GLY A 635 -14.21 -27.74 -13.13
N LYS A 636 -14.06 -27.03 -12.01
CA LYS A 636 -15.15 -26.16 -11.56
C LYS A 636 -15.34 -24.96 -12.48
N THR A 637 -14.27 -24.54 -13.16
CA THR A 637 -14.41 -23.44 -14.12
C THR A 637 -15.32 -23.83 -15.27
N LEU A 638 -15.17 -25.04 -15.80
CA LEU A 638 -16.01 -25.48 -16.91
C LEU A 638 -17.47 -25.57 -16.51
N LEU A 639 -17.75 -26.11 -15.32
CA LEU A 639 -19.12 -26.26 -14.87
C LEU A 639 -19.81 -24.92 -14.67
N ARG A 640 -19.04 -23.87 -14.38
CA ARG A 640 -19.63 -22.55 -14.19
C ARG A 640 -20.15 -21.95 -15.48
N ASP A 641 -19.67 -22.44 -16.63
CA ASP A 641 -20.15 -21.93 -17.91
C ASP A 641 -21.62 -22.30 -18.11
N GLU A 642 -22.38 -21.35 -18.65
CA GLU A 642 -23.82 -21.57 -18.83
C GLU A 642 -24.10 -22.72 -19.81
N SER A 643 -23.31 -22.81 -20.88
CA SER A 643 -23.56 -23.83 -21.89
C SER A 643 -23.07 -25.21 -21.46
N LEU A 644 -22.26 -25.29 -20.39
CA LEU A 644 -21.75 -26.55 -19.90
C LEU A 644 -22.19 -26.84 -18.47
N ASN A 645 -23.26 -26.19 -18.01
CA ASN A 645 -23.73 -26.34 -16.63
C ASN A 645 -24.78 -27.42 -16.56
N ILE A 646 -24.45 -28.54 -15.92
CA ILE A 646 -25.43 -29.60 -15.65
C ILE A 646 -26.06 -29.46 -14.26
N PHE A 647 -25.55 -28.55 -13.43
CA PHE A 647 -26.09 -28.32 -12.10
C PHE A 647 -27.03 -27.12 -12.06
N GLN A 648 -27.45 -26.61 -13.22
CA GLN A 648 -28.23 -25.37 -13.25
C GLN A 648 -29.60 -25.55 -12.57
N ASN A 649 -30.23 -26.70 -12.77
CA ASN A 649 -31.55 -26.96 -12.18
C ASN A 649 -31.40 -27.61 -10.80
N LEU A 650 -30.69 -26.90 -9.92
CA LEU A 650 -30.46 -27.35 -8.56
C LEU A 650 -30.58 -26.16 -7.63
N ASN A 651 -31.26 -26.34 -6.50
CA ASN A 651 -31.38 -25.27 -5.53
C ASN A 651 -30.03 -25.02 -4.85
N ARG A 652 -30.00 -23.98 -4.01
CA ARG A 652 -28.74 -23.53 -3.42
C ARG A 652 -28.13 -24.61 -2.55
N ARG A 653 -28.94 -25.25 -1.70
CA ARG A 653 -28.42 -26.28 -0.81
C ARG A 653 -27.90 -27.47 -1.58
N GLN A 654 -28.65 -27.93 -2.59
CA GLN A 654 -28.22 -29.07 -3.39
C GLN A 654 -26.94 -28.75 -4.14
N HIS A 655 -26.85 -27.55 -4.73
CA HIS A 655 -25.66 -27.16 -5.45
C HIS A 655 -24.45 -27.08 -4.52
N GLU A 656 -24.63 -26.50 -3.34
CA GLU A 656 -23.53 -26.41 -2.38
C GLU A 656 -23.07 -27.81 -1.95
N HIS A 657 -24.02 -28.71 -1.69
CA HIS A 657 -23.64 -30.07 -1.31
C HIS A 657 -22.88 -30.76 -2.43
N ALA A 658 -23.34 -30.60 -3.67
CA ALA A 658 -22.65 -31.23 -4.80
C ALA A 658 -21.23 -30.68 -4.94
N ILE A 659 -21.08 -29.36 -4.83
CA ILE A 659 -19.75 -28.76 -4.97
C ILE A 659 -18.83 -29.25 -3.84
N HIS A 660 -19.34 -29.30 -2.62
CA HIS A 660 -18.54 -29.79 -1.50
C HIS A 660 -18.11 -31.24 -1.71
N MET A 661 -19.03 -32.07 -2.19
CA MET A 661 -18.67 -33.46 -2.48
C MET A 661 -17.59 -33.53 -3.55
N MET A 662 -17.68 -32.66 -4.56
CA MET A 662 -16.66 -32.62 -5.61
C MET A 662 -15.29 -32.25 -5.05
N ASP A 663 -15.23 -31.21 -4.19
CA ASP A 663 -13.94 -30.83 -3.62
C ASP A 663 -13.38 -31.96 -2.74
N ILE A 664 -14.26 -32.65 -2.01
CA ILE A 664 -13.80 -33.77 -1.19
C ILE A 664 -13.22 -34.87 -2.08
N ALA A 665 -13.90 -35.18 -3.19
CA ALA A 665 -13.47 -36.28 -4.03
C ALA A 665 -12.17 -35.99 -4.77
N ILE A 666 -12.08 -34.82 -5.41
CA ILE A 666 -10.97 -34.56 -6.33
C ILE A 666 -9.65 -34.51 -5.58
N ILE A 667 -9.63 -33.81 -4.45
CA ILE A 667 -8.40 -33.69 -3.67
C ILE A 667 -7.99 -35.04 -3.07
N ALA A 668 -8.97 -35.90 -2.77
CA ALA A 668 -8.67 -37.18 -2.12
C ALA A 668 -7.81 -38.09 -2.98
N THR A 669 -7.71 -37.83 -4.29
CA THR A 669 -6.87 -38.66 -5.15
C THR A 669 -5.40 -38.55 -4.83
N ASP A 670 -4.99 -37.57 -4.03
CA ASP A 670 -3.58 -37.44 -3.66
C ASP A 670 -3.13 -38.68 -2.89
N LEU A 671 -1.94 -39.16 -3.23
CA LEU A 671 -1.44 -40.39 -2.62
C LEU A 671 -0.94 -40.17 -1.19
N ALA A 672 -0.34 -39.01 -0.90
CA ALA A 672 0.09 -38.72 0.45
C ALA A 672 -1.11 -38.61 1.40
N LEU A 673 -2.16 -37.93 0.97
CA LEU A 673 -3.36 -37.79 1.79
C LEU A 673 -3.99 -39.15 2.07
N TYR A 674 -4.02 -40.03 1.07
CA TYR A 674 -4.50 -41.39 1.28
C TYR A 674 -3.58 -42.14 2.25
N PHE A 675 -2.27 -41.93 2.13
CA PHE A 675 -1.33 -42.61 3.01
C PHE A 675 -1.50 -42.16 4.45
N LYS A 676 -1.98 -40.94 4.68
CA LYS A 676 -2.12 -40.42 6.03
C LYS A 676 -3.44 -40.75 6.70
N LYS A 677 -4.38 -41.40 5.99
CA LYS A 677 -5.70 -41.66 6.56
C LYS A 677 -6.15 -43.11 6.34
N ARG A 678 -5.21 -44.05 6.27
CA ARG A 678 -5.59 -45.44 6.04
C ARG A 678 -6.17 -46.08 7.31
N THR A 679 -5.58 -45.78 8.47
CA THR A 679 -5.99 -46.42 9.71
C THR A 679 -7.43 -46.09 10.07
N MET A 680 -7.89 -44.90 9.71
CA MET A 680 -9.28 -44.53 10.01
C MET A 680 -10.26 -45.36 9.20
N PHE A 681 -9.95 -45.60 7.91
CA PHE A 681 -10.77 -46.48 7.11
C PHE A 681 -10.72 -47.91 7.64
N GLN A 682 -9.55 -48.35 8.08
CA GLN A 682 -9.45 -49.67 8.70
C GLN A 682 -10.32 -49.78 9.94
N LYS A 683 -10.34 -48.72 10.76
CA LYS A 683 -11.17 -48.72 11.94
C LYS A 683 -12.65 -48.76 11.58
N ILE A 684 -13.05 -48.03 10.53
CA ILE A 684 -14.44 -48.08 10.08
C ILE A 684 -14.80 -49.50 9.64
N VAL A 685 -13.92 -50.14 8.87
CA VAL A 685 -14.18 -51.50 8.41
C VAL A 685 -14.31 -52.45 9.60
N ASP A 686 -13.42 -52.32 10.57
CA ASP A 686 -13.48 -53.19 11.76
C ASP A 686 -14.76 -52.95 12.54
N GLN A 687 -15.18 -51.70 12.68
CA GLN A 687 -16.44 -51.38 13.35
C GLN A 687 -17.63 -51.98 12.61
N SER A 688 -17.54 -52.07 11.29
CA SER A 688 -18.65 -52.59 10.50
C SER A 688 -18.98 -54.04 10.84
N LYS A 689 -18.07 -54.77 11.48
CA LYS A 689 -18.27 -56.18 11.77
C LYS A 689 -18.92 -56.44 13.12
N THR A 690 -19.29 -55.39 13.86
CA THR A 690 -19.93 -55.55 15.16
C THR A 690 -21.44 -55.48 15.10
N TYR A 691 -22.02 -55.39 13.92
CA TYR A 691 -23.46 -55.33 13.76
C TYR A 691 -24.00 -56.68 13.29
N GLU A 692 -25.24 -56.98 13.67
CA GLU A 692 -25.81 -58.29 13.39
C GLU A 692 -26.12 -58.44 11.90
N THR A 693 -26.96 -57.57 11.35
CA THR A 693 -27.38 -57.64 9.97
C THR A 693 -26.87 -56.45 9.19
N GLN A 694 -26.74 -56.62 7.87
CA GLN A 694 -26.29 -55.54 7.01
C GLN A 694 -27.25 -54.36 7.03
N GLN A 695 -28.54 -54.62 7.26
CA GLN A 695 -29.52 -53.54 7.27
C GLN A 695 -29.24 -52.52 8.36
N GLU A 696 -28.89 -53.00 9.56
CA GLU A 696 -28.56 -52.10 10.65
C GLU A 696 -27.34 -51.26 10.32
N TRP A 697 -26.31 -51.88 9.73
CA TRP A 697 -25.10 -51.14 9.36
C TRP A 697 -25.41 -50.07 8.31
N THR A 698 -26.24 -50.41 7.32
CA THR A 698 -26.62 -49.42 6.32
C THR A 698 -27.41 -48.28 6.96
N GLN A 699 -28.31 -48.60 7.89
CA GLN A 699 -29.09 -47.56 8.56
C GLN A 699 -28.19 -46.63 9.36
N TYR A 700 -27.17 -47.18 10.03
CA TYR A 700 -26.27 -46.34 10.82
C TYR A 700 -25.40 -45.47 9.92
N MET A 701 -24.89 -46.04 8.82
CA MET A 701 -23.97 -45.30 7.96
C MET A 701 -24.67 -44.18 7.19
N MET A 702 -25.98 -44.33 6.94
CA MET A 702 -26.70 -43.32 6.18
C MET A 702 -26.83 -42.01 6.94
N LEU A 703 -26.51 -41.99 8.24
CA LEU A 703 -26.62 -40.79 9.05
C LEU A 703 -25.28 -40.32 9.60
N ASP A 704 -24.17 -40.86 9.10
CA ASP A 704 -22.83 -40.48 9.55
C ASP A 704 -22.09 -39.86 8.37
N GLN A 705 -21.92 -38.54 8.39
CA GLN A 705 -21.35 -37.85 7.25
C GLN A 705 -19.85 -38.07 7.12
N THR A 706 -19.12 -38.05 8.25
CA THR A 706 -17.66 -38.14 8.20
C THR A 706 -17.22 -39.49 7.66
N ARG A 707 -17.86 -40.58 8.09
CA ARG A 707 -17.49 -41.90 7.61
C ARG A 707 -17.85 -42.05 6.13
N LYS A 708 -18.94 -41.42 5.70
CA LYS A 708 -19.26 -41.40 4.28
C LYS A 708 -18.18 -40.67 3.47
N GLU A 709 -17.67 -39.56 4.02
CA GLU A 709 -16.59 -38.84 3.35
C GLU A 709 -15.32 -39.68 3.28
N ILE A 710 -15.03 -40.43 4.35
CA ILE A 710 -13.86 -41.31 4.34
C ILE A 710 -14.01 -42.39 3.29
N VAL A 711 -15.22 -42.97 3.18
CA VAL A 711 -15.47 -43.96 2.13
C VAL A 711 -15.36 -43.32 0.75
N MET A 712 -15.81 -42.07 0.62
CA MET A 712 -15.61 -41.30 -0.61
C MET A 712 -14.14 -41.28 -1.00
N ALA A 713 -13.28 -40.88 -0.05
CA ALA A 713 -11.86 -40.77 -0.34
C ALA A 713 -11.26 -42.12 -0.71
N MET A 714 -11.64 -43.17 0.02
CA MET A 714 -11.06 -44.48 -0.23
C MET A 714 -11.51 -45.05 -1.57
N MET A 715 -12.77 -44.84 -1.96
CA MET A 715 -13.21 -45.31 -3.27
C MET A 715 -12.55 -44.52 -4.39
N MET A 716 -12.33 -43.21 -4.18
CA MET A 716 -11.60 -42.44 -5.18
C MET A 716 -10.18 -42.98 -5.34
N THR A 717 -9.51 -43.29 -4.23
CA THR A 717 -8.16 -43.83 -4.30
C THR A 717 -8.16 -45.19 -5.00
N ALA A 718 -9.14 -46.04 -4.69
CA ALA A 718 -9.20 -47.36 -5.33
C ALA A 718 -9.46 -47.24 -6.83
N CYS A 719 -10.31 -46.30 -7.23
CA CYS A 719 -10.58 -46.11 -8.66
C CYS A 719 -9.38 -45.55 -9.39
N ASP A 720 -8.59 -44.69 -8.73
CA ASP A 720 -7.43 -44.11 -9.39
C ASP A 720 -6.42 -45.17 -9.80
N LEU A 721 -6.21 -46.16 -8.93
CA LEU A 721 -5.24 -47.23 -9.19
C LEU A 721 -5.88 -48.47 -9.79
N SER A 722 -7.08 -48.35 -10.36
CA SER A 722 -7.81 -49.52 -10.84
C SER A 722 -7.13 -50.20 -12.02
N ALA A 723 -6.23 -49.50 -12.72
CA ALA A 723 -5.60 -50.07 -13.91
C ALA A 723 -4.69 -51.26 -13.58
N ILE A 724 -4.35 -51.47 -12.31
CA ILE A 724 -3.47 -52.57 -11.92
C ILE A 724 -4.24 -53.86 -11.62
N THR A 725 -5.58 -53.81 -11.63
CA THR A 725 -6.40 -54.98 -11.37
C THR A 725 -7.01 -55.57 -12.63
N LYS A 726 -6.68 -55.04 -13.80
CA LYS A 726 -7.20 -55.54 -15.06
C LYS A 726 -6.52 -56.84 -15.42
N PRO A 727 -7.11 -57.62 -16.36
CA PRO A 727 -6.44 -58.84 -16.82
C PRO A 727 -5.02 -58.60 -17.32
N TRP A 728 -4.25 -59.67 -17.48
CA TRP A 728 -2.82 -59.54 -17.75
C TRP A 728 -2.57 -58.78 -19.04
N GLU A 729 -3.43 -58.95 -20.04
CA GLU A 729 -3.21 -58.31 -21.33
C GLU A 729 -3.22 -56.79 -21.22
N VAL A 730 -4.19 -56.25 -20.47
CA VAL A 730 -4.30 -54.80 -20.33
C VAL A 730 -3.14 -54.24 -19.51
N GLN A 731 -2.79 -54.93 -18.42
CA GLN A 731 -1.73 -54.46 -17.55
C GLN A 731 -0.38 -54.46 -18.27
N SER A 732 -0.15 -55.46 -19.14
CA SER A 732 1.11 -55.56 -19.85
C SER A 732 1.40 -54.31 -20.68
N LYS A 733 0.34 -53.64 -21.15
CA LYS A 733 0.50 -52.41 -21.93
C LYS A 733 0.44 -51.17 -21.08
N VAL A 734 -0.44 -51.15 -20.07
CA VAL A 734 -0.57 -49.97 -19.22
C VAL A 734 0.72 -49.72 -18.44
N ALA A 735 1.38 -50.79 -17.99
CA ALA A 735 2.65 -50.63 -17.29
C ALA A 735 3.69 -49.99 -18.19
N LEU A 736 3.76 -50.41 -19.45
CA LEU A 736 4.72 -49.81 -20.38
C LEU A 736 4.40 -48.35 -20.64
N LEU A 737 3.12 -48.01 -20.77
CA LEU A 737 2.75 -46.60 -20.97
C LEU A 737 3.19 -45.76 -19.77
N VAL A 738 2.91 -46.23 -18.56
CA VAL A 738 3.29 -45.50 -17.35
C VAL A 738 4.81 -45.35 -17.26
N ALA A 739 5.53 -46.43 -17.56
CA ALA A 739 6.98 -46.39 -17.52
C ALA A 739 7.53 -45.40 -18.54
N ALA A 740 6.93 -45.34 -19.73
CA ALA A 740 7.39 -44.39 -20.74
C ALA A 740 7.18 -42.96 -20.26
N GLU A 741 6.02 -42.67 -19.66
CA GLU A 741 5.79 -41.32 -19.13
C GLU A 741 6.80 -40.97 -18.04
N PHE A 742 7.07 -41.92 -17.14
CA PHE A 742 8.03 -41.66 -16.07
C PHE A 742 9.44 -41.44 -16.62
N TRP A 743 9.82 -42.22 -17.64
CA TRP A 743 11.13 -42.03 -18.26
C TRP A 743 11.23 -40.66 -18.92
N GLU A 744 10.15 -40.23 -19.57
CA GLU A 744 10.15 -38.90 -20.17
C GLU A 744 10.35 -37.82 -19.12
N GLN A 745 9.63 -37.92 -18.00
CA GLN A 745 9.80 -36.93 -16.94
C GLN A 745 11.22 -36.99 -16.36
N GLY A 746 11.77 -38.20 -16.24
CA GLY A 746 13.13 -38.32 -15.71
C GLY A 746 14.17 -37.66 -16.61
N ASP A 747 14.07 -37.89 -17.92
CA ASP A 747 15.02 -37.26 -18.82
C ASP A 747 14.80 -35.75 -18.89
N LEU A 748 13.56 -35.29 -18.66
CA LEU A 748 13.35 -33.86 -18.48
C LEU A 748 14.06 -33.34 -17.25
N GLU A 749 14.01 -34.10 -16.15
CA GLU A 749 14.68 -33.70 -14.93
C GLU A 749 16.19 -33.62 -15.13
N ARG A 750 16.76 -34.58 -15.85
CA ARG A 750 18.21 -34.59 -16.05
C ARG A 750 18.70 -33.38 -16.83
N THR A 751 17.89 -32.87 -17.77
CA THR A 751 18.32 -31.78 -18.64
C THR A 751 18.08 -30.41 -18.03
N VAL A 752 16.81 -30.09 -17.72
CA VAL A 752 16.49 -28.76 -17.21
C VAL A 752 17.14 -28.53 -15.86
N LEU A 753 17.06 -29.51 -14.97
CA LEU A 753 17.69 -29.45 -13.66
C LEU A 753 18.97 -30.28 -13.68
N GLN A 754 19.64 -30.35 -12.54
CA GLN A 754 20.95 -31.00 -12.45
C GLN A 754 20.99 -32.03 -11.33
N GLN A 755 19.95 -32.87 -11.23
CA GLN A 755 19.94 -33.99 -10.30
C GLN A 755 19.63 -35.28 -11.05
N ASN A 756 20.36 -36.34 -10.71
CA ASN A 756 20.11 -37.63 -11.33
C ASN A 756 18.75 -38.17 -10.89
N PRO A 757 17.97 -38.74 -11.80
CA PRO A 757 16.66 -39.26 -11.43
C PRO A 757 16.78 -40.52 -10.58
N ILE A 758 15.69 -40.80 -9.87
CA ILE A 758 15.58 -42.00 -9.03
C ILE A 758 15.54 -43.22 -9.94
N PRO A 759 15.90 -44.41 -9.45
CA PRO A 759 15.85 -45.60 -10.32
C PRO A 759 14.48 -45.89 -10.89
N MET A 760 13.42 -45.37 -10.25
CA MET A 760 12.07 -45.51 -10.75
C MET A 760 11.80 -44.63 -11.98
N MET A 761 12.73 -43.74 -12.33
CA MET A 761 12.50 -42.78 -13.40
C MET A 761 13.55 -42.78 -14.50
N ASP A 762 14.78 -43.21 -14.22
CA ASP A 762 15.83 -43.16 -15.23
C ASP A 762 15.58 -44.18 -16.32
N ARG A 763 15.89 -43.79 -17.56
CA ARG A 763 15.61 -44.64 -18.72
C ARG A 763 16.57 -45.80 -18.84
N ASN A 764 17.78 -45.70 -18.28
CA ASN A 764 18.76 -46.77 -18.43
C ASN A 764 18.27 -48.05 -17.76
N LYS A 765 17.70 -47.94 -16.57
CA LYS A 765 17.19 -49.11 -15.83
C LYS A 765 15.77 -49.45 -16.27
N ALA A 766 15.65 -49.77 -17.56
CA ALA A 766 14.36 -50.14 -18.14
C ALA A 766 14.00 -51.59 -17.93
N ASP A 767 14.94 -52.43 -17.53
CA ASP A 767 14.67 -53.86 -17.32
C ASP A 767 14.30 -54.19 -15.89
N GLU A 768 14.31 -53.22 -14.99
CA GLU A 768 13.89 -53.42 -13.60
C GLU A 768 12.43 -53.09 -13.37
N LEU A 769 11.67 -52.87 -14.44
CA LEU A 769 10.25 -52.56 -14.31
C LEU A 769 9.45 -53.60 -13.53
N PRO A 770 9.63 -54.91 -13.75
CA PRO A 770 8.86 -55.88 -12.93
C PRO A 770 9.12 -55.75 -11.44
N LYS A 771 10.37 -55.48 -11.05
CA LYS A 771 10.68 -55.33 -9.62
C LYS A 771 9.97 -54.13 -9.02
N LEU A 772 10.00 -53.00 -9.74
CA LEU A 772 9.30 -51.81 -9.25
C LEU A 772 7.80 -52.04 -9.20
N GLN A 773 7.25 -52.75 -10.19
CA GLN A 773 5.81 -53.01 -10.20
C GLN A 773 5.39 -53.90 -9.04
N VAL A 774 6.17 -54.96 -8.76
CA VAL A 774 5.81 -55.85 -7.65
C VAL A 774 5.99 -55.13 -6.32
N GLY A 775 7.01 -54.27 -6.21
CA GLY A 775 7.14 -53.46 -5.01
C GLY A 775 5.97 -52.52 -4.80
N PHE A 776 5.52 -51.88 -5.88
CA PHE A 776 4.36 -51.00 -5.80
C PHE A 776 3.10 -51.76 -5.38
N ILE A 777 2.90 -52.95 -5.94
CA ILE A 777 1.75 -53.76 -5.59
C ILE A 777 1.81 -54.14 -4.11
N ASP A 778 2.99 -54.55 -3.63
CA ASP A 778 3.12 -54.92 -2.23
C ASP A 778 2.92 -53.72 -1.31
N PHE A 779 3.31 -52.53 -1.76
CA PHE A 779 3.30 -51.38 -0.87
C PHE A 779 1.92 -50.71 -0.79
N VAL A 780 1.32 -50.40 -1.94
CA VAL A 780 0.20 -49.47 -1.95
C VAL A 780 -1.15 -50.16 -2.11
N CYS A 781 -1.37 -50.82 -3.26
CA CYS A 781 -2.71 -51.21 -3.66
C CYS A 781 -3.27 -52.34 -2.80
N THR A 782 -2.40 -53.20 -2.29
CA THR A 782 -2.88 -54.40 -1.60
C THR A 782 -3.71 -54.05 -0.37
N PHE A 783 -3.33 -53.00 0.36
CA PHE A 783 -4.06 -52.63 1.57
C PHE A 783 -5.48 -52.22 1.23
N VAL A 784 -5.65 -51.28 0.30
CA VAL A 784 -6.98 -50.77 -0.02
C VAL A 784 -7.84 -51.87 -0.63
N TYR A 785 -7.26 -52.69 -1.50
CA TYR A 785 -8.07 -53.73 -2.14
C TYR A 785 -8.48 -54.80 -1.13
N LYS A 786 -7.59 -55.19 -0.22
CA LYS A 786 -7.96 -56.16 0.81
C LYS A 786 -9.01 -55.59 1.75
N GLU A 787 -8.88 -54.32 2.13
CA GLU A 787 -9.88 -53.71 3.01
C GLU A 787 -11.24 -53.64 2.35
N PHE A 788 -11.28 -53.30 1.06
CA PHE A 788 -12.56 -53.24 0.35
C PHE A 788 -13.15 -54.63 0.16
N SER A 789 -12.30 -55.64 -0.05
CA SER A 789 -12.79 -57.01 -0.14
C SER A 789 -13.40 -57.47 1.19
N ARG A 790 -12.77 -57.09 2.30
CA ARG A 790 -13.35 -57.39 3.61
C ARG A 790 -14.66 -56.65 3.81
N PHE A 791 -14.72 -55.39 3.39
CA PHE A 791 -15.92 -54.58 3.59
C PHE A 791 -17.11 -55.15 2.83
N HIS A 792 -16.94 -55.40 1.54
CA HIS A 792 -17.99 -55.96 0.70
C HIS A 792 -17.45 -57.16 -0.06
N GLU A 793 -18.28 -58.20 -0.17
CA GLU A 793 -17.87 -59.43 -0.82
C GLU A 793 -17.81 -59.30 -2.34
N GLU A 794 -18.43 -58.29 -2.91
CA GLU A 794 -18.50 -58.14 -4.37
C GLU A 794 -17.26 -57.52 -4.97
N ILE A 795 -16.29 -57.09 -4.15
CA ILE A 795 -15.05 -56.49 -4.65
C ILE A 795 -13.91 -57.50 -4.69
N THR A 796 -14.19 -58.77 -4.41
CA THR A 796 -13.15 -59.80 -4.49
C THR A 796 -12.52 -59.92 -5.88
N PRO A 797 -13.25 -59.79 -7.02
CA PRO A 797 -12.59 -59.89 -8.32
C PRO A 797 -11.38 -58.99 -8.48
N MET A 798 -11.46 -57.77 -7.95
CA MET A 798 -10.30 -56.88 -8.01
C MET A 798 -9.12 -57.47 -7.25
N LEU A 799 -9.37 -58.06 -6.08
CA LEU A 799 -8.29 -58.64 -5.29
C LEU A 799 -7.65 -59.82 -6.01
N ASP A 800 -8.45 -60.71 -6.59
CA ASP A 800 -7.85 -61.85 -7.26
C ASP A 800 -7.11 -61.41 -8.53
N GLY A 801 -7.65 -60.43 -9.25
CA GLY A 801 -6.95 -59.91 -10.41
C GLY A 801 -5.60 -59.30 -10.05
N ILE A 802 -5.57 -58.49 -8.99
CA ILE A 802 -4.31 -57.85 -8.63
C ILE A 802 -3.31 -58.89 -8.10
N THR A 803 -3.78 -59.92 -7.39
CA THR A 803 -2.84 -60.92 -6.92
C THR A 803 -2.28 -61.76 -8.07
N ASN A 804 -3.11 -62.03 -9.10
CA ASN A 804 -2.61 -62.71 -10.28
C ASN A 804 -1.59 -61.86 -11.02
N ASN A 805 -1.87 -60.56 -11.15
CA ASN A 805 -0.92 -59.65 -11.79
C ASN A 805 0.40 -59.61 -11.02
N ARG A 806 0.31 -59.60 -9.68
CA ARG A 806 1.52 -59.62 -8.87
C ARG A 806 2.30 -60.91 -9.08
N LYS A 807 1.61 -62.04 -9.20
CA LYS A 807 2.29 -63.30 -9.47
C LYS A 807 3.05 -63.25 -10.79
N GLU A 808 2.39 -62.75 -11.84
CA GLU A 808 3.05 -62.67 -13.14
C GLU A 808 4.25 -61.73 -13.11
N TRP A 809 4.10 -60.57 -12.47
CA TRP A 809 5.20 -59.63 -12.38
C TRP A 809 6.35 -60.20 -11.57
N LYS A 810 6.05 -60.94 -10.50
CA LYS A 810 7.10 -61.59 -9.72
C LYS A 810 7.84 -62.62 -10.54
N ALA A 811 7.11 -63.40 -11.35
CA ALA A 811 7.76 -64.37 -12.22
C ALA A 811 8.71 -63.70 -13.20
N LEU A 812 8.25 -62.60 -13.82
CA LEU A 812 9.10 -61.87 -14.76
C LEU A 812 10.33 -61.31 -14.07
N ALA A 813 10.15 -60.74 -12.87
CA ALA A 813 11.27 -60.17 -12.13
C ALA A 813 12.27 -61.24 -11.73
N ASP A 814 11.78 -62.43 -11.33
CA ASP A 814 12.68 -63.52 -10.98
C ASP A 814 13.46 -63.99 -12.20
N GLU A 815 12.81 -64.08 -13.36
CA GLU A 815 13.55 -64.46 -14.56
C GLU A 815 14.63 -63.43 -14.90
N TYR A 816 14.29 -62.14 -14.80
CA TYR A 816 15.28 -61.10 -15.06
C TYR A 816 16.44 -61.17 -14.08
N GLU A 817 16.14 -61.39 -12.79
CA GLU A 817 17.19 -61.48 -11.79
C GLU A 817 18.09 -62.68 -12.04
N THR A 818 17.52 -63.81 -12.43
CA THR A 818 18.34 -64.98 -12.75
C THR A 818 19.23 -64.70 -13.95
N LYS A 819 18.69 -64.04 -14.98
CA LYS A 819 19.50 -63.70 -16.14
C LYS A 819 20.66 -62.79 -15.76
N MET A 820 20.39 -61.77 -14.97
CA MET A 820 21.46 -60.86 -14.54
C MET A 820 22.48 -61.58 -13.68
N LYS A 821 22.02 -62.46 -12.80
CA LYS A 821 22.94 -63.21 -11.94
C LYS A 821 23.87 -64.08 -12.77
N GLY A 822 23.30 -64.80 -13.74
CA GLY A 822 24.12 -65.64 -14.60
C GLY A 822 25.09 -64.83 -15.46
N LEU A 823 24.64 -63.68 -15.96
CA LEU A 823 25.50 -62.86 -16.81
C LEU A 823 26.62 -62.17 -16.05
N GLU A 824 26.59 -62.20 -14.72
CA GLU A 824 27.59 -61.50 -13.93
C GLU A 824 28.58 -62.43 -13.23
N GLU A 825 28.27 -63.72 -13.09
CA GLU A 825 29.23 -64.65 -12.50
C GLU A 825 30.03 -65.40 -13.55
N GLU A 826 29.37 -66.09 -14.48
CA GLU A 826 30.07 -66.85 -15.50
C GLU A 826 30.75 -65.96 -16.54
N LYS A 827 30.36 -64.70 -16.64
CA LYS A 827 30.89 -63.81 -17.66
C LYS A 827 31.67 -62.63 -17.12
N GLN A 828 31.47 -62.24 -15.86
CA GLN A 828 32.14 -61.06 -15.30
C GLN A 828 32.99 -61.37 -14.09
N LYS A 829 32.50 -62.21 -13.16
CA LYS A 829 33.22 -62.46 -11.92
C LYS A 829 34.27 -63.56 -12.07
N GLN A 830 33.84 -64.77 -12.45
CA GLN A 830 34.78 -65.86 -12.63
C GLN A 830 35.46 -65.84 -13.98
N GLN A 831 35.04 -64.97 -14.89
CA GLN A 831 35.66 -64.86 -16.20
C GLN A 831 35.37 -63.51 -16.83
N SER B 4 14.31 38.01 81.65
CA SER B 4 14.49 36.71 81.02
C SER B 4 14.13 36.75 79.54
N GLU B 5 14.80 35.93 78.74
CA GLU B 5 14.53 35.88 77.31
C GLU B 5 13.10 35.43 77.05
N GLY B 6 12.66 34.39 77.74
CA GLY B 6 11.27 33.96 77.63
C GLY B 6 10.31 35.02 78.13
N GLN B 7 10.68 35.72 79.19
CA GLN B 7 9.85 36.82 79.69
C GLN B 7 9.74 37.93 78.64
N VAL B 8 10.85 38.26 77.99
CA VAL B 8 10.82 39.27 76.93
C VAL B 8 9.92 38.81 75.80
N HIS B 9 10.05 37.54 75.40
CA HIS B 9 9.25 37.02 74.29
C HIS B 9 7.75 37.07 74.61
N ARG B 10 7.37 36.63 75.81
CA ARG B 10 5.95 36.64 76.15
C ARG B 10 5.43 38.06 76.26
N PHE B 11 6.18 38.95 76.93
CA PHE B 11 5.72 40.32 77.07
C PHE B 11 5.57 40.96 75.69
N LEU B 12 6.41 40.55 74.73
CA LEU B 12 6.25 41.02 73.37
C LEU B 12 4.97 40.47 72.73
N ASP B 13 4.68 39.18 72.93
CA ASP B 13 3.60 38.58 72.14
C ASP B 13 2.22 38.87 72.72
N GLN B 14 2.07 38.90 74.05
CA GLN B 14 0.75 39.19 74.60
C GLN B 14 0.45 40.69 74.69
N ASN B 15 1.30 41.54 74.11
CA ASN B 15 1.10 42.99 74.13
C ASN B 15 1.12 43.53 72.70
N PRO B 16 0.04 43.34 71.96
CA PRO B 16 0.00 43.86 70.58
C PRO B 16 0.13 45.37 70.49
N GLY B 17 -0.33 46.10 71.50
CA GLY B 17 -0.27 47.55 71.44
C GLY B 17 1.15 48.08 71.39
N PHE B 18 2.03 47.54 72.25
CA PHE B 18 3.41 48.00 72.27
C PHE B 18 4.22 47.46 71.10
N ALA B 19 3.89 46.25 70.64
CA ALA B 19 4.71 45.59 69.62
C ALA B 19 4.76 46.40 68.33
N ASP B 20 3.63 46.95 67.91
CA ASP B 20 3.60 47.76 66.70
C ASP B 20 4.31 49.10 66.88
N GLN B 21 4.57 49.52 68.12
CA GLN B 21 5.18 50.82 68.35
C GLN B 21 6.69 50.75 68.27
N TYR B 22 7.31 49.86 69.06
CA TYR B 22 8.77 49.80 69.10
C TYR B 22 9.35 49.37 67.77
N PHE B 23 8.74 48.36 67.13
CA PHE B 23 9.23 47.90 65.84
C PHE B 23 8.90 48.84 64.71
N GLY B 24 7.89 49.69 64.88
CA GLY B 24 7.60 50.72 63.90
C GLY B 24 8.28 52.03 64.22
N ARG B 25 9.56 51.96 64.57
CA ARG B 25 10.34 53.12 64.98
C ARG B 25 11.48 53.35 63.99
N LYS B 26 11.85 54.62 63.82
CA LYS B 26 12.95 54.98 62.94
C LYS B 26 14.27 54.65 63.63
N LEU B 27 14.93 53.59 63.17
CA LEU B 27 16.17 53.14 63.77
C LEU B 27 17.37 53.80 63.10
N SER B 28 18.40 54.05 63.90
CA SER B 28 19.57 54.75 63.41
C SER B 28 20.32 53.90 62.39
N PRO B 29 20.93 54.52 61.37
CA PRO B 29 21.63 53.73 60.33
C PRO B 29 22.74 52.84 60.87
N GLU B 30 23.51 53.30 61.85
CA GLU B 30 24.54 52.43 62.40
C GLU B 30 23.93 51.28 63.18
N ASP B 31 22.77 51.50 63.81
CA ASP B 31 22.11 50.42 64.53
C ASP B 31 21.66 49.32 63.57
N VAL B 32 21.07 49.69 62.44
CA VAL B 32 20.65 48.67 61.47
C VAL B 32 21.87 48.05 60.80
N ALA B 33 22.97 48.81 60.67
CA ALA B 33 24.19 48.25 60.12
C ALA B 33 24.76 47.17 61.03
N ASN B 34 24.79 47.42 62.34
CA ASN B 34 25.31 46.42 63.28
C ASN B 34 24.35 45.26 63.46
N ALA B 35 23.04 45.53 63.42
CA ALA B 35 22.05 44.49 63.67
C ALA B 35 22.12 43.41 62.59
N CYS B 36 22.17 43.82 61.32
CA CYS B 36 22.24 42.87 60.23
C CYS B 36 23.61 42.22 60.16
N GLU B 37 23.64 40.97 59.72
CA GLU B 37 24.91 40.27 59.53
C GLU B 37 25.71 40.96 58.42
N ASP B 38 27.02 41.02 58.60
CA ASP B 38 27.93 41.73 57.70
C ASP B 38 27.48 43.19 57.70
N GLY B 39 27.23 43.80 56.55
CA GLY B 39 26.76 45.18 56.52
C GLY B 39 25.79 45.46 55.39
N CYS B 40 24.61 45.96 55.73
CA CYS B 40 23.64 46.37 54.73
C CYS B 40 24.03 47.70 54.12
N PRO B 41 23.62 47.96 52.88
CA PRO B 41 23.92 49.27 52.27
C PRO B 41 23.18 50.41 52.94
N GLU B 42 23.46 51.64 52.51
CA GLU B 42 22.92 52.82 53.19
C GLU B 42 21.42 52.95 53.02
N GLY B 43 20.84 52.23 52.05
CA GLY B 43 19.41 52.38 51.79
C GLY B 43 18.54 51.98 52.96
N CYS B 44 18.88 50.86 53.60
CA CYS B 44 18.05 50.35 54.68
C CYS B 44 18.14 51.24 55.91
N THR B 45 17.00 51.50 56.54
CA THR B 45 16.94 52.24 57.79
C THR B 45 16.04 51.61 58.85
N SER B 46 15.17 50.69 58.49
CA SER B 46 14.26 50.05 59.44
C SER B 46 14.25 48.54 59.19
N PHE B 47 13.56 47.82 60.09
CA PHE B 47 13.45 46.38 59.95
C PHE B 47 12.70 46.00 58.67
N ARG B 48 11.66 46.76 58.33
CA ARG B 48 10.92 46.51 57.10
C ARG B 48 11.84 46.58 55.89
N GLU B 49 12.67 47.61 55.82
CA GLU B 49 13.57 47.78 54.69
C GLU B 49 14.60 46.65 54.64
N LEU B 50 15.13 46.25 55.79
CA LEU B 50 16.11 45.17 55.83
C LEU B 50 15.51 43.87 55.32
N CYS B 51 14.33 43.51 55.82
CA CYS B 51 13.67 42.28 55.37
C CYS B 51 13.34 42.35 53.89
N GLN B 52 12.86 43.52 53.43
CA GLN B 52 12.54 43.69 52.02
C GLN B 52 13.76 43.49 51.14
N VAL B 53 14.88 44.10 51.52
CA VAL B 53 16.11 43.98 50.72
C VAL B 53 16.59 42.54 50.70
N GLU B 54 16.59 41.88 51.86
CA GLU B 54 17.08 40.50 51.92
C GLU B 54 16.21 39.58 51.06
N GLU B 55 14.88 39.73 51.16
CA GLU B 55 13.99 38.86 50.40
C GLU B 55 14.11 39.14 48.91
N SER B 56 14.25 40.41 48.52
CA SER B 56 14.42 40.74 47.11
C SER B 56 15.71 40.15 46.56
N ALA B 57 16.80 40.23 47.34
CA ALA B 57 18.06 39.64 46.89
C ALA B 57 17.95 38.14 46.75
N ALA B 58 17.28 37.47 47.70
CA ALA B 58 17.11 36.02 47.61
C ALA B 58 16.28 35.65 46.39
N LEU B 59 15.20 36.38 46.12
CA LEU B 59 14.38 36.08 44.95
C LEU B 59 15.14 36.33 43.65
N PHE B 60 15.96 37.38 43.61
CA PHE B 60 16.77 37.63 42.42
C PHE B 60 17.77 36.50 42.20
N GLU B 61 18.38 36.00 43.28
CA GLU B 61 19.29 34.87 43.14
C GLU B 61 18.55 33.64 42.64
N LEU B 62 17.33 33.41 43.13
CA LEU B 62 16.54 32.28 42.64
C LEU B 62 16.24 32.43 41.15
N VAL B 63 15.88 33.64 40.72
CA VAL B 63 15.59 33.87 39.30
C VAL B 63 16.84 33.62 38.46
N GLN B 64 18.00 34.10 38.93
CA GLN B 64 19.25 33.83 38.24
C GLN B 64 19.51 32.33 38.14
N ASP B 65 19.16 31.58 39.19
CA ASP B 65 19.32 30.13 39.14
C ASP B 65 18.43 29.50 38.08
N MET B 66 17.16 29.91 38.01
CA MET B 66 16.29 29.38 36.96
C MET B 66 16.77 29.79 35.58
N GLN B 67 17.48 30.91 35.47
CA GLN B 67 17.86 31.43 34.17
C GLN B 67 18.79 30.47 33.42
N GLU B 68 19.72 29.85 34.13
CA GLU B 68 20.83 29.16 33.46
C GLU B 68 20.34 27.99 32.61
N ASN B 69 19.57 27.08 33.20
CA ASN B 69 18.92 26.02 32.44
C ASN B 69 17.75 25.48 33.25
N VAL B 70 17.21 24.34 32.82
CA VAL B 70 16.09 23.70 33.50
C VAL B 70 16.65 22.86 34.65
N ASN B 71 16.63 23.41 35.85
CA ASN B 71 17.05 22.69 37.05
C ASN B 71 15.88 22.11 37.83
N MET B 72 14.73 22.80 37.82
CA MET B 72 13.51 22.35 38.50
C MET B 72 13.75 21.91 39.94
N GLU B 73 14.44 20.79 40.12
CA GLU B 73 14.54 20.18 41.45
C GLU B 73 15.27 21.10 42.43
N ARG B 74 16.43 21.63 42.03
CA ARG B 74 17.20 22.47 42.95
C ARG B 74 16.45 23.75 43.29
N VAL B 75 15.87 24.41 42.29
CA VAL B 75 15.16 25.66 42.52
C VAL B 75 13.96 25.42 43.44
N VAL B 76 13.20 24.36 43.17
CA VAL B 76 12.01 24.10 43.97
C VAL B 76 12.41 23.68 45.38
N PHE B 77 13.55 23.00 45.53
CA PHE B 77 14.02 22.65 46.87
C PHE B 77 14.39 23.89 47.66
N LYS B 78 15.08 24.84 47.02
CA LYS B 78 15.45 26.07 47.71
C LYS B 78 14.21 26.89 48.08
N ILE B 79 13.25 27.01 47.16
CA ILE B 79 12.06 27.78 47.48
C ILE B 79 11.23 27.07 48.55
N LEU B 80 11.27 25.74 48.58
CA LEU B 80 10.60 25.00 49.65
C LEU B 80 11.25 25.27 51.00
N ARG B 81 12.59 25.32 51.03
CA ARG B 81 13.27 25.66 52.28
C ARG B 81 12.87 27.06 52.74
N ARG B 82 12.85 28.02 51.82
CA ARG B 82 12.46 29.37 52.18
C ARG B 82 11.02 29.43 52.67
N LEU B 83 10.12 28.70 52.02
CA LEU B 83 8.72 28.69 52.42
C LEU B 83 8.53 28.02 53.77
N CYS B 84 9.30 26.96 54.04
CA CYS B 84 9.26 26.34 55.37
C CYS B 84 9.73 27.30 56.44
N SER B 85 10.78 28.07 56.15
CA SER B 85 11.24 29.07 57.12
C SER B 85 10.19 30.14 57.33
N ILE B 86 9.53 30.58 56.26
CA ILE B 86 8.55 31.66 56.37
C ILE B 86 7.32 31.20 57.15
N LEU B 87 6.78 30.04 56.79
CA LEU B 87 5.52 29.55 57.37
C LEU B 87 5.68 29.06 58.80
N HIS B 88 6.91 28.92 59.30
CA HIS B 88 7.19 28.35 60.62
C HIS B 88 6.68 26.92 60.75
N ALA B 89 6.60 26.21 59.64
CA ALA B 89 6.28 24.78 59.66
C ALA B 89 7.57 24.00 59.87
N ASP B 90 7.50 22.67 59.74
CA ASP B 90 8.68 21.84 59.88
C ASP B 90 8.84 20.80 58.78
N ARG B 91 7.85 20.61 57.91
CA ARG B 91 7.93 19.64 56.84
C ARG B 91 7.28 20.20 55.59
N CYS B 92 7.81 19.79 54.43
CA CYS B 92 7.22 20.09 53.15
C CYS B 92 7.59 18.98 52.18
N SER B 93 6.77 18.81 51.15
CA SER B 93 6.96 17.72 50.21
C SER B 93 6.50 18.16 48.83
N LEU B 94 6.96 17.42 47.82
CA LEU B 94 6.57 17.65 46.43
C LEU B 94 6.08 16.32 45.87
N PHE B 95 4.83 16.30 45.41
CA PHE B 95 4.22 15.12 44.81
C PHE B 95 3.99 15.39 43.33
N MET B 96 4.57 14.54 42.48
CA MET B 96 4.52 14.76 41.04
C MET B 96 3.36 13.99 40.42
N TYR B 97 2.55 14.68 39.63
CA TYR B 97 1.38 14.09 39.00
C TYR B 97 1.79 13.20 37.84
N ARG B 98 1.15 12.03 37.74
CA ARG B 98 1.44 11.09 36.67
C ARG B 98 0.17 10.30 36.35
N GLN B 99 -0.04 10.05 35.06
CA GLN B 99 -1.21 9.33 34.58
C GLN B 99 -0.78 8.02 33.94
N ARG B 100 -1.41 6.91 34.36
CA ARG B 100 -1.20 5.62 33.74
C ARG B 100 -2.54 4.93 33.56
N ASN B 101 -2.66 4.16 32.48
CA ASN B 101 -3.83 3.30 32.22
C ASN B 101 -5.14 4.08 32.26
N GLY B 102 -5.08 5.40 32.08
CA GLY B 102 -6.25 6.24 32.16
C GLY B 102 -6.57 6.75 33.56
N VAL B 103 -5.87 6.27 34.58
CA VAL B 103 -6.07 6.74 35.95
C VAL B 103 -4.90 7.61 36.36
N ALA B 104 -5.11 8.43 37.38
CA ALA B 104 -4.13 9.39 37.84
C ALA B 104 -3.42 8.88 39.09
N GLU B 105 -2.18 9.32 39.27
CA GLU B 105 -1.38 8.95 40.43
C GLU B 105 -0.56 10.15 40.88
N LEU B 106 -0.19 10.15 42.16
CA LEU B 106 0.59 11.21 42.78
C LEU B 106 1.81 10.57 43.44
N ALA B 107 2.93 10.51 42.73
CA ALA B 107 4.16 9.96 43.26
C ALA B 107 4.83 10.99 44.17
N THR B 108 6.06 10.72 44.60
CA THR B 108 6.84 11.64 45.40
C THR B 108 8.13 11.99 44.69
N ARG B 109 8.56 13.25 44.81
CA ARG B 109 9.81 13.69 44.20
C ARG B 109 10.70 14.34 45.24
N LEU B 110 10.09 14.98 46.24
CA LEU B 110 10.82 15.57 47.36
C LEU B 110 10.05 15.29 48.63
N PHE B 111 10.75 14.85 49.67
CA PHE B 111 10.12 14.44 50.91
C PHE B 111 10.89 14.97 52.11
N SER B 112 10.16 15.49 53.09
CA SER B 112 10.71 15.94 54.36
C SER B 112 11.81 16.98 54.16
N VAL B 113 11.49 18.01 53.40
CA VAL B 113 12.41 19.13 53.21
C VAL B 113 12.31 20.04 54.43
N GLN B 114 13.46 20.33 55.04
CA GLN B 114 13.52 21.11 56.27
C GLN B 114 14.24 22.42 56.02
N PRO B 115 14.10 23.41 56.91
CA PRO B 115 14.82 24.68 56.69
C PRO B 115 16.32 24.52 56.58
N ASP B 116 16.90 23.51 57.21
CA ASP B 116 18.32 23.17 57.06
C ASP B 116 18.41 21.74 56.56
N SER B 117 18.75 21.58 55.28
CA SER B 117 18.83 20.28 54.65
C SER B 117 19.59 20.44 53.33
N VAL B 118 19.95 19.31 52.73
CA VAL B 118 20.68 19.28 51.47
C VAL B 118 19.89 18.42 50.48
N LEU B 119 20.14 18.65 49.20
CA LEU B 119 19.40 17.95 48.14
C LEU B 119 19.58 16.44 48.20
N GLU B 120 20.65 15.96 48.83
CA GLU B 120 20.88 14.52 48.89
C GLU B 120 19.85 13.83 49.76
N ASP B 121 19.37 14.51 50.82
CA ASP B 121 18.49 13.90 51.80
C ASP B 121 17.02 14.21 51.59
N CYS B 122 16.66 14.84 50.47
CA CYS B 122 15.26 15.14 50.20
C CYS B 122 14.81 14.54 48.87
N LEU B 123 15.74 14.42 47.92
CA LEU B 123 15.41 13.76 46.65
C LEU B 123 15.17 12.29 46.88
N VAL B 124 14.26 11.71 46.10
CA VAL B 124 13.89 10.31 46.21
C VAL B 124 14.12 9.63 44.87
N PRO B 125 14.81 8.49 44.83
CA PRO B 125 15.01 7.78 43.58
C PRO B 125 13.70 7.20 43.07
N PRO B 126 13.64 6.78 41.80
CA PRO B 126 12.39 6.21 41.28
C PRO B 126 11.95 4.94 41.97
N ASP B 127 12.85 4.23 42.66
CA ASP B 127 12.52 2.98 43.32
C ASP B 127 11.99 3.18 44.73
N SER B 128 11.87 4.42 45.21
CA SER B 128 11.42 4.69 46.56
C SER B 128 10.19 5.57 46.63
N GLU B 129 9.55 5.86 45.50
CA GLU B 129 8.39 6.74 45.50
C GLU B 129 7.18 6.06 46.14
N ILE B 130 6.41 6.83 46.88
CA ILE B 130 5.18 6.35 47.50
C ILE B 130 4.03 6.82 46.62
N VAL B 131 3.57 5.95 45.73
CA VAL B 131 2.49 6.31 44.81
C VAL B 131 1.18 6.44 45.57
N PHE B 132 0.35 7.38 45.13
CA PHE B 132 -0.93 7.63 45.78
C PHE B 132 -2.04 7.77 44.74
N PRO B 133 -3.06 6.90 44.77
CA PRO B 133 -4.19 7.06 43.85
C PRO B 133 -4.94 8.36 44.11
N LEU B 134 -5.88 8.65 43.22
CA LEU B 134 -6.64 9.90 43.29
C LEU B 134 -7.79 9.84 44.29
N ASP B 135 -7.93 8.76 45.03
CA ASP B 135 -8.97 8.62 46.04
C ASP B 135 -8.42 8.51 47.45
N ILE B 136 -7.22 7.97 47.61
CA ILE B 136 -6.66 7.73 48.93
C ILE B 136 -5.84 8.94 49.37
N GLY B 137 -6.20 9.50 50.51
CA GLY B 137 -5.43 10.58 51.11
C GLY B 137 -5.95 11.95 50.77
N VAL B 138 -5.47 12.94 51.53
CA VAL B 138 -5.82 14.33 51.28
C VAL B 138 -5.23 14.81 49.96
N VAL B 139 -4.03 14.34 49.61
CA VAL B 139 -3.38 14.76 48.38
C VAL B 139 -4.23 14.39 47.17
N GLY B 140 -4.85 13.21 47.21
CA GLY B 140 -5.75 12.83 46.12
C GLY B 140 -6.95 13.76 46.01
N HIS B 141 -7.51 14.16 47.15
CA HIS B 141 -8.61 15.13 47.14
C HIS B 141 -8.16 16.45 46.54
N VAL B 142 -6.97 16.91 46.91
CA VAL B 142 -6.44 18.16 46.37
C VAL B 142 -6.27 18.06 44.86
N ALA B 143 -5.72 16.95 44.38
CA ALA B 143 -5.51 16.79 42.95
C ALA B 143 -6.83 16.71 42.19
N GLN B 144 -7.82 16.00 42.73
CA GLN B 144 -9.07 15.82 42.01
C GLN B 144 -9.96 17.05 42.05
N THR B 145 -9.92 17.82 43.14
CA THR B 145 -10.78 19.00 43.24
C THR B 145 -10.16 20.25 42.64
N LYS B 146 -8.86 20.23 42.33
CA LYS B 146 -8.16 21.37 41.74
C LYS B 146 -8.33 22.62 42.59
N LYS B 147 -8.28 22.45 43.92
CA LYS B 147 -8.46 23.56 44.83
C LYS B 147 -7.54 23.39 46.03
N MET B 148 -7.20 24.52 46.64
CA MET B 148 -6.34 24.51 47.82
C MET B 148 -7.14 24.07 49.04
N VAL B 149 -6.53 23.22 49.86
CA VAL B 149 -7.22 22.57 50.98
C VAL B 149 -6.49 22.92 52.27
N ASN B 150 -7.24 23.38 53.27
CA ASN B 150 -6.73 23.64 54.61
C ASN B 150 -7.45 22.71 55.58
N VAL B 151 -6.68 21.97 56.38
CA VAL B 151 -7.22 21.03 57.35
C VAL B 151 -6.81 21.50 58.74
N GLN B 152 -7.79 21.82 59.57
CA GLN B 152 -7.50 22.29 60.92
C GLN B 152 -7.06 21.15 61.82
N ASP B 153 -7.71 19.99 61.73
CA ASP B 153 -7.34 18.81 62.49
C ASP B 153 -7.44 17.59 61.59
N VAL B 154 -6.37 16.80 61.57
CA VAL B 154 -6.31 15.65 60.68
C VAL B 154 -7.27 14.55 61.14
N MET B 155 -7.41 14.37 62.46
CA MET B 155 -8.28 13.32 62.98
C MET B 155 -9.73 13.52 62.57
N GLU B 156 -10.15 14.75 62.25
CA GLU B 156 -11.52 15.02 61.84
C GLU B 156 -11.69 15.04 60.33
N CYS B 157 -10.64 14.76 59.57
CA CYS B 157 -10.71 14.77 58.12
C CYS B 157 -11.29 13.46 57.61
N PRO B 158 -12.40 13.47 56.88
CA PRO B 158 -12.94 12.20 56.37
C PRO B 158 -12.03 11.53 55.34
N HIS B 159 -11.55 12.29 54.36
CA HIS B 159 -10.70 11.74 53.30
C HIS B 159 -9.23 11.97 53.62
N PHE B 160 -8.77 11.28 54.66
CA PHE B 160 -7.37 11.29 55.05
C PHE B 160 -6.85 9.86 55.15
N SER B 161 -5.62 9.67 54.71
CA SER B 161 -4.96 8.37 54.76
C SER B 161 -3.69 8.48 55.58
N SER B 162 -3.49 7.52 56.49
CA SER B 162 -2.34 7.51 57.38
C SER B 162 -1.18 6.69 56.83
N PHE B 163 -1.26 6.24 55.57
CA PHE B 163 -0.33 5.25 55.06
C PHE B 163 1.13 5.68 55.23
N ALA B 164 1.43 6.95 54.97
CA ALA B 164 2.80 7.42 55.10
C ALA B 164 3.28 7.43 56.54
N ASP B 165 2.35 7.49 57.50
CA ASP B 165 2.74 7.67 58.89
C ASP B 165 3.47 6.45 59.44
N GLU B 166 2.95 5.25 59.21
CA GLU B 166 3.63 4.05 59.69
C GLU B 166 4.99 3.88 59.01
N LEU B 167 5.04 4.14 57.70
CA LEU B 167 6.29 3.94 56.96
C LEU B 167 7.37 4.91 57.43
N THR B 168 7.03 6.20 57.55
CA THR B 168 8.02 7.21 57.90
C THR B 168 8.10 7.48 59.40
N ASP B 169 7.21 6.88 60.20
CA ASP B 169 7.20 7.05 61.65
C ASP B 169 7.06 8.53 62.01
N TYR B 170 5.92 9.10 61.63
CA TYR B 170 5.63 10.50 61.86
C TYR B 170 4.15 10.67 62.19
N VAL B 171 3.85 11.74 62.92
CA VAL B 171 2.49 12.07 63.32
C VAL B 171 2.16 13.45 62.75
N THR B 172 1.02 13.55 62.07
CA THR B 172 0.62 14.79 61.40
C THR B 172 -0.55 15.42 62.15
N ARG B 173 -0.43 16.72 62.43
CA ARG B 173 -1.48 17.47 63.09
C ARG B 173 -2.04 18.61 62.25
N ASN B 174 -1.45 18.92 61.11
CA ASN B 174 -1.92 19.98 60.24
C ASN B 174 -1.42 19.71 58.82
N ILE B 175 -2.24 20.09 57.84
CA ILE B 175 -1.93 19.84 56.44
C ILE B 175 -2.44 21.01 55.61
N LEU B 176 -1.62 21.43 54.63
CA LEU B 176 -1.98 22.51 53.73
C LEU B 176 -1.37 22.22 52.36
N ALA B 177 -2.20 22.19 51.32
CA ALA B 177 -1.74 21.80 50.00
C ALA B 177 -2.41 22.67 48.94
N THR B 178 -1.83 22.64 47.74
CA THR B 178 -2.37 23.34 46.57
C THR B 178 -1.84 22.70 45.30
N PRO B 179 -2.64 22.64 44.22
CA PRO B 179 -2.17 22.03 42.98
C PRO B 179 -1.48 23.06 42.10
N ILE B 180 -0.30 22.70 41.58
CA ILE B 180 0.38 23.52 40.59
C ILE B 180 -0.21 23.23 39.23
N MET B 181 -0.66 24.27 38.53
CA MET B 181 -1.42 24.12 37.31
C MET B 181 -0.68 24.71 36.12
N ASN B 182 -0.79 24.04 34.98
CA ASN B 182 -0.25 24.51 33.71
C ASN B 182 -1.39 24.77 32.73
N GLY B 183 -2.42 25.46 33.20
CA GLY B 183 -3.65 25.61 32.43
C GLY B 183 -4.81 24.96 33.13
N LYS B 184 -5.31 23.85 32.58
CA LYS B 184 -6.36 23.07 33.22
C LYS B 184 -5.91 21.65 33.54
N ASP B 185 -4.60 21.43 33.65
CA ASP B 185 -4.04 20.13 34.00
C ASP B 185 -3.10 20.29 35.17
N VAL B 186 -3.24 19.42 36.18
CA VAL B 186 -2.38 19.49 37.36
C VAL B 186 -1.00 18.94 37.02
N VAL B 187 0.03 19.59 37.53
CA VAL B 187 1.42 19.17 37.32
C VAL B 187 2.00 18.56 38.58
N ALA B 188 1.78 19.19 39.73
CA ALA B 188 2.30 18.70 41.00
C ALA B 188 1.54 19.39 42.13
N VAL B 189 1.70 18.85 43.33
CA VAL B 189 1.12 19.44 44.53
C VAL B 189 2.24 19.66 45.54
N ILE B 190 2.14 20.74 46.30
CA ILE B 190 3.09 21.08 47.35
C ILE B 190 2.33 21.17 48.67
N MET B 191 2.83 20.47 49.69
CA MET B 191 2.09 20.31 50.93
C MET B 191 2.99 20.63 52.12
N ALA B 192 2.43 21.37 53.08
CA ALA B 192 3.11 21.71 54.32
C ALA B 192 2.41 21.02 55.47
N VAL B 193 3.19 20.42 56.38
CA VAL B 193 2.68 19.51 57.39
C VAL B 193 3.17 19.94 58.77
N ASN B 194 2.30 19.77 59.76
CA ASN B 194 2.64 19.89 61.18
C ASN B 194 3.19 21.29 61.52
N LYS B 195 2.29 22.26 61.39
CA LYS B 195 2.63 23.65 61.69
C LYS B 195 3.08 23.81 63.14
N LEU B 196 4.35 24.15 63.35
CA LEU B 196 4.88 24.40 64.68
C LEU B 196 4.47 25.77 65.20
N ASP B 197 4.10 26.70 64.30
CA ASP B 197 3.80 28.06 64.71
C ASP B 197 2.61 28.13 65.65
N GLY B 198 1.58 27.33 65.39
CA GLY B 198 0.40 27.32 66.22
C GLY B 198 -0.46 26.09 66.03
N PRO B 199 -1.63 26.08 66.66
CA PRO B 199 -2.52 24.92 66.55
C PRO B 199 -2.98 24.62 65.14
N CYS B 200 -3.16 25.64 64.30
CA CYS B 200 -3.69 25.45 62.96
C CYS B 200 -3.17 26.57 62.06
N PHE B 201 -3.36 26.40 60.76
CA PHE B 201 -2.85 27.35 59.77
C PHE B 201 -3.71 28.61 59.81
N THR B 202 -3.09 29.74 60.05
CA THR B 202 -3.80 31.01 60.04
C THR B 202 -4.02 31.49 58.60
N SER B 203 -4.87 32.50 58.46
CA SER B 203 -5.19 33.02 57.13
C SER B 203 -3.98 33.70 56.49
N GLU B 204 -3.16 34.37 57.30
CA GLU B 204 -1.97 35.02 56.76
C GLU B 204 -1.00 34.00 56.17
N ASP B 205 -0.85 32.84 56.83
CA ASP B 205 -0.03 31.78 56.28
C ASP B 205 -0.60 31.27 54.96
N GLU B 206 -1.92 31.20 54.86
CA GLU B 206 -2.56 30.80 53.61
C GLU B 206 -2.25 31.79 52.50
N ASP B 207 -2.33 33.09 52.81
CA ASP B 207 -2.03 34.11 51.81
C ASP B 207 -0.57 34.03 51.37
N VAL B 208 0.34 33.85 52.32
CA VAL B 208 1.76 33.74 51.97
C VAL B 208 2.01 32.50 51.11
N PHE B 209 1.36 31.39 51.46
CA PHE B 209 1.49 30.16 50.68
C PHE B 209 1.01 30.38 49.25
N LEU B 210 -0.11 31.08 49.09
CA LEU B 210 -0.65 31.31 47.76
C LEU B 210 0.26 32.24 46.95
N LYS B 211 0.76 33.31 47.57
CA LYS B 211 1.55 34.30 46.82
C LYS B 211 2.94 33.77 46.49
N TYR B 212 3.60 33.12 47.45
CA TYR B 212 5.00 32.75 47.30
C TYR B 212 5.22 31.66 46.25
N LEU B 213 4.16 30.97 45.84
CA LEU B 213 4.32 29.82 44.94
C LEU B 213 4.17 30.18 43.47
N ASN B 214 4.04 31.47 43.13
CA ASN B 214 3.90 31.86 41.74
C ASN B 214 5.19 31.68 40.95
N PHE B 215 6.31 31.43 41.62
CA PHE B 215 7.58 31.20 40.95
C PHE B 215 7.85 29.72 40.71
N GLY B 216 7.58 28.89 41.71
CA GLY B 216 7.65 27.45 41.50
C GLY B 216 6.67 26.99 40.42
N THR B 217 5.51 27.65 40.35
CA THR B 217 4.58 27.38 39.26
C THR B 217 5.23 27.68 37.91
N LEU B 218 5.96 28.79 37.81
CA LEU B 218 6.65 29.13 36.57
C LEU B 218 7.69 28.09 36.21
N ASN B 219 8.49 27.67 37.19
CA ASN B 219 9.54 26.68 36.92
C ASN B 219 8.94 25.35 36.47
N LEU B 220 7.89 24.89 37.16
CA LEU B 220 7.25 23.64 36.78
C LEU B 220 6.57 23.75 35.43
N LYS B 221 6.01 24.91 35.11
CA LYS B 221 5.42 25.13 33.78
C LYS B 221 6.48 25.02 32.69
N ILE B 222 7.65 25.62 32.92
CA ILE B 222 8.72 25.53 31.94
C ILE B 222 9.15 24.08 31.76
N TYR B 223 9.31 23.35 32.87
CA TYR B 223 9.73 21.95 32.81
C TYR B 223 8.72 21.11 32.05
N HIS B 224 7.42 21.28 32.37
CA HIS B 224 6.38 20.52 31.70
C HIS B 224 6.32 20.84 30.21
N LEU B 225 6.44 22.12 29.86
CA LEU B 225 6.41 22.50 28.45
C LEU B 225 7.56 21.88 27.68
N SER B 226 8.76 21.90 28.26
CA SER B 226 9.91 21.29 27.60
C SER B 226 9.69 19.79 27.41
N TYR B 227 9.18 19.10 28.44
CA TYR B 227 8.93 17.67 28.33
C TYR B 227 7.92 17.36 27.22
N LEU B 228 6.82 18.12 27.19
CA LEU B 228 5.79 17.88 26.17
C LEU B 228 6.32 18.15 24.78
N HIS B 229 7.11 19.22 24.62
CA HIS B 229 7.68 19.54 23.31
C HIS B 229 8.60 18.42 22.83
N ASN B 230 9.45 17.91 23.72
CA ASN B 230 10.34 16.81 23.35
C ASN B 230 9.54 15.58 22.93
N CYS B 231 8.51 15.24 23.71
CA CYS B 231 7.71 14.06 23.39
C CYS B 231 7.01 14.20 22.04
N GLU B 232 6.44 15.37 21.77
CA GLU B 232 5.75 15.57 20.50
C GLU B 232 6.71 15.53 19.33
N THR B 233 7.91 16.11 19.49
CA THR B 233 8.91 16.03 18.42
C THR B 233 9.29 14.58 18.13
N ARG B 234 9.50 13.79 19.18
CA ARG B 234 9.85 12.39 18.98
C ARG B 234 8.72 11.64 18.27
N ARG B 235 7.47 11.90 18.66
CA ARG B 235 6.35 11.23 18.01
C ARG B 235 6.27 11.58 16.53
N GLY B 236 6.45 12.86 16.21
CA GLY B 236 6.42 13.27 14.81
C GLY B 236 7.52 12.61 14.00
N GLN B 237 8.73 12.54 14.56
CA GLN B 237 9.83 11.87 13.85
C GLN B 237 9.54 10.40 13.64
N VAL B 238 8.97 9.73 14.66
CA VAL B 238 8.64 8.32 14.54
C VAL B 238 7.63 8.11 13.40
N LEU B 239 6.58 8.93 13.38
CA LEU B 239 5.56 8.78 12.35
C LEU B 239 6.13 9.03 10.97
N LEU B 240 6.99 10.05 10.82
CA LEU B 240 7.57 10.35 9.52
C LEU B 240 8.44 9.20 9.03
N TRP B 241 9.29 8.65 9.90
CA TRP B 241 10.16 7.55 9.50
C TRP B 241 9.35 6.30 9.15
N SER B 242 8.31 6.01 9.93
CA SER B 242 7.47 4.85 9.63
C SER B 242 6.77 5.02 8.28
N ALA B 243 6.26 6.22 8.01
CA ALA B 243 5.62 6.47 6.72
C ALA B 243 6.61 6.33 5.57
N ASN B 244 7.84 6.81 5.77
CA ASN B 244 8.86 6.66 4.73
C ASN B 244 9.16 5.20 4.45
N LYS B 245 9.29 4.39 5.51
CA LYS B 245 9.68 2.99 5.32
C LYS B 245 8.54 2.16 4.75
N VAL B 246 7.29 2.47 5.12
CA VAL B 246 6.16 1.67 4.66
C VAL B 246 5.99 1.80 3.15
N PHE B 247 6.11 3.01 2.62
CA PHE B 247 5.85 3.28 1.22
C PHE B 247 7.06 3.01 0.33
N GLU B 248 8.11 2.37 0.86
CA GLU B 248 9.29 2.09 0.04
C GLU B 248 8.96 1.14 -1.11
N GLU B 249 8.21 0.08 -0.83
CA GLU B 249 7.85 -0.91 -1.83
C GLU B 249 6.67 -1.72 -1.30
N LEU B 250 6.34 -2.81 -2.00
CA LEU B 250 5.30 -3.73 -1.58
C LEU B 250 5.95 -5.04 -1.17
N THR B 251 5.78 -5.42 0.10
CA THR B 251 6.32 -6.66 0.62
C THR B 251 5.29 -7.29 1.54
N ASP B 252 5.68 -8.38 2.20
CA ASP B 252 4.80 -9.04 3.13
C ASP B 252 4.76 -8.29 4.47
N ILE B 253 3.93 -8.78 5.38
CA ILE B 253 3.74 -8.14 6.67
C ILE B 253 5.05 -8.14 7.47
N GLU B 254 5.75 -9.28 7.45
CA GLU B 254 6.92 -9.45 8.31
C GLU B 254 8.03 -8.47 7.94
N ARG B 255 8.34 -8.36 6.65
CA ARG B 255 9.41 -7.46 6.21
C ARG B 255 9.07 -6.01 6.54
N GLN B 256 7.82 -5.61 6.28
CA GLN B 256 7.39 -4.24 6.56
C GLN B 256 7.50 -3.93 8.04
N PHE B 257 7.01 -4.84 8.89
CA PHE B 257 7.05 -4.63 10.32
C PHE B 257 8.49 -4.54 10.82
N HIS B 258 9.37 -5.43 10.33
CA HIS B 258 10.75 -5.40 10.77
C HIS B 258 11.44 -4.11 10.36
N LYS B 259 11.22 -3.66 9.12
CA LYS B 259 11.84 -2.41 8.68
C LYS B 259 11.36 -1.24 9.53
N ALA B 260 10.05 -1.14 9.73
CA ALA B 260 9.49 -0.03 10.49
C ALA B 260 10.00 -0.03 11.93
N PHE B 261 10.08 -1.22 12.55
CA PHE B 261 10.51 -1.29 13.94
C PHE B 261 12.01 -1.06 14.09
N TYR B 262 12.80 -1.46 13.10
CA TYR B 262 14.25 -1.29 13.22
C TYR B 262 14.67 0.15 12.95
N THR B 263 14.01 0.84 12.01
CA THR B 263 14.44 2.19 11.65
C THR B 263 14.24 3.18 12.79
N VAL B 264 13.24 2.95 13.63
CA VAL B 264 12.90 3.88 14.69
C VAL B 264 13.38 3.41 16.06
N ARG B 265 14.41 2.56 16.10
CA ARG B 265 14.88 2.03 17.37
C ARG B 265 15.55 3.08 18.24
N ALA B 266 15.90 4.24 17.68
CA ALA B 266 16.57 5.28 18.44
C ALA B 266 15.63 6.30 19.05
N TYR B 267 14.38 6.36 18.60
CA TYR B 267 13.41 7.33 19.09
C TYR B 267 12.52 6.77 20.19
N LEU B 268 12.71 5.51 20.60
CA LEU B 268 11.82 4.90 21.58
C LEU B 268 12.38 4.94 22.99
N ASN B 269 13.70 4.90 23.15
CA ASN B 269 14.36 4.95 24.46
C ASN B 269 13.90 3.81 25.35
N CYS B 270 14.09 2.59 24.86
CA CYS B 270 13.73 1.39 25.58
C CYS B 270 14.91 0.43 25.60
N ASP B 271 14.94 -0.44 26.62
CA ASP B 271 16.00 -1.42 26.72
C ASP B 271 15.78 -2.59 25.78
N ARG B 272 14.60 -3.21 25.85
CA ARG B 272 14.24 -4.28 24.93
C ARG B 272 12.79 -4.09 24.50
N TYR B 273 12.47 -4.65 23.33
CA TYR B 273 11.08 -4.77 22.91
C TYR B 273 10.98 -5.90 21.90
N SER B 274 9.90 -6.67 22.00
CA SER B 274 9.70 -7.86 21.19
C SER B 274 8.37 -7.76 20.45
N VAL B 275 8.35 -8.26 19.21
CA VAL B 275 7.15 -8.27 18.39
C VAL B 275 6.84 -9.71 18.03
N GLY B 276 5.62 -10.14 18.33
CA GLY B 276 5.15 -11.47 17.98
C GLY B 276 4.01 -11.39 16.99
N LEU B 277 3.98 -12.34 16.06
CA LEU B 277 2.99 -12.35 14.99
C LEU B 277 2.05 -13.53 15.18
N LEU B 278 0.74 -13.25 15.13
CA LEU B 278 -0.28 -14.26 15.35
C LEU B 278 -0.71 -14.89 14.03
N ASP B 279 -1.07 -16.17 14.11
CA ASP B 279 -1.61 -16.87 12.96
C ASP B 279 -2.99 -16.33 12.60
N MET B 280 -3.31 -16.33 11.30
CA MET B 280 -4.55 -15.76 10.81
C MET B 280 -5.37 -16.79 10.04
N THR B 281 -5.29 -18.06 10.42
CA THR B 281 -6.03 -19.13 9.76
C THR B 281 -7.40 -19.24 10.42
N LYS B 282 -8.45 -18.89 9.66
CA LYS B 282 -9.80 -18.88 10.22
C LYS B 282 -10.35 -20.29 10.41
N GLU B 283 -10.16 -21.15 9.41
CA GLU B 283 -10.78 -22.47 9.40
C GLU B 283 -9.77 -23.52 8.94
N LYS B 284 -10.05 -24.77 9.32
CA LYS B 284 -9.22 -25.91 8.98
C LYS B 284 -9.84 -26.70 7.82
N GLU B 285 -9.01 -27.48 7.14
CA GLU B 285 -9.47 -28.31 6.05
C GLU B 285 -10.15 -29.57 6.58
N PHE B 286 -10.77 -30.31 5.66
CA PHE B 286 -11.53 -31.49 6.04
C PHE B 286 -10.63 -32.58 6.61
N PHE B 287 -9.46 -32.79 6.00
CA PHE B 287 -8.57 -33.85 6.46
C PHE B 287 -7.89 -33.52 7.79
N ASP B 288 -8.01 -32.28 8.27
CA ASP B 288 -7.51 -31.93 9.59
C ASP B 288 -8.60 -31.94 10.66
N VAL B 289 -9.88 -31.79 10.27
CA VAL B 289 -10.96 -31.86 11.24
C VAL B 289 -11.49 -33.29 11.37
N TRP B 290 -11.22 -34.16 10.41
CA TRP B 290 -11.66 -35.55 10.51
C TRP B 290 -11.18 -36.24 11.79
N PRO B 291 -9.91 -36.19 12.17
CA PRO B 291 -9.50 -36.93 13.39
C PRO B 291 -10.20 -36.47 14.65
N VAL B 292 -10.43 -35.17 14.80
CA VAL B 292 -11.12 -34.66 15.99
C VAL B 292 -12.56 -35.14 16.00
N LEU B 293 -13.24 -35.07 14.86
CA LEU B 293 -14.63 -35.49 14.80
C LEU B 293 -14.79 -36.99 14.92
N MET B 294 -13.75 -37.78 14.65
CA MET B 294 -13.79 -39.22 14.81
C MET B 294 -13.24 -39.68 16.16
N GLY B 295 -12.87 -38.76 17.04
CA GLY B 295 -12.38 -39.13 18.35
C GLY B 295 -10.98 -39.66 18.39
N GLU B 296 -10.20 -39.46 17.33
CA GLU B 296 -8.80 -39.88 17.34
C GLU B 296 -7.89 -38.85 18.01
N ALA B 297 -8.30 -37.60 18.03
CA ALA B 297 -7.55 -36.54 18.70
C ALA B 297 -8.52 -35.66 19.48
N GLN B 298 -8.01 -35.03 20.53
CA GLN B 298 -8.82 -34.20 21.41
C GLN B 298 -8.99 -32.81 20.81
N ALA B 299 -10.19 -32.25 20.96
CA ALA B 299 -10.47 -30.92 20.44
C ALA B 299 -9.66 -29.87 21.19
N TYR B 300 -9.35 -28.79 20.49
CA TYR B 300 -8.56 -27.71 21.09
C TYR B 300 -9.33 -27.05 22.22
N SER B 301 -8.64 -26.80 23.33
CA SER B 301 -9.22 -26.14 24.49
C SER B 301 -8.16 -25.20 25.07
N GLY B 302 -8.30 -23.91 24.77
CA GLY B 302 -7.35 -22.93 25.22
C GLY B 302 -7.82 -21.51 24.96
N PRO B 303 -6.91 -20.55 25.09
CA PRO B 303 -7.28 -19.15 24.84
C PRO B 303 -7.71 -18.94 23.40
N ARG B 304 -8.66 -18.02 23.20
CA ARG B 304 -9.14 -17.67 21.88
C ARG B 304 -9.26 -16.16 21.78
N THR B 305 -8.85 -15.62 20.63
CA THR B 305 -8.96 -14.20 20.38
C THR B 305 -10.43 -13.80 20.25
N PRO B 306 -10.74 -12.52 20.44
CA PRO B 306 -12.15 -12.09 20.28
C PRO B 306 -12.70 -12.36 18.89
N ASP B 307 -11.85 -12.50 17.88
CA ASP B 307 -12.32 -12.91 16.56
C ASP B 307 -12.68 -14.39 16.51
N GLY B 308 -12.26 -15.18 17.48
CA GLY B 308 -12.54 -16.60 17.52
C GLY B 308 -11.42 -17.50 17.08
N ARG B 309 -10.26 -16.95 16.73
CA ARG B 309 -9.14 -17.77 16.29
C ARG B 309 -8.44 -18.39 17.50
N GLU B 310 -7.32 -19.05 17.24
CA GLU B 310 -6.48 -19.62 18.27
C GLU B 310 -5.19 -18.83 18.38
N ILE B 311 -4.81 -18.46 19.60
CA ILE B 311 -3.57 -17.72 19.82
C ILE B 311 -2.41 -18.65 19.51
N LEU B 312 -1.62 -18.30 18.50
CA LEU B 312 -0.45 -19.10 18.12
C LEU B 312 0.57 -18.16 17.50
N PHE B 313 1.60 -17.80 18.27
CA PHE B 313 2.66 -16.93 17.78
C PHE B 313 3.60 -17.77 16.92
N TYR B 314 3.56 -17.55 15.60
CA TYR B 314 4.36 -18.32 14.68
C TYR B 314 5.69 -17.66 14.33
N LYS B 315 6.00 -16.50 14.93
CA LYS B 315 7.28 -15.85 14.74
C LYS B 315 7.42 -14.73 15.77
N VAL B 316 8.61 -14.60 16.33
CA VAL B 316 8.91 -13.57 17.32
C VAL B 316 10.26 -12.95 16.98
N ILE B 317 10.32 -11.63 16.96
CA ILE B 317 11.54 -10.89 16.66
C ILE B 317 11.93 -10.10 17.90
N ASP B 318 13.15 -10.29 18.37
CA ASP B 318 13.65 -9.61 19.57
C ASP B 318 14.59 -8.48 19.19
N TYR B 319 14.57 -7.42 20.00
CA TYR B 319 15.43 -6.25 19.81
C TYR B 319 16.12 -5.96 21.14
N ILE B 320 17.35 -6.44 21.29
CA ILE B 320 18.13 -6.21 22.50
C ILE B 320 19.00 -4.98 22.27
N LEU B 321 18.81 -3.95 23.10
CA LEU B 321 19.45 -2.66 22.90
C LEU B 321 20.30 -2.18 24.06
N HIS B 322 20.10 -2.72 25.27
CA HIS B 322 20.81 -2.17 26.43
C HIS B 322 22.31 -2.38 26.35
N GLY B 323 22.74 -3.55 25.87
CA GLY B 323 24.15 -3.82 25.72
C GLY B 323 24.65 -3.62 24.31
N LYS B 324 24.89 -4.72 23.60
CA LYS B 324 25.25 -4.69 22.19
C LYS B 324 24.03 -5.10 21.37
N GLU B 325 23.77 -4.37 20.28
CA GLU B 325 22.60 -4.64 19.46
C GLU B 325 22.60 -6.08 18.97
N ASP B 326 21.48 -6.78 19.20
CA ASP B 326 21.36 -8.19 18.81
C ASP B 326 19.91 -8.42 18.42
N ILE B 327 19.63 -8.38 17.12
CA ILE B 327 18.29 -8.64 16.60
C ILE B 327 18.21 -10.12 16.24
N LYS B 328 17.26 -10.82 16.85
CA LYS B 328 17.11 -12.26 16.65
C LYS B 328 15.70 -12.56 16.19
N VAL B 329 15.57 -13.56 15.31
CA VAL B 329 14.29 -14.01 14.79
C VAL B 329 14.12 -15.47 15.18
N ILE B 330 13.02 -15.77 15.86
CA ILE B 330 12.72 -17.13 16.33
C ILE B 330 11.70 -17.73 15.36
N PRO B 331 12.06 -18.79 14.61
CA PRO B 331 11.09 -19.40 13.69
C PRO B 331 9.85 -19.91 14.39
N SER B 332 10.01 -20.79 15.36
CA SER B 332 8.90 -21.31 16.16
C SER B 332 9.15 -20.97 17.62
N PRO B 333 8.50 -19.94 18.17
CA PRO B 333 8.77 -19.52 19.54
C PRO B 333 8.39 -20.60 20.53
N PRO B 334 9.33 -21.04 21.37
CA PRO B 334 8.99 -22.02 22.41
C PRO B 334 8.08 -21.41 23.46
N ALA B 335 7.35 -22.29 24.15
CA ALA B 335 6.41 -21.83 25.18
C ALA B 335 7.13 -21.18 26.36
N ASP B 336 8.44 -21.42 26.52
CA ASP B 336 9.21 -20.85 27.62
C ASP B 336 10.12 -19.71 27.16
N HIS B 337 9.72 -19.00 26.10
CA HIS B 337 10.47 -17.84 25.66
C HIS B 337 10.44 -16.75 26.72
N TRP B 338 11.53 -15.98 26.80
CA TRP B 338 11.66 -14.99 27.86
C TRP B 338 10.56 -13.93 27.80
N ALA B 339 9.98 -13.72 26.62
CA ALA B 339 8.87 -12.78 26.48
C ALA B 339 7.52 -13.47 26.65
N LEU B 340 7.37 -14.68 26.13
CA LEU B 340 6.10 -15.39 26.20
C LEU B 340 5.84 -15.99 27.58
N ALA B 341 6.91 -16.30 28.33
CA ALA B 341 6.74 -16.96 29.62
C ALA B 341 6.00 -16.08 30.63
N SER B 342 5.98 -14.77 30.42
CA SER B 342 5.24 -13.89 31.31
C SER B 342 3.74 -14.15 31.24
N GLY B 343 3.24 -14.48 30.05
CA GLY B 343 1.83 -14.65 29.83
C GLY B 343 1.09 -13.38 29.47
N LEU B 344 1.77 -12.22 29.53
CA LEU B 344 1.12 -10.96 29.15
C LEU B 344 0.72 -10.91 27.68
N PRO B 345 1.56 -11.29 26.71
CA PRO B 345 1.10 -11.23 25.31
C PRO B 345 -0.13 -12.09 25.04
N THR B 346 -0.22 -13.26 25.67
CA THR B 346 -1.41 -14.10 25.48
C THR B 346 -2.66 -13.41 26.00
N TYR B 347 -2.57 -12.79 27.18
CA TYR B 347 -3.71 -12.08 27.73
C TYR B 347 -4.10 -10.89 26.86
N VAL B 348 -3.09 -10.18 26.32
CA VAL B 348 -3.36 -9.06 25.44
C VAL B 348 -4.08 -9.53 24.18
N ALA B 349 -3.63 -10.67 23.62
CA ALA B 349 -4.30 -11.22 22.44
C ALA B 349 -5.74 -11.63 22.76
N GLU B 350 -5.95 -12.24 23.93
CA GLU B 350 -7.30 -12.64 24.31
C GLU B 350 -8.22 -11.44 24.48
N SER B 351 -7.73 -10.37 25.11
CA SER B 351 -8.58 -9.23 25.46
C SER B 351 -8.42 -8.08 24.46
N GLY B 352 -7.20 -7.59 24.28
CA GLY B 352 -6.98 -6.42 23.44
C GLY B 352 -6.89 -5.15 24.25
N PHE B 353 -6.19 -5.22 25.38
CA PHE B 353 -6.06 -4.10 26.30
C PHE B 353 -4.61 -3.63 26.34
N ILE B 354 -4.43 -2.31 26.47
CA ILE B 354 -3.10 -1.75 26.68
C ILE B 354 -2.76 -1.88 28.16
N CYS B 355 -1.72 -2.63 28.46
CA CYS B 355 -1.36 -2.98 29.83
C CYS B 355 -0.10 -2.23 30.25
N ASN B 356 -0.18 -1.54 31.39
CA ASN B 356 0.95 -0.83 31.96
C ASN B 356 1.28 -1.42 33.32
N ILE B 357 2.53 -1.81 33.51
CA ILE B 357 2.99 -2.43 34.74
C ILE B 357 4.09 -1.57 35.34
N MET B 358 3.96 -1.28 36.64
CA MET B 358 4.94 -0.45 37.34
C MET B 358 6.04 -1.29 38.00
N ASN B 359 5.66 -2.22 38.86
CA ASN B 359 6.61 -3.08 39.55
C ASN B 359 6.32 -4.52 39.14
N ALA B 360 6.96 -4.94 38.04
CA ALA B 360 6.73 -6.28 37.51
C ALA B 360 7.11 -7.38 38.50
N PRO B 361 8.26 -7.32 39.19
CA PRO B 361 8.57 -8.40 40.16
C PRO B 361 7.49 -8.61 41.21
N ALA B 362 6.87 -7.54 41.68
CA ALA B 362 5.81 -7.64 42.69
C ALA B 362 4.43 -7.65 42.03
N ASP B 363 4.22 -8.64 41.17
CA ASP B 363 2.96 -8.81 40.47
C ASP B 363 2.43 -10.23 40.69
N GLU B 364 1.11 -10.36 40.64
CA GLU B 364 0.43 -11.62 40.91
C GLU B 364 -0.38 -12.14 39.74
N MET B 365 -0.94 -11.27 38.91
CA MET B 365 -1.76 -11.73 37.78
C MET B 365 -0.91 -12.47 36.76
N PHE B 366 0.20 -11.88 36.37
CA PHE B 366 1.15 -12.51 35.45
C PHE B 366 2.43 -12.83 36.21
N ASN B 367 2.99 -13.99 35.93
CA ASN B 367 4.24 -14.42 36.57
C ASN B 367 5.42 -13.87 35.75
N PHE B 368 6.46 -13.45 36.46
CA PHE B 368 7.70 -13.03 35.84
C PHE B 368 8.85 -13.82 36.44
N GLN B 369 10.04 -13.65 35.85
CA GLN B 369 11.20 -14.42 36.30
C GLN B 369 11.60 -14.03 37.71
N GLU B 370 11.37 -12.78 38.11
CA GLU B 370 11.74 -12.26 39.42
C GLU B 370 13.22 -12.47 39.72
N GLY B 371 14.06 -12.30 38.70
CA GLY B 371 15.47 -12.51 38.81
C GLY B 371 16.21 -12.14 37.54
N PRO B 372 17.52 -12.39 37.51
CA PRO B 372 18.31 -12.03 36.32
C PRO B 372 17.93 -12.86 35.11
N LEU B 373 17.39 -12.20 34.08
CA LEU B 373 17.05 -12.90 32.83
C LEU B 373 18.30 -13.45 32.15
N ASP B 374 19.38 -12.67 32.14
CA ASP B 374 20.61 -13.03 31.45
C ASP B 374 21.78 -12.82 32.41
N ASP B 375 22.95 -13.33 32.01
CA ASP B 375 24.17 -13.13 32.78
C ASP B 375 24.51 -11.65 32.92
N SER B 376 24.00 -10.80 32.03
CA SER B 376 24.19 -9.36 32.15
C SER B 376 23.42 -8.76 33.33
N GLY B 377 22.54 -9.53 33.96
CA GLY B 377 21.78 -9.04 35.09
C GLY B 377 20.74 -7.99 34.74
N TRP B 378 20.05 -8.15 33.61
CA TRP B 378 18.97 -7.25 33.23
C TRP B 378 17.67 -7.81 33.76
N ILE B 379 17.08 -7.13 34.74
CA ILE B 379 15.87 -7.57 35.41
C ILE B 379 14.70 -6.73 34.91
N VAL B 380 13.60 -7.40 34.57
CA VAL B 380 12.42 -6.71 34.10
C VAL B 380 11.85 -5.86 35.23
N LYS B 381 11.63 -4.57 34.94
CA LYS B 381 11.08 -3.64 35.92
C LYS B 381 9.86 -2.86 35.44
N ASN B 382 9.68 -2.66 34.14
CA ASN B 382 8.52 -1.95 33.62
C ASN B 382 8.16 -2.53 32.27
N VAL B 383 6.88 -2.82 32.08
CA VAL B 383 6.39 -3.47 30.86
C VAL B 383 5.21 -2.67 30.32
N LEU B 384 5.06 -2.69 29.00
CA LEU B 384 3.94 -2.04 28.33
C LEU B 384 3.66 -2.79 27.04
N SER B 385 2.45 -3.35 26.94
CA SER B 385 2.07 -4.20 25.81
C SER B 385 0.85 -3.64 25.11
N MET B 386 0.85 -3.69 23.79
CA MET B 386 -0.24 -3.21 22.96
C MET B 386 -0.55 -4.21 21.85
N PRO B 387 -1.79 -4.26 21.39
CA PRO B 387 -2.12 -5.07 20.22
C PRO B 387 -1.87 -4.31 18.93
N ILE B 388 -1.91 -5.04 17.83
CA ILE B 388 -1.79 -4.47 16.49
C ILE B 388 -2.98 -4.99 15.69
N VAL B 389 -3.94 -4.11 15.41
CA VAL B 389 -5.17 -4.47 14.72
C VAL B 389 -5.20 -3.74 13.39
N ASN B 390 -5.82 -4.37 12.39
CA ASN B 390 -5.97 -3.75 11.08
C ASN B 390 -7.28 -2.95 11.05
N LYS B 391 -7.69 -2.53 9.84
CA LYS B 391 -8.93 -1.78 9.71
C LYS B 391 -10.17 -2.64 9.84
N LYS B 392 -10.02 -3.96 9.91
CA LYS B 392 -11.13 -4.88 10.11
C LYS B 392 -11.27 -5.31 11.56
N GLU B 393 -10.55 -4.66 12.47
CA GLU B 393 -10.60 -4.96 13.90
C GLU B 393 -10.22 -6.42 14.18
N GLU B 394 -9.10 -6.83 13.60
CA GLU B 394 -8.55 -8.17 13.81
C GLU B 394 -7.11 -8.06 14.27
N ILE B 395 -6.80 -8.68 15.41
CA ILE B 395 -5.45 -8.60 15.96
C ILE B 395 -4.50 -9.43 15.12
N VAL B 396 -3.41 -8.82 14.68
CA VAL B 396 -2.42 -9.48 13.85
C VAL B 396 -1.08 -9.65 14.55
N GLY B 397 -0.93 -9.10 15.75
CA GLY B 397 0.32 -9.24 16.48
C GLY B 397 0.24 -8.51 17.81
N VAL B 398 1.32 -8.65 18.58
CA VAL B 398 1.42 -8.03 19.89
C VAL B 398 2.82 -7.44 20.04
N ALA B 399 2.89 -6.19 20.47
CA ALA B 399 4.16 -5.50 20.70
C ALA B 399 4.30 -5.19 22.18
N THR B 400 5.46 -5.53 22.76
CA THR B 400 5.71 -5.36 24.17
C THR B 400 7.05 -4.65 24.37
N PHE B 401 7.06 -3.67 25.26
CA PHE B 401 8.24 -2.83 25.51
C PHE B 401 8.66 -2.94 26.97
N TYR B 402 9.97 -2.88 27.21
CA TYR B 402 10.53 -3.11 28.53
C TYR B 402 11.49 -2.01 28.93
N ASN B 403 11.45 -1.63 30.21
CA ASN B 403 12.57 -0.99 30.90
C ASN B 403 13.03 0.29 30.20
N ARG B 404 12.17 1.31 30.25
CA ARG B 404 12.52 2.64 29.80
C ARG B 404 13.92 3.04 30.28
N LYS B 405 14.68 3.67 29.40
CA LYS B 405 16.10 3.89 29.65
C LYS B 405 16.33 4.82 30.84
N ASP B 406 15.54 5.89 30.94
CA ASP B 406 15.76 6.87 31.99
C ASP B 406 15.47 6.35 33.39
N GLY B 407 14.83 5.19 33.51
CA GLY B 407 14.58 4.60 34.81
C GLY B 407 13.29 5.01 35.47
N LYS B 408 12.28 5.38 34.70
CA LYS B 408 11.00 5.83 35.21
C LYS B 408 9.88 5.00 34.60
N PRO B 409 8.77 4.85 35.31
CA PRO B 409 7.65 4.07 34.76
C PRO B 409 7.05 4.75 33.54
N PHE B 410 6.46 3.93 32.66
CA PHE B 410 5.83 4.45 31.45
C PHE B 410 4.67 5.37 31.81
N ASP B 411 4.71 6.59 31.29
CA ASP B 411 3.69 7.59 31.57
C ASP B 411 2.73 7.71 30.37
N GLU B 412 1.86 8.72 30.42
CA GLU B 412 0.86 8.88 29.37
C GLU B 412 1.49 9.17 28.02
N GLN B 413 2.57 9.97 28.01
CA GLN B 413 3.19 10.36 26.74
C GLN B 413 3.76 9.13 26.00
N ASP B 414 4.42 8.24 26.74
CA ASP B 414 4.97 7.04 26.11
C ASP B 414 3.86 6.15 25.58
N GLU B 415 2.77 6.02 26.33
CA GLU B 415 1.63 5.24 25.86
C GLU B 415 1.06 5.83 24.57
N VAL B 416 0.93 7.16 24.51
CA VAL B 416 0.41 7.80 23.32
C VAL B 416 1.34 7.57 22.13
N LEU B 417 2.65 7.73 22.35
CA LEU B 417 3.61 7.56 21.27
C LEU B 417 3.58 6.14 20.70
N MET B 418 3.70 5.14 21.57
CA MET B 418 3.75 3.77 21.10
C MET B 418 2.40 3.32 20.55
N GLU B 419 1.30 3.82 21.11
CA GLU B 419 -0.02 3.52 20.55
C GLU B 419 -0.16 4.10 19.15
N SER B 420 0.36 5.31 18.94
CA SER B 420 0.33 5.89 17.60
C SER B 420 1.17 5.07 16.62
N LEU B 421 2.34 4.62 17.06
CA LEU B 421 3.18 3.80 16.20
C LEU B 421 2.47 2.50 15.82
N THR B 422 1.89 1.80 16.79
CA THR B 422 1.21 0.55 16.49
C THR B 422 -0.06 0.78 15.68
N GLN B 423 -0.73 1.92 15.90
CA GLN B 423 -1.92 2.25 15.12
C GLN B 423 -1.56 2.46 13.65
N PHE B 424 -0.47 3.19 13.40
CA PHE B 424 -0.02 3.40 12.03
C PHE B 424 0.40 2.09 11.39
N LEU B 425 1.12 1.24 12.13
CA LEU B 425 1.55 -0.03 11.56
C LEU B 425 0.38 -0.97 11.31
N GLY B 426 -0.70 -0.85 12.11
CA GLY B 426 -1.85 -1.69 11.88
C GLY B 426 -2.57 -1.38 10.59
N TRP B 427 -2.69 -0.09 10.25
CA TRP B 427 -3.37 0.28 9.00
C TRP B 427 -2.57 -0.13 7.77
N SER B 428 -1.25 -0.25 7.91
CA SER B 428 -0.38 -0.54 6.77
C SER B 428 -0.50 -1.98 6.30
N VAL B 429 -1.25 -2.83 7.00
CA VAL B 429 -1.43 -4.22 6.59
C VAL B 429 -2.11 -4.32 5.23
N LEU B 430 -2.88 -3.29 4.85
CA LEU B 430 -3.55 -3.30 3.54
C LEU B 430 -2.56 -3.47 2.39
N ASN B 431 -1.32 -3.02 2.57
CA ASN B 431 -0.30 -3.23 1.55
C ASN B 431 0.00 -4.72 1.36
N THR B 432 0.06 -5.47 2.46
CA THR B 432 0.39 -6.90 2.37
C THR B 432 -0.69 -7.67 1.65
N ASP B 433 -1.97 -7.35 1.92
CA ASP B 433 -3.06 -8.03 1.22
C ASP B 433 -3.00 -7.77 -0.28
N THR B 434 -2.72 -6.52 -0.67
CA THR B 434 -2.57 -6.20 -2.08
C THR B 434 -1.39 -6.92 -2.69
N TYR B 435 -0.29 -7.04 -1.95
CA TYR B 435 0.87 -7.79 -2.42
C TYR B 435 0.50 -9.24 -2.73
N ASP B 436 -0.18 -9.90 -1.78
CA ASP B 436 -0.58 -11.28 -1.98
C ASP B 436 -1.56 -11.42 -3.15
N LYS B 437 -2.52 -10.49 -3.26
CA LYS B 437 -3.49 -10.55 -4.35
C LYS B 437 -2.82 -10.36 -5.70
N MET B 438 -1.85 -9.44 -5.79
CA MET B 438 -1.11 -9.23 -7.02
C MET B 438 -0.32 -10.48 -7.40
N ASN B 439 0.34 -11.12 -6.42
CA ASN B 439 1.10 -12.32 -6.71
C ASN B 439 0.18 -13.43 -7.23
N LYS B 440 -0.98 -13.61 -6.58
CA LYS B 440 -1.91 -14.65 -7.02
C LYS B 440 -2.45 -14.36 -8.42
N LEU B 441 -2.77 -13.09 -8.70
CA LEU B 441 -3.25 -12.74 -10.04
C LEU B 441 -2.19 -13.01 -11.10
N GLU B 442 -0.93 -12.66 -10.80
CA GLU B 442 0.14 -12.91 -11.74
C GLU B 442 0.31 -14.40 -12.01
N ASN B 443 0.28 -15.21 -10.95
CA ASN B 443 0.39 -16.66 -11.12
C ASN B 443 -0.75 -17.21 -11.97
N ARG B 444 -1.99 -16.75 -11.70
CA ARG B 444 -3.13 -17.22 -12.46
C ARG B 444 -3.01 -16.83 -13.93
N LYS B 445 -2.58 -15.60 -14.21
CA LYS B 445 -2.40 -15.17 -15.59
C LYS B 445 -1.34 -16.00 -16.31
N ASP B 446 -0.23 -16.29 -15.62
CA ASP B 446 0.81 -17.12 -16.24
C ASP B 446 0.30 -18.51 -16.54
N ILE B 447 -0.47 -19.10 -15.61
CA ILE B 447 -1.03 -20.42 -15.85
C ILE B 447 -1.95 -20.40 -17.06
N ALA B 448 -2.81 -19.39 -17.14
CA ALA B 448 -3.73 -19.28 -18.27
C ALA B 448 -2.98 -19.11 -19.58
N GLN B 449 -1.92 -18.31 -19.58
CA GLN B 449 -1.12 -18.14 -20.78
C GLN B 449 -0.48 -19.46 -21.23
N ASP B 450 0.02 -20.24 -20.29
CA ASP B 450 0.60 -21.54 -20.64
C ASP B 450 -0.46 -22.47 -21.24
N MET B 451 -1.64 -22.52 -20.62
CA MET B 451 -2.69 -23.38 -21.15
C MET B 451 -3.15 -22.93 -22.53
N VAL B 452 -3.15 -21.63 -22.78
CA VAL B 452 -3.43 -21.13 -24.13
C VAL B 452 -2.34 -21.58 -25.09
N LEU B 453 -1.08 -21.46 -24.67
CA LEU B 453 0.03 -21.75 -25.57
C LEU B 453 0.07 -23.21 -25.97
N TYR B 454 -0.33 -24.11 -25.07
CA TYR B 454 -0.31 -25.54 -25.42
C TYR B 454 -1.24 -25.83 -26.59
N HIS B 455 -2.46 -25.27 -26.56
CA HIS B 455 -3.44 -25.61 -27.58
C HIS B 455 -3.08 -25.01 -28.93
N VAL B 456 -2.60 -23.76 -28.95
CA VAL B 456 -2.32 -23.09 -30.21
C VAL B 456 -1.10 -23.70 -30.90
N ARG B 457 -0.07 -24.05 -30.13
CA ARG B 457 1.19 -24.51 -30.70
C ARG B 457 0.99 -25.79 -31.50
N CYS B 458 1.95 -26.05 -32.39
CA CYS B 458 1.93 -27.22 -33.27
C CYS B 458 2.75 -28.33 -32.64
N ASP B 459 2.11 -29.48 -32.43
CA ASP B 459 2.73 -30.60 -31.73
C ASP B 459 3.66 -31.36 -32.69
N ARG B 460 4.16 -32.50 -32.22
CA ARG B 460 5.08 -33.30 -33.03
C ARG B 460 4.35 -33.98 -34.19
N GLU B 461 3.16 -34.52 -33.92
CA GLU B 461 2.42 -35.23 -34.97
C GLU B 461 1.95 -34.29 -36.07
N GLU B 462 1.52 -33.08 -35.71
CA GLU B 462 0.96 -32.16 -36.70
C GLU B 462 2.03 -31.68 -37.67
N ILE B 463 3.27 -31.50 -37.19
CA ILE B 463 4.32 -30.97 -38.06
C ILE B 463 4.70 -31.97 -39.14
N GLN B 464 4.37 -33.25 -38.95
CA GLN B 464 4.75 -34.27 -39.93
C GLN B 464 3.93 -34.18 -41.21
N LEU B 465 2.83 -33.42 -41.23
CA LEU B 465 2.10 -33.20 -42.47
C LEU B 465 2.87 -32.33 -43.44
N ILE B 466 3.83 -31.54 -42.95
CA ILE B 466 4.62 -30.67 -43.80
C ILE B 466 6.10 -31.06 -43.83
N LEU B 467 6.60 -31.70 -42.78
CA LEU B 467 8.02 -32.08 -42.67
C LEU B 467 8.09 -33.57 -42.41
N PRO B 468 7.90 -34.40 -43.43
CA PRO B 468 7.91 -35.85 -43.23
C PRO B 468 9.30 -36.42 -43.04
N THR B 469 9.99 -35.98 -41.99
CA THR B 469 11.32 -36.51 -41.69
C THR B 469 11.26 -37.83 -40.93
N ARG B 470 10.10 -38.23 -40.43
CA ARG B 470 9.99 -39.47 -39.69
C ARG B 470 10.15 -40.69 -40.58
N GLU B 471 9.83 -40.58 -41.87
CA GLU B 471 9.89 -41.68 -42.80
C GLU B 471 11.03 -41.55 -43.81
N ARG B 472 11.15 -40.39 -44.47
CA ARG B 472 12.18 -40.21 -45.48
C ARG B 472 13.57 -40.27 -44.86
N LEU B 473 13.74 -39.68 -43.68
CA LEU B 473 15.02 -39.71 -42.98
C LEU B 473 15.03 -40.66 -41.79
N GLY B 474 13.86 -41.10 -41.32
CA GLY B 474 13.81 -41.94 -40.13
C GLY B 474 14.34 -41.25 -38.89
N LYS B 475 14.02 -39.97 -38.71
CA LYS B 475 14.57 -39.19 -37.62
C LYS B 475 13.61 -38.07 -37.28
N GLU B 476 13.65 -37.62 -36.03
CA GLU B 476 12.80 -36.51 -35.61
C GLU B 476 13.29 -35.21 -36.26
N PRO B 477 12.37 -34.28 -36.54
CA PRO B 477 12.79 -33.02 -37.20
C PRO B 477 13.79 -32.22 -36.40
N ALA B 478 13.75 -32.30 -35.06
CA ALA B 478 14.67 -31.52 -34.24
C ALA B 478 16.12 -31.93 -34.47
N ASP B 479 16.37 -33.23 -34.62
CA ASP B 479 17.73 -33.73 -34.78
C ASP B 479 18.22 -33.68 -36.23
N CYS B 480 17.38 -33.28 -37.17
CA CYS B 480 17.80 -33.19 -38.56
C CYS B 480 18.74 -32.01 -38.77
N GLU B 481 19.52 -32.10 -39.84
CA GLU B 481 20.45 -31.05 -40.22
C GLU B 481 19.78 -30.06 -41.16
N GLU B 482 20.38 -28.87 -41.28
CA GLU B 482 19.79 -27.81 -42.08
C GLU B 482 19.67 -28.21 -43.55
N ASP B 483 20.71 -28.84 -44.10
CA ASP B 483 20.69 -29.24 -45.50
C ASP B 483 19.62 -30.29 -45.76
N GLU B 484 19.49 -31.28 -44.87
CA GLU B 484 18.46 -32.30 -45.03
C GLU B 484 17.07 -31.69 -44.94
N LEU B 485 16.87 -30.74 -44.00
CA LEU B 485 15.58 -30.08 -43.89
C LEU B 485 15.25 -29.29 -45.15
N GLY B 486 16.24 -28.60 -45.71
CA GLY B 486 16.00 -27.87 -46.95
C GLY B 486 15.68 -28.78 -48.11
N LYS B 487 16.39 -29.91 -48.21
CA LYS B 487 16.11 -30.88 -49.28
C LYS B 487 14.69 -31.44 -49.13
N ILE B 488 14.28 -31.73 -47.89
CA ILE B 488 12.92 -32.22 -47.66
C ILE B 488 11.91 -31.15 -48.04
N LEU B 489 12.16 -29.90 -47.66
CA LEU B 489 11.21 -28.83 -47.92
C LEU B 489 11.08 -28.52 -49.40
N LYS B 490 12.15 -28.72 -50.18
CA LYS B 490 12.10 -28.39 -51.60
C LYS B 490 11.05 -29.22 -52.33
N GLU B 491 10.95 -30.52 -52.01
CA GLU B 491 10.00 -31.38 -52.70
C GLU B 491 8.57 -31.04 -52.33
N VAL B 492 8.28 -30.92 -51.03
CA VAL B 492 6.90 -30.77 -50.58
C VAL B 492 6.34 -29.39 -50.96
N LEU B 493 7.16 -28.35 -50.85
CA LEU B 493 6.65 -27.00 -51.05
C LEU B 493 6.22 -26.80 -52.49
N PRO B 494 5.11 -26.09 -52.72
CA PRO B 494 4.65 -25.86 -54.10
C PRO B 494 5.62 -24.97 -54.87
N GLY B 495 5.58 -25.11 -56.19
CA GLY B 495 6.39 -24.31 -57.06
C GLY B 495 5.97 -22.85 -57.04
N PRO B 496 6.88 -21.95 -57.41
CA PRO B 496 6.55 -20.52 -57.40
C PRO B 496 5.38 -20.16 -58.31
N ALA B 497 5.21 -20.88 -59.42
CA ALA B 497 4.14 -20.61 -60.36
C ALA B 497 2.99 -21.61 -60.28
N LYS B 498 3.07 -22.59 -59.37
CA LYS B 498 2.00 -23.57 -59.24
C LYS B 498 0.70 -22.93 -58.78
N PHE B 499 0.78 -22.05 -57.78
CA PHE B 499 -0.40 -21.40 -57.22
C PHE B 499 -0.48 -19.92 -57.58
N ASP B 500 0.38 -19.45 -58.48
CA ASP B 500 0.42 -18.05 -58.95
C ASP B 500 0.22 -17.06 -57.80
N ILE B 501 1.15 -17.12 -56.83
CA ILE B 501 1.11 -16.21 -55.70
C ILE B 501 1.62 -14.82 -56.03
N TYR B 502 1.99 -14.57 -57.28
CA TYR B 502 2.48 -13.27 -57.71
C TYR B 502 1.40 -12.39 -58.33
N GLU B 503 0.17 -12.88 -58.43
CA GLU B 503 -0.87 -12.18 -59.17
C GLU B 503 -1.80 -11.44 -58.23
N PHE B 504 -2.58 -10.53 -58.82
CA PHE B 504 -3.57 -9.74 -58.09
C PHE B 504 -4.93 -10.43 -58.03
N HIS B 505 -5.07 -11.59 -58.65
CA HIS B 505 -6.35 -12.31 -58.70
C HIS B 505 -6.28 -13.67 -58.02
N PHE B 506 -5.33 -13.89 -57.12
CA PHE B 506 -5.18 -15.17 -56.45
C PHE B 506 -6.43 -15.48 -55.63
N SER B 507 -6.92 -16.72 -55.76
CA SER B 507 -8.12 -17.16 -55.07
C SER B 507 -7.80 -18.39 -54.24
N ASP B 508 -8.23 -18.38 -52.98
CA ASP B 508 -7.99 -19.50 -52.07
C ASP B 508 -9.16 -20.47 -51.99
N LEU B 509 -10.22 -20.25 -52.77
CA LEU B 509 -11.39 -21.12 -52.68
C LEU B 509 -11.10 -22.53 -53.18
N GLU B 510 -10.02 -22.73 -53.93
CA GLU B 510 -9.67 -24.03 -54.47
C GLU B 510 -8.46 -24.65 -53.78
N CYS B 511 -8.14 -24.19 -52.57
CA CYS B 511 -7.00 -24.69 -51.82
C CYS B 511 -7.41 -24.99 -50.39
N THR B 512 -6.81 -26.04 -49.81
CA THR B 512 -7.07 -26.37 -48.42
C THR B 512 -6.16 -25.57 -47.50
N GLU B 513 -6.38 -25.72 -46.20
CA GLU B 513 -5.62 -24.95 -45.22
C GLU B 513 -4.14 -25.28 -45.28
N LEU B 514 -3.80 -26.57 -45.42
CA LEU B 514 -2.41 -26.97 -45.50
C LEU B 514 -1.73 -26.39 -46.73
N GLU B 515 -2.46 -26.32 -47.86
CA GLU B 515 -1.90 -25.69 -49.05
C GLU B 515 -1.61 -24.22 -48.79
N LEU B 516 -2.49 -23.53 -48.07
CA LEU B 516 -2.24 -22.12 -47.74
C LEU B 516 -1.03 -21.97 -46.83
N VAL B 517 -0.84 -22.89 -45.88
CA VAL B 517 0.34 -22.84 -45.02
C VAL B 517 1.61 -23.04 -45.84
N LYS B 518 1.58 -24.00 -46.76
CA LYS B 518 2.74 -24.24 -47.61
C LYS B 518 3.03 -23.03 -48.50
N CYS B 519 1.99 -22.39 -49.01
CA CYS B 519 2.19 -21.17 -49.81
C CYS B 519 2.74 -20.04 -48.95
N GLY B 520 2.31 -19.95 -47.69
CA GLY B 520 2.87 -18.95 -46.80
C GLY B 520 4.36 -19.16 -46.56
N ILE B 521 4.78 -20.41 -46.42
CA ILE B 521 6.21 -20.70 -46.29
C ILE B 521 6.92 -20.40 -47.60
N GLN B 522 6.27 -20.70 -48.73
CA GLN B 522 6.88 -20.45 -50.03
C GLN B 522 7.09 -18.96 -50.29
N MET B 523 6.19 -18.11 -49.77
CA MET B 523 6.39 -16.67 -49.90
C MET B 523 7.65 -16.22 -49.18
N TYR B 524 7.87 -16.74 -47.97
CA TYR B 524 9.09 -16.40 -47.23
C TYR B 524 10.32 -16.90 -47.96
N TYR B 525 10.24 -18.09 -48.56
CA TYR B 525 11.36 -18.57 -49.37
C TYR B 525 11.60 -17.68 -50.58
N GLU B 526 10.52 -17.21 -51.21
CA GLU B 526 10.66 -16.36 -52.39
C GLU B 526 11.31 -15.03 -52.05
N LEU B 527 10.95 -14.44 -50.90
CA LEU B 527 11.52 -13.15 -50.53
C LEU B 527 13.02 -13.22 -50.27
N GLY B 528 13.57 -14.42 -50.08
CA GLY B 528 14.99 -14.58 -49.90
C GLY B 528 15.51 -14.28 -48.50
N VAL B 529 14.63 -14.02 -47.54
CA VAL B 529 15.08 -13.70 -46.19
C VAL B 529 15.47 -14.94 -45.41
N VAL B 530 15.15 -16.14 -45.91
CA VAL B 530 15.44 -17.36 -45.18
C VAL B 530 16.95 -17.59 -45.09
N ARG B 531 17.64 -17.47 -46.23
CA ARG B 531 19.07 -17.77 -46.26
C ARG B 531 19.90 -16.62 -45.69
N LYS B 532 19.43 -15.38 -45.82
CA LYS B 532 20.20 -14.24 -45.36
C LYS B 532 20.23 -14.15 -43.84
N PHE B 533 19.08 -14.36 -43.19
CA PHE B 533 18.96 -14.19 -41.75
C PHE B 533 19.11 -15.50 -40.98
N GLN B 534 19.42 -16.60 -41.66
CA GLN B 534 19.64 -17.89 -41.02
C GLN B 534 18.45 -18.31 -40.16
N ILE B 535 17.26 -18.16 -40.73
CA ILE B 535 16.03 -18.56 -40.05
C ILE B 535 15.95 -20.09 -40.05
N PRO B 536 15.83 -20.72 -38.88
CA PRO B 536 15.62 -22.17 -38.87
C PRO B 536 14.33 -22.53 -39.59
N GLN B 537 14.39 -23.58 -40.40
CA GLN B 537 13.25 -23.96 -41.22
C GLN B 537 12.17 -24.65 -40.40
N GLU B 538 12.57 -25.49 -39.43
CA GLU B 538 11.60 -26.10 -38.53
C GLU B 538 10.85 -25.04 -37.75
N VAL B 539 11.56 -24.02 -37.27
CA VAL B 539 10.91 -22.93 -36.54
C VAL B 539 9.93 -22.20 -37.44
N LEU B 540 10.31 -21.97 -38.70
CA LEU B 540 9.43 -21.28 -39.63
C LEU B 540 8.14 -22.08 -39.86
N VAL B 541 8.28 -23.39 -40.09
CA VAL B 541 7.12 -24.24 -40.32
C VAL B 541 6.23 -24.27 -39.08
N ARG B 542 6.83 -24.41 -37.90
CA ARG B 542 6.04 -24.43 -36.68
C ARG B 542 5.32 -23.11 -36.45
N PHE B 543 5.99 -21.99 -36.74
CA PHE B 543 5.35 -20.69 -36.58
C PHE B 543 4.17 -20.52 -37.53
N LEU B 544 4.34 -20.95 -38.79
CA LEU B 544 3.24 -20.85 -39.73
C LEU B 544 2.06 -21.72 -39.29
N PHE B 545 2.33 -22.94 -38.83
CA PHE B 545 1.26 -23.82 -38.38
C PHE B 545 0.56 -23.25 -37.16
N SER B 546 1.33 -22.68 -36.22
CA SER B 546 0.74 -22.10 -35.03
C SER B 546 -0.11 -20.90 -35.36
N VAL B 547 0.34 -20.07 -36.30
CA VAL B 547 -0.47 -18.92 -36.73
C VAL B 547 -1.76 -19.39 -37.38
N SER B 548 -1.68 -20.45 -38.19
CA SER B 548 -2.89 -21.00 -38.81
C SER B 548 -3.85 -21.51 -37.75
N LYS B 549 -3.32 -22.16 -36.71
CA LYS B 549 -4.20 -22.67 -35.65
C LYS B 549 -4.74 -21.56 -34.77
N GLY B 550 -4.05 -20.42 -34.69
CA GLY B 550 -4.48 -19.35 -33.82
C GLY B 550 -5.80 -18.72 -34.22
N TYR B 551 -6.08 -18.65 -35.52
CA TYR B 551 -7.32 -18.05 -35.99
C TYR B 551 -8.51 -18.91 -35.57
N ARG B 552 -9.60 -18.23 -35.23
CA ARG B 552 -10.81 -18.93 -34.80
C ARG B 552 -11.56 -19.47 -36.00
N ARG B 553 -12.49 -20.39 -35.73
CA ARG B 553 -13.31 -21.00 -36.77
C ARG B 553 -14.62 -20.22 -36.95
N ILE B 554 -14.47 -18.97 -37.35
CA ILE B 554 -15.61 -18.07 -37.54
C ILE B 554 -15.84 -17.89 -39.04
N THR B 555 -16.94 -17.20 -39.37
CA THR B 555 -17.39 -17.11 -40.76
C THR B 555 -16.35 -16.43 -41.64
N TYR B 556 -16.06 -15.16 -41.36
CA TYR B 556 -15.22 -14.35 -42.25
C TYR B 556 -13.77 -14.25 -41.78
N HIS B 557 -13.56 -13.82 -40.54
CA HIS B 557 -12.21 -13.52 -40.05
C HIS B 557 -11.49 -14.80 -39.59
N ASN B 558 -11.33 -15.72 -40.52
CA ASN B 558 -10.62 -16.96 -40.27
C ASN B 558 -9.22 -16.88 -40.89
N TRP B 559 -8.52 -18.02 -40.90
CA TRP B 559 -7.15 -18.07 -41.39
C TRP B 559 -7.05 -17.66 -42.85
N ARG B 560 -8.11 -17.91 -43.63
CA ARG B 560 -8.08 -17.57 -45.06
C ARG B 560 -7.95 -16.08 -45.27
N HIS B 561 -8.63 -15.27 -44.45
CA HIS B 561 -8.51 -13.83 -44.55
C HIS B 561 -7.09 -13.36 -44.26
N GLY B 562 -6.47 -13.92 -43.23
CA GLY B 562 -5.09 -13.56 -42.92
C GLY B 562 -4.14 -13.92 -44.05
N PHE B 563 -4.31 -15.11 -44.63
CA PHE B 563 -3.47 -15.49 -45.75
C PHE B 563 -3.69 -14.59 -46.96
N ASN B 564 -4.94 -14.23 -47.22
CA ASN B 564 -5.22 -13.33 -48.33
C ASN B 564 -4.57 -11.98 -48.14
N VAL B 565 -4.62 -11.43 -46.93
CA VAL B 565 -3.97 -10.15 -46.66
C VAL B 565 -2.46 -10.27 -46.83
N ALA B 566 -1.87 -11.36 -46.32
CA ALA B 566 -0.43 -11.53 -46.46
C ALA B 566 -0.02 -11.65 -47.93
N GLN B 567 -0.80 -12.41 -48.72
CA GLN B 567 -0.47 -12.56 -50.13
C GLN B 567 -0.64 -11.25 -50.88
N THR B 568 -1.66 -10.46 -50.52
CA THR B 568 -1.82 -9.16 -51.15
C THR B 568 -0.64 -8.24 -50.84
N MET B 569 -0.16 -8.27 -49.61
CA MET B 569 1.04 -7.50 -49.28
C MET B 569 2.24 -7.99 -50.07
N PHE B 570 2.39 -9.30 -50.19
CA PHE B 570 3.53 -9.84 -50.93
C PHE B 570 3.50 -9.41 -52.39
N THR B 571 2.32 -9.46 -53.02
CA THR B 571 2.24 -9.09 -54.42
C THR B 571 2.33 -7.58 -54.60
N LEU B 572 1.90 -6.80 -53.59
CA LEU B 572 2.13 -5.36 -53.64
C LEU B 572 3.62 -5.06 -53.60
N LEU B 573 4.37 -5.75 -52.75
CA LEU B 573 5.80 -5.54 -52.66
C LEU B 573 6.51 -5.99 -53.94
N MET B 574 6.11 -7.12 -54.50
CA MET B 574 6.83 -7.69 -55.64
C MET B 574 6.27 -7.20 -56.97
N THR B 575 5.00 -7.48 -57.24
CA THR B 575 4.42 -7.11 -58.53
C THR B 575 4.25 -5.60 -58.66
N GLY B 576 3.82 -4.94 -57.59
CA GLY B 576 3.59 -3.50 -57.65
C GLY B 576 4.83 -2.64 -57.61
N LYS B 577 6.01 -3.26 -57.45
CA LYS B 577 7.29 -2.55 -57.44
C LYS B 577 7.35 -1.50 -56.34
N LEU B 578 6.75 -1.82 -55.19
CA LEU B 578 6.88 -0.98 -54.00
C LEU B 578 8.03 -1.43 -53.11
N LYS B 579 8.75 -2.48 -53.50
CA LYS B 579 9.93 -2.93 -52.76
C LYS B 579 11.11 -1.98 -52.95
N SER B 580 11.07 -1.13 -53.98
CA SER B 580 12.20 -0.25 -54.26
C SER B 580 12.50 0.67 -53.08
N TYR B 581 11.46 1.09 -52.35
CA TYR B 581 11.63 2.00 -51.23
C TYR B 581 12.00 1.30 -49.92
N TYR B 582 11.94 -0.03 -49.87
CA TYR B 582 12.12 -0.77 -48.63
C TYR B 582 13.26 -1.77 -48.78
N THR B 583 13.86 -2.13 -47.66
CA THR B 583 14.93 -3.12 -47.62
C THR B 583 14.33 -4.51 -47.45
N ASP B 584 15.19 -5.52 -47.26
CA ASP B 584 14.72 -6.88 -47.06
C ASP B 584 14.13 -7.08 -45.66
N LEU B 585 14.74 -6.45 -44.65
CA LEU B 585 14.22 -6.55 -43.29
C LEU B 585 12.82 -5.95 -43.19
N GLU B 586 12.60 -4.82 -43.87
CA GLU B 586 11.28 -4.21 -43.86
C GLU B 586 10.24 -5.11 -44.50
N ALA B 587 10.58 -5.76 -45.62
CA ALA B 587 9.64 -6.67 -46.25
C ALA B 587 9.36 -7.89 -45.37
N PHE B 588 10.40 -8.40 -44.71
CA PHE B 588 10.23 -9.48 -43.74
C PHE B 588 9.21 -9.11 -42.67
N ALA B 589 9.41 -7.94 -42.04
CA ALA B 589 8.51 -7.49 -40.99
C ALA B 589 7.10 -7.25 -41.54
N MET B 590 7.02 -6.71 -42.76
CA MET B 590 5.71 -6.43 -43.35
C MET B 590 4.91 -7.69 -43.58
N VAL B 591 5.54 -8.73 -44.13
CA VAL B 591 4.84 -9.99 -44.36
C VAL B 591 4.45 -10.62 -43.03
N THR B 592 5.36 -10.61 -42.05
CA THR B 592 5.06 -11.20 -40.76
C THR B 592 3.88 -10.49 -40.08
N ALA B 593 3.84 -9.16 -40.16
CA ALA B 593 2.73 -8.42 -39.60
C ALA B 593 1.44 -8.64 -40.38
N GLY B 594 1.55 -8.84 -41.69
CA GLY B 594 0.36 -9.11 -42.48
C GLY B 594 -0.26 -10.46 -42.13
N LEU B 595 0.57 -11.44 -41.79
CA LEU B 595 0.04 -12.75 -41.41
C LEU B 595 -0.79 -12.67 -40.13
N CYS B 596 -0.34 -11.89 -39.15
CA CYS B 596 -0.92 -11.90 -37.81
C CYS B 596 -1.68 -10.61 -37.48
N HIS B 597 -2.46 -10.09 -38.43
CA HIS B 597 -3.20 -8.86 -38.19
C HIS B 597 -4.60 -9.09 -37.62
N ASP B 598 -5.12 -10.32 -37.71
CA ASP B 598 -6.42 -10.68 -37.15
C ASP B 598 -6.32 -12.02 -36.42
N ILE B 599 -5.29 -12.14 -35.58
CA ILE B 599 -4.88 -13.45 -35.07
C ILE B 599 -5.97 -14.08 -34.21
N ASP B 600 -6.69 -13.28 -33.44
CA ASP B 600 -7.67 -13.81 -32.50
C ASP B 600 -8.97 -13.02 -32.55
N HIS B 601 -9.48 -12.76 -33.75
CA HIS B 601 -10.73 -12.03 -33.89
C HIS B 601 -11.89 -12.88 -33.36
N ARG B 602 -12.72 -12.27 -32.51
CA ARG B 602 -13.85 -12.96 -31.91
C ARG B 602 -15.11 -12.91 -32.78
N GLY B 603 -15.11 -12.13 -33.86
CA GLY B 603 -16.26 -12.01 -34.71
C GLY B 603 -17.12 -10.78 -34.49
N THR B 604 -16.68 -9.83 -33.67
CA THR B 604 -17.42 -8.61 -33.41
C THR B 604 -16.49 -7.42 -33.50
N ASN B 605 -17.04 -6.26 -33.86
CA ASN B 605 -16.23 -5.08 -34.09
C ASN B 605 -15.94 -4.35 -32.78
N ASN B 606 -15.24 -3.22 -32.89
CA ASN B 606 -14.78 -2.49 -31.71
C ASN B 606 -15.95 -1.89 -30.94
N LEU B 607 -16.95 -1.36 -31.64
CA LEU B 607 -18.07 -0.70 -30.98
C LEU B 607 -18.85 -1.67 -30.10
N TYR B 608 -19.02 -2.91 -30.58
CA TYR B 608 -19.68 -3.92 -29.76
C TYR B 608 -18.86 -4.24 -28.52
N GLN B 609 -17.53 -4.26 -28.65
CA GLN B 609 -16.68 -4.46 -27.48
C GLN B 609 -16.86 -3.34 -26.48
N MET B 610 -16.95 -2.09 -26.94
CA MET B 610 -17.14 -0.96 -26.04
C MET B 610 -18.50 -1.03 -25.36
N LYS B 611 -19.55 -1.40 -26.10
CA LYS B 611 -20.90 -1.37 -25.54
C LYS B 611 -21.14 -2.50 -24.56
N SER B 612 -20.49 -3.66 -24.76
CA SER B 612 -20.72 -4.83 -23.92
C SER B 612 -19.78 -4.89 -22.71
N GLN B 613 -18.93 -3.88 -22.53
CA GLN B 613 -18.01 -3.81 -21.40
C GLN B 613 -17.13 -5.06 -21.30
N ASN B 614 -16.66 -5.52 -22.46
CA ASN B 614 -15.73 -6.64 -22.51
C ASN B 614 -14.41 -6.23 -21.86
N PRO B 615 -13.72 -7.16 -21.21
CA PRO B 615 -12.39 -6.85 -20.65
C PRO B 615 -11.42 -6.27 -21.67
N LEU B 616 -11.60 -6.60 -22.96
CA LEU B 616 -10.80 -5.96 -24.00
C LEU B 616 -11.03 -4.46 -24.01
N ALA B 617 -12.28 -4.03 -23.87
CA ALA B 617 -12.60 -2.61 -23.86
C ALA B 617 -12.09 -1.90 -22.61
N LYS B 618 -11.77 -2.65 -21.55
CA LYS B 618 -11.22 -2.04 -20.34
C LYS B 618 -9.71 -1.97 -20.37
N LEU B 619 -9.05 -3.05 -20.77
CA LEU B 619 -7.59 -3.05 -20.83
C LEU B 619 -7.09 -2.09 -21.90
N HIS B 620 -7.73 -2.08 -23.06
CA HIS B 620 -7.35 -1.21 -24.18
C HIS B 620 -8.38 -0.10 -24.32
N GLY B 621 -7.90 1.12 -24.53
CA GLY B 621 -8.78 2.28 -24.56
C GLY B 621 -9.10 2.83 -25.93
N SER B 622 -8.09 2.96 -26.79
CA SER B 622 -8.28 3.63 -28.08
C SER B 622 -8.61 2.64 -29.19
N SER B 623 -7.70 1.70 -29.46
CA SER B 623 -7.90 0.66 -30.46
C SER B 623 -8.02 -0.65 -29.70
N ILE B 624 -9.26 -1.10 -29.50
CA ILE B 624 -9.52 -2.25 -28.63
C ILE B 624 -8.98 -3.52 -29.26
N LEU B 625 -9.53 -3.90 -30.41
CA LEU B 625 -9.16 -5.18 -31.02
C LEU B 625 -7.78 -5.12 -31.65
N GLU B 626 -7.47 -4.02 -32.33
CA GLU B 626 -6.21 -3.93 -33.09
C GLU B 626 -5.00 -4.02 -32.17
N ARG B 627 -5.12 -3.56 -30.92
CA ARG B 627 -4.03 -3.72 -29.97
C ARG B 627 -3.95 -5.13 -29.42
N HIS B 628 -5.09 -5.82 -29.33
CA HIS B 628 -5.08 -7.19 -28.84
C HIS B 628 -4.37 -8.13 -29.80
N HIS B 629 -4.62 -7.97 -31.10
CA HIS B 629 -3.98 -8.84 -32.09
C HIS B 629 -2.47 -8.70 -32.06
N LEU B 630 -1.97 -7.46 -31.95
CA LEU B 630 -0.53 -7.25 -31.89
C LEU B 630 0.07 -7.91 -30.66
N GLU B 631 -0.59 -7.77 -29.50
CA GLU B 631 -0.09 -8.37 -28.28
C GLU B 631 -0.05 -9.90 -28.39
N PHE B 632 -1.12 -10.49 -28.92
CA PHE B 632 -1.15 -11.93 -29.07
C PHE B 632 -0.10 -12.42 -30.05
N GLY B 633 0.08 -11.70 -31.18
CA GLY B 633 1.09 -12.10 -32.14
C GLY B 633 2.49 -12.01 -31.58
N LYS B 634 2.79 -10.94 -30.84
CA LYS B 634 4.11 -10.84 -30.21
C LYS B 634 4.29 -11.88 -29.11
N PHE B 635 3.21 -12.28 -28.46
CA PHE B 635 3.30 -13.35 -27.46
C PHE B 635 3.73 -14.66 -28.09
N LEU B 636 3.17 -14.98 -29.26
CA LEU B 636 3.57 -16.20 -29.97
C LEU B 636 5.03 -16.13 -30.40
N LEU B 637 5.47 -14.98 -30.91
CA LEU B 637 6.84 -14.83 -31.38
C LEU B 637 7.86 -14.81 -30.26
N SER B 638 7.43 -14.62 -29.01
CA SER B 638 8.36 -14.62 -27.89
C SER B 638 8.84 -16.03 -27.54
N GLU B 639 8.03 -17.04 -27.83
CA GLU B 639 8.41 -18.42 -27.57
C GLU B 639 9.65 -18.80 -28.37
N GLU B 640 10.58 -19.51 -27.72
CA GLU B 640 11.84 -19.85 -28.37
C GLU B 640 11.65 -20.73 -29.60
N THR B 641 10.72 -21.69 -29.53
CA THR B 641 10.51 -22.60 -30.64
C THR B 641 9.76 -21.95 -31.80
N LEU B 642 9.09 -20.82 -31.58
CA LEU B 642 8.30 -20.16 -32.62
C LEU B 642 8.91 -18.83 -33.04
N ASN B 643 10.12 -18.51 -32.61
CA ASN B 643 10.73 -17.21 -32.86
C ASN B 643 11.52 -17.28 -34.17
N ILE B 644 10.96 -16.69 -35.24
CA ILE B 644 11.69 -16.62 -36.49
C ILE B 644 12.74 -15.52 -36.46
N TYR B 645 12.69 -14.63 -35.46
CA TYR B 645 13.68 -13.59 -35.27
C TYR B 645 14.83 -14.03 -34.37
N GLN B 646 15.12 -15.33 -34.33
CA GLN B 646 16.13 -15.86 -33.43
C GLN B 646 17.50 -15.26 -33.73
N ASN B 647 17.87 -15.18 -35.01
CA ASN B 647 19.17 -14.70 -35.43
C ASN B 647 19.00 -13.30 -36.03
N LEU B 648 19.03 -12.30 -35.15
CA LEU B 648 18.92 -10.90 -35.57
C LEU B 648 19.63 -10.05 -34.53
N ASN B 649 20.27 -8.98 -35.00
CA ASN B 649 20.92 -8.04 -34.09
C ASN B 649 19.87 -7.28 -33.28
N ARG B 650 20.33 -6.65 -32.20
CA ARG B 650 19.42 -5.92 -31.33
C ARG B 650 18.73 -4.79 -32.07
N ARG B 651 19.50 -4.02 -32.85
CA ARG B 651 18.92 -2.91 -33.59
C ARG B 651 17.90 -3.40 -34.61
N GLN B 652 18.23 -4.49 -35.33
CA GLN B 652 17.29 -5.05 -36.29
C GLN B 652 16.03 -5.55 -35.59
N HIS B 653 16.18 -6.17 -34.42
CA HIS B 653 15.03 -6.66 -33.68
C HIS B 653 14.11 -5.51 -33.27
N GLU B 654 14.69 -4.43 -32.74
CA GLU B 654 13.88 -3.27 -32.35
C GLU B 654 13.20 -2.65 -33.56
N HIS B 655 13.92 -2.55 -34.68
CA HIS B 655 13.33 -1.99 -35.90
C HIS B 655 12.16 -2.84 -36.36
N VAL B 656 12.31 -4.16 -36.36
CA VAL B 656 11.23 -5.05 -36.79
C VAL B 656 10.03 -4.93 -35.86
N ILE B 657 10.26 -4.88 -34.55
CA ILE B 657 9.16 -4.76 -33.61
C ILE B 657 8.42 -3.43 -33.82
N HIS B 658 9.17 -2.35 -34.01
CA HIS B 658 8.54 -1.05 -34.25
C HIS B 658 7.72 -1.07 -35.53
N LEU B 659 8.25 -1.67 -36.59
CA LEU B 659 7.51 -1.75 -37.85
C LEU B 659 6.25 -2.58 -37.70
N MET B 660 6.33 -3.69 -36.97
CA MET B 660 5.14 -4.51 -36.74
C MET B 660 4.09 -3.73 -35.94
N ASP B 661 4.53 -2.99 -34.93
CA ASP B 661 3.60 -2.18 -34.14
C ASP B 661 2.91 -1.14 -35.01
N ILE B 662 3.67 -0.49 -35.89
CA ILE B 662 3.06 0.50 -36.78
C ILE B 662 2.08 -0.17 -37.74
N ALA B 663 2.47 -1.32 -38.31
CA ALA B 663 1.67 -1.94 -39.36
C ALA B 663 0.36 -2.50 -38.82
N ILE B 664 0.41 -3.25 -37.72
CA ILE B 664 -0.78 -3.96 -37.24
C ILE B 664 -1.85 -2.96 -36.80
N ILE B 665 -1.45 -1.94 -36.04
CA ILE B 665 -2.42 -0.97 -35.55
C ILE B 665 -3.00 -0.14 -36.70
N ALA B 666 -2.23 0.02 -37.78
CA ALA B 666 -2.69 0.84 -38.90
C ALA B 666 -3.92 0.29 -39.59
N THR B 667 -4.24 -1.00 -39.39
CA THR B 667 -5.40 -1.59 -40.02
C THR B 667 -6.71 -1.01 -39.51
N ASP B 668 -6.70 -0.25 -38.41
CA ASP B 668 -7.91 0.39 -37.92
C ASP B 668 -8.41 1.40 -38.94
N LEU B 669 -9.73 1.38 -39.18
CA LEU B 669 -10.31 2.25 -40.21
C LEU B 669 -10.34 3.71 -39.74
N ALA B 670 -10.55 3.93 -38.44
CA ALA B 670 -10.59 5.30 -37.94
C ALA B 670 -9.25 6.01 -38.11
N LEU B 671 -8.16 5.30 -37.82
CA LEU B 671 -6.83 5.88 -38.02
C LEU B 671 -6.58 6.19 -39.49
N TYR B 672 -7.03 5.30 -40.38
CA TYR B 672 -6.89 5.56 -41.80
C TYR B 672 -7.68 6.80 -42.22
N PHE B 673 -8.89 6.96 -41.68
CA PHE B 673 -9.69 8.14 -42.00
C PHE B 673 -9.04 9.42 -41.49
N LYS B 674 -8.46 9.37 -40.29
CA LYS B 674 -7.83 10.56 -39.72
C LYS B 674 -6.61 10.98 -40.52
N LYS B 675 -5.62 10.10 -40.61
CA LYS B 675 -4.35 10.44 -41.27
C LYS B 675 -4.38 9.93 -42.72
N ARG B 676 -5.19 10.63 -43.52
CA ARG B 676 -5.41 10.25 -44.91
C ARG B 676 -4.80 11.22 -45.91
N THR B 677 -4.76 12.52 -45.60
CA THR B 677 -4.28 13.51 -46.56
C THR B 677 -2.77 13.55 -46.67
N MET B 678 -2.05 13.00 -45.68
CA MET B 678 -0.59 12.95 -45.77
C MET B 678 -0.14 12.11 -46.96
N PHE B 679 -0.81 10.98 -47.19
CA PHE B 679 -0.51 10.14 -48.35
C PHE B 679 -0.77 10.91 -49.64
N GLN B 680 -1.86 11.68 -49.69
CA GLN B 680 -2.14 12.49 -50.87
C GLN B 680 -1.04 13.51 -51.10
N LYS B 681 -0.56 14.16 -50.03
CA LYS B 681 0.52 15.12 -50.18
C LYS B 681 1.80 14.45 -50.67
N ILE B 682 2.09 13.25 -50.17
CA ILE B 682 3.28 12.53 -50.63
C ILE B 682 3.16 12.18 -52.11
N VAL B 683 1.97 11.73 -52.54
CA VAL B 683 1.77 11.41 -53.95
C VAL B 683 1.94 12.66 -54.80
N ASP B 684 1.37 13.78 -54.36
CA ASP B 684 1.49 15.03 -55.11
C ASP B 684 2.95 15.48 -55.21
N GLU B 685 3.71 15.31 -54.12
CA GLU B 685 5.14 15.61 -54.18
C GLU B 685 5.85 14.70 -55.18
N SER B 686 5.47 13.42 -55.22
CA SER B 686 6.08 12.50 -56.16
C SER B 686 5.79 12.89 -57.60
N LYS B 687 4.57 13.36 -57.87
CA LYS B 687 4.14 13.61 -59.25
C LYS B 687 4.95 14.68 -59.94
N ASN B 688 5.65 15.53 -59.20
CA ASN B 688 6.41 16.62 -59.80
C ASN B 688 7.92 16.49 -59.66
N TYR B 689 8.40 15.51 -58.90
CA TYR B 689 9.82 15.41 -58.59
C TYR B 689 10.68 15.22 -59.83
N GLU B 690 10.60 14.03 -60.42
CA GLU B 690 11.40 13.68 -61.59
C GLU B 690 11.00 12.30 -62.09
N ASP B 691 11.77 11.74 -63.03
CA ASP B 691 11.64 10.35 -63.42
C ASP B 691 11.76 9.44 -62.20
N ARG B 692 11.33 8.18 -62.34
CA ARG B 692 11.16 7.31 -61.18
C ARG B 692 12.46 7.08 -60.41
N LYS B 693 13.61 7.13 -61.10
CA LYS B 693 14.88 6.80 -60.45
C LYS B 693 15.20 7.78 -59.34
N SER B 694 15.04 9.09 -59.60
CA SER B 694 15.35 10.09 -58.58
C SER B 694 14.40 10.00 -57.40
N TRP B 695 13.11 9.76 -57.68
CA TRP B 695 12.14 9.61 -56.59
C TRP B 695 12.47 8.39 -55.73
N VAL B 696 12.87 7.29 -56.36
CA VAL B 696 13.28 6.11 -55.61
C VAL B 696 14.50 6.42 -54.76
N GLU B 697 15.47 7.15 -55.32
CA GLU B 697 16.66 7.52 -54.57
C GLU B 697 16.32 8.38 -53.37
N TYR B 698 15.39 9.33 -53.53
CA TYR B 698 15.06 10.24 -52.44
C TYR B 698 14.23 9.57 -51.36
N LEU B 699 13.13 8.93 -51.76
CA LEU B 699 12.18 8.38 -50.79
C LEU B 699 12.78 7.26 -49.96
N SER B 700 13.87 6.64 -50.41
CA SER B 700 14.50 5.57 -49.67
C SER B 700 15.09 6.03 -48.34
N LEU B 701 15.22 7.34 -48.13
CA LEU B 701 15.85 7.86 -46.91
C LEU B 701 14.88 8.51 -45.94
N GLU B 702 13.66 8.82 -46.35
CA GLU B 702 12.69 9.49 -45.48
C GLU B 702 11.96 8.44 -44.65
N THR B 703 12.20 8.44 -43.34
CA THR B 703 11.59 7.43 -42.48
C THR B 703 10.10 7.67 -42.29
N THR B 704 9.71 8.92 -42.02
CA THR B 704 8.31 9.21 -41.75
C THR B 704 7.42 8.95 -42.96
N ARG B 705 7.88 9.37 -44.14
CA ARG B 705 7.12 9.13 -45.37
C ARG B 705 7.00 7.65 -45.65
N LYS B 706 8.07 6.89 -45.42
CA LYS B 706 8.02 5.44 -45.59
C LYS B 706 7.03 4.81 -44.62
N GLU B 707 6.98 5.31 -43.38
CA GLU B 707 6.01 4.78 -42.42
C GLU B 707 4.57 5.09 -42.84
N ILE B 708 4.34 6.30 -43.35
CA ILE B 708 3.00 6.64 -43.82
C ILE B 708 2.59 5.75 -44.98
N VAL B 709 3.51 5.51 -45.92
CA VAL B 709 3.21 4.62 -47.04
C VAL B 709 3.00 3.19 -46.53
N MET B 710 3.72 2.80 -45.48
CA MET B 710 3.54 1.50 -44.85
C MET B 710 2.12 1.34 -44.33
N ALA B 711 1.64 2.36 -43.61
CA ALA B 711 0.28 2.31 -43.07
C ALA B 711 -0.75 2.29 -44.19
N MET B 712 -0.52 3.07 -45.25
CA MET B 712 -1.44 3.09 -46.37
C MET B 712 -1.49 1.73 -47.08
N MET B 713 -0.33 1.07 -47.21
CA MET B 713 -0.32 -0.26 -47.81
C MET B 713 -1.02 -1.27 -46.91
N MET B 714 -0.88 -1.14 -45.60
CA MET B 714 -1.65 -1.99 -44.68
C MET B 714 -3.14 -1.82 -44.92
N THR B 715 -3.60 -0.57 -45.00
CA THR B 715 -5.02 -0.32 -45.20
C THR B 715 -5.49 -0.87 -46.55
N ALA B 716 -4.69 -0.69 -47.60
CA ALA B 716 -5.07 -1.18 -48.92
C ALA B 716 -5.13 -2.70 -48.95
N CYS B 717 -4.20 -3.37 -48.27
CA CYS B 717 -4.21 -4.83 -48.24
C CYS B 717 -5.37 -5.36 -47.42
N ASP B 718 -5.76 -4.64 -46.36
CA ASP B 718 -6.85 -5.12 -45.51
C ASP B 718 -8.16 -5.22 -46.28
N LEU B 719 -8.47 -4.23 -47.11
CA LEU B 719 -9.69 -4.20 -47.89
C LEU B 719 -9.51 -4.77 -49.30
N SER B 720 -8.54 -5.66 -49.49
CA SER B 720 -8.24 -6.16 -50.83
C SER B 720 -9.31 -7.09 -51.38
N ALA B 721 -10.22 -7.58 -50.53
CA ALA B 721 -11.22 -8.54 -50.99
C ALA B 721 -12.19 -7.97 -52.00
N ILE B 722 -12.24 -6.64 -52.14
CA ILE B 722 -13.15 -6.03 -53.10
C ILE B 722 -12.56 -5.95 -54.51
N THR B 723 -11.24 -5.80 -54.63
CA THR B 723 -10.58 -5.64 -55.93
C THR B 723 -10.36 -6.97 -56.64
N LYS B 724 -11.10 -8.02 -56.27
CA LYS B 724 -11.02 -9.32 -56.89
C LYS B 724 -12.05 -9.42 -58.01
N PRO B 725 -11.87 -10.35 -58.95
CA PRO B 725 -12.83 -10.50 -60.04
C PRO B 725 -14.23 -10.82 -59.52
N TRP B 726 -15.23 -10.47 -60.33
CA TRP B 726 -16.62 -10.58 -59.92
C TRP B 726 -17.00 -12.02 -59.56
N GLU B 727 -16.28 -13.02 -60.07
CA GLU B 727 -16.53 -14.39 -59.65
C GLU B 727 -16.14 -14.60 -58.20
N VAL B 728 -14.94 -14.13 -57.81
CA VAL B 728 -14.52 -14.21 -56.42
C VAL B 728 -15.35 -13.26 -55.56
N GLN B 729 -15.65 -12.08 -56.08
CA GLN B 729 -16.57 -11.17 -55.42
C GLN B 729 -17.99 -11.74 -55.51
N SER B 730 -18.90 -11.13 -54.74
CA SER B 730 -20.30 -11.56 -54.67
C SER B 730 -20.43 -12.90 -53.98
N LYS B 731 -19.30 -13.49 -53.60
CA LYS B 731 -19.25 -14.66 -52.73
C LYS B 731 -18.64 -14.35 -51.37
N VAL B 732 -17.55 -13.59 -51.35
CA VAL B 732 -17.01 -13.10 -50.09
C VAL B 732 -17.95 -12.09 -49.45
N ALA B 733 -18.64 -11.29 -50.27
CA ALA B 733 -19.53 -10.26 -49.73
C ALA B 733 -20.66 -10.87 -48.91
N LEU B 734 -20.98 -12.14 -49.14
CA LEU B 734 -22.00 -12.81 -48.32
C LEU B 734 -21.45 -13.19 -46.95
N LEU B 735 -20.17 -13.52 -46.86
CA LEU B 735 -19.59 -13.93 -45.58
C LEU B 735 -19.59 -12.78 -44.59
N VAL B 736 -19.16 -11.60 -45.02
CA VAL B 736 -19.16 -10.43 -44.14
C VAL B 736 -20.57 -10.08 -43.72
N ALA B 737 -21.54 -10.23 -44.64
CA ALA B 737 -22.93 -9.99 -44.29
C ALA B 737 -23.41 -10.98 -43.23
N ALA B 738 -23.02 -12.24 -43.35
CA ALA B 738 -23.39 -13.23 -42.35
C ALA B 738 -22.80 -12.90 -40.99
N GLU B 739 -21.53 -12.49 -40.96
CA GLU B 739 -20.89 -12.13 -39.70
C GLU B 739 -21.59 -10.92 -39.08
N PHE B 740 -21.92 -9.92 -39.89
CA PHE B 740 -22.62 -8.74 -39.38
C PHE B 740 -23.99 -9.12 -38.84
N TRP B 741 -24.70 -10.01 -39.54
CA TRP B 741 -26.02 -10.43 -39.07
C TRP B 741 -25.92 -11.19 -37.76
N GLU B 742 -24.89 -12.02 -37.60
CA GLU B 742 -24.67 -12.71 -36.32
C GLU B 742 -24.41 -11.70 -35.20
N GLN B 743 -23.57 -10.70 -35.46
CA GLN B 743 -23.31 -9.68 -34.45
C GLN B 743 -24.58 -8.91 -34.11
N GLY B 744 -25.41 -8.63 -35.12
CA GLY B 744 -26.66 -7.94 -34.86
C GLY B 744 -27.62 -8.77 -34.02
N ASP B 745 -27.66 -10.07 -34.28
CA ASP B 745 -28.47 -10.95 -33.43
C ASP B 745 -27.97 -10.94 -32.00
N LEU B 746 -26.65 -10.99 -31.81
CA LEU B 746 -26.09 -10.91 -30.46
C LEU B 746 -26.46 -9.59 -29.79
N GLU B 747 -26.40 -8.49 -30.54
CA GLU B 747 -26.79 -7.19 -30.00
C GLU B 747 -28.26 -7.18 -29.60
N ARG B 748 -29.12 -7.76 -30.43
CA ARG B 748 -30.56 -7.73 -30.15
C ARG B 748 -30.90 -8.57 -28.93
N THR B 749 -30.27 -9.75 -28.79
CA THR B 749 -30.64 -10.63 -27.69
C THR B 749 -29.99 -10.19 -26.37
N VAL B 750 -28.69 -9.92 -26.40
CA VAL B 750 -27.97 -9.63 -25.16
C VAL B 750 -28.18 -8.18 -24.73
N LEU B 751 -27.75 -7.23 -25.56
CA LEU B 751 -27.83 -5.82 -25.19
C LEU B 751 -29.21 -5.23 -25.37
N ASP B 752 -30.09 -5.90 -26.10
CA ASP B 752 -31.46 -5.45 -26.33
C ASP B 752 -31.49 -4.05 -26.97
N GLN B 753 -30.77 -3.91 -28.08
CA GLN B 753 -30.74 -2.67 -28.84
C GLN B 753 -30.99 -2.98 -30.30
N GLN B 754 -31.68 -2.08 -30.99
CA GLN B 754 -31.99 -2.28 -32.39
C GLN B 754 -30.72 -2.06 -33.23
N PRO B 755 -30.33 -3.02 -34.06
CA PRO B 755 -29.09 -2.85 -34.83
C PRO B 755 -29.25 -1.86 -35.96
N ILE B 756 -28.12 -1.45 -36.51
CA ILE B 756 -28.07 -0.53 -37.65
C ILE B 756 -28.56 -1.26 -38.89
N PRO B 757 -28.97 -0.55 -39.95
CA PRO B 757 -29.54 -1.25 -41.11
C PRO B 757 -28.58 -2.22 -41.78
N MET B 758 -27.27 -2.06 -41.59
CA MET B 758 -26.32 -3.01 -42.13
C MET B 758 -26.31 -4.33 -41.38
N MET B 759 -26.60 -4.30 -40.07
CA MET B 759 -26.28 -5.39 -39.16
C MET B 759 -27.54 -6.09 -38.66
N ASP B 760 -28.52 -6.30 -39.53
CA ASP B 760 -29.72 -7.03 -39.18
C ASP B 760 -30.17 -7.89 -40.35
N ARG B 761 -30.67 -9.09 -40.06
CA ARG B 761 -31.03 -10.03 -41.12
C ARG B 761 -32.26 -9.59 -41.88
N ASN B 762 -33.13 -8.80 -41.26
CA ASN B 762 -34.38 -8.40 -41.93
C ASN B 762 -34.10 -7.58 -43.18
N LYS B 763 -33.13 -6.67 -43.13
CA LYS B 763 -32.76 -5.87 -44.28
C LYS B 763 -31.60 -6.52 -45.03
N ALA B 764 -31.85 -7.75 -45.48
CA ALA B 764 -30.85 -8.50 -46.24
C ALA B 764 -30.94 -8.23 -47.75
N ALA B 765 -31.98 -7.53 -48.20
CA ALA B 765 -32.13 -7.21 -49.61
C ALA B 765 -31.50 -5.87 -49.99
N GLU B 766 -30.97 -5.13 -49.02
CA GLU B 766 -30.30 -3.86 -49.28
C GLU B 766 -28.78 -4.00 -49.33
N LEU B 767 -28.26 -5.22 -49.36
CA LEU B 767 -26.82 -5.42 -49.39
C LEU B 767 -26.13 -4.77 -50.58
N PRO B 768 -26.63 -4.86 -51.82
CA PRO B 768 -25.95 -4.17 -52.92
C PRO B 768 -25.81 -2.67 -52.72
N LYS B 769 -26.85 -2.01 -52.19
CA LYS B 769 -26.77 -0.57 -51.97
C LYS B 769 -25.73 -0.24 -50.92
N LEU B 770 -25.67 -1.01 -49.83
CA LEU B 770 -24.67 -0.76 -48.80
C LEU B 770 -23.27 -1.02 -49.33
N GLN B 771 -23.09 -2.04 -50.16
CA GLN B 771 -21.79 -2.30 -50.76
C GLN B 771 -21.37 -1.16 -51.68
N VAL B 772 -22.31 -0.64 -52.47
CA VAL B 772 -22.02 0.49 -53.34
C VAL B 772 -21.61 1.71 -52.51
N GLY B 773 -22.32 1.96 -51.42
CA GLY B 773 -21.97 3.08 -50.55
C GLY B 773 -20.59 2.92 -49.93
N PHE B 774 -20.27 1.72 -49.46
CA PHE B 774 -18.95 1.47 -48.89
C PHE B 774 -17.86 1.67 -49.93
N ILE B 775 -18.09 1.18 -51.15
CA ILE B 775 -17.11 1.36 -52.22
C ILE B 775 -16.91 2.84 -52.51
N ASP B 776 -18.00 3.59 -52.59
CA ASP B 776 -17.89 5.02 -52.88
C ASP B 776 -17.19 5.77 -51.76
N PHE B 777 -17.36 5.31 -50.52
CA PHE B 777 -16.85 6.07 -49.39
C PHE B 777 -15.38 5.77 -49.10
N VAL B 778 -15.02 4.49 -48.98
CA VAL B 778 -13.73 4.14 -48.40
C VAL B 778 -12.71 3.72 -49.44
N CYS B 779 -13.04 2.70 -50.24
CA CYS B 779 -12.03 2.05 -51.08
C CYS B 779 -11.55 2.95 -52.20
N THR B 780 -12.45 3.78 -52.75
CA THR B 780 -12.13 4.49 -53.99
C THR B 780 -10.96 5.45 -53.80
N PHE B 781 -10.89 6.14 -52.65
CA PHE B 781 -9.83 7.11 -52.45
C PHE B 781 -8.46 6.43 -52.42
N VAL B 782 -8.31 5.40 -51.59
CA VAL B 782 -7.02 4.75 -51.44
C VAL B 782 -6.60 4.08 -52.74
N TYR B 783 -7.54 3.43 -53.43
CA TYR B 783 -7.16 2.73 -54.65
C TYR B 783 -6.84 3.70 -55.78
N LYS B 784 -7.57 4.81 -55.88
CA LYS B 784 -7.24 5.82 -56.87
C LYS B 784 -5.87 6.44 -56.59
N GLU B 785 -5.59 6.73 -55.33
CA GLU B 785 -4.29 7.33 -55.00
C GLU B 785 -3.15 6.36 -55.27
N PHE B 786 -3.35 5.07 -54.99
CA PHE B 786 -2.28 4.09 -55.27
C PHE B 786 -2.11 3.88 -56.76
N SER B 787 -3.20 3.92 -57.53
CA SER B 787 -3.07 3.84 -58.99
C SER B 787 -2.33 5.05 -59.54
N ARG B 788 -2.60 6.23 -59.00
CA ARG B 788 -1.89 7.43 -59.44
C ARG B 788 -0.43 7.38 -59.06
N PHE B 789 -0.13 6.86 -57.86
CA PHE B 789 1.26 6.76 -57.40
C PHE B 789 2.08 5.85 -58.30
N HIS B 790 1.70 4.58 -58.37
CA HIS B 790 2.35 3.61 -59.25
C HIS B 790 1.34 3.13 -60.28
N GLU B 791 1.77 3.11 -61.55
CA GLU B 791 0.87 2.72 -62.63
C GLU B 791 0.73 1.21 -62.76
N GLU B 792 1.51 0.44 -62.00
CA GLU B 792 1.40 -1.02 -62.04
C GLU B 792 0.23 -1.55 -61.22
N ILE B 793 -0.46 -0.69 -60.47
CA ILE B 793 -1.57 -1.11 -59.62
C ILE B 793 -2.91 -0.73 -60.25
N LEU B 794 -2.92 -0.34 -61.52
CA LEU B 794 -4.16 -0.03 -62.21
C LEU B 794 -5.19 -1.16 -62.22
N PRO B 795 -4.81 -2.44 -62.37
CA PRO B 795 -5.83 -3.51 -62.34
C PRO B 795 -6.71 -3.48 -61.09
N MET B 796 -6.15 -3.13 -59.93
CA MET B 796 -6.97 -3.01 -58.73
C MET B 796 -8.09 -2.00 -58.94
N PHE B 797 -7.76 -0.82 -59.46
CA PHE B 797 -8.76 0.22 -59.66
C PHE B 797 -9.78 -0.21 -60.71
N ASP B 798 -9.32 -0.84 -61.79
CA ASP B 798 -10.25 -1.28 -62.83
C ASP B 798 -11.24 -2.31 -62.30
N ARG B 799 -10.73 -3.30 -61.54
CA ARG B 799 -11.61 -4.31 -60.97
C ARG B 799 -12.54 -3.71 -59.93
N LEU B 800 -12.06 -2.72 -59.17
CA LEU B 800 -12.91 -2.04 -58.20
C LEU B 800 -14.07 -1.34 -58.89
N GLN B 801 -13.78 -0.63 -59.99
CA GLN B 801 -14.84 0.05 -60.72
C GLN B 801 -15.82 -0.95 -61.34
N ASN B 802 -15.31 -2.07 -61.87
CA ASN B 802 -16.20 -3.09 -62.42
C ASN B 802 -17.12 -3.66 -61.35
N ASN B 803 -16.57 -3.95 -60.17
CA ASN B 803 -17.39 -4.48 -59.08
C ASN B 803 -18.43 -3.46 -58.64
N ARG B 804 -18.04 -2.18 -58.59
CA ARG B 804 -19.00 -1.13 -58.26
C ARG B 804 -20.12 -1.08 -59.29
N LYS B 805 -19.79 -1.23 -60.58
CA LYS B 805 -20.81 -1.23 -61.62
C LYS B 805 -21.77 -2.40 -61.43
N GLU B 806 -21.25 -3.59 -61.15
CA GLU B 806 -22.12 -4.76 -60.96
C GLU B 806 -23.03 -4.57 -59.75
N TRP B 807 -22.47 -4.11 -58.63
CA TRP B 807 -23.28 -3.91 -57.44
C TRP B 807 -24.34 -2.83 -57.67
N LYS B 808 -23.97 -1.77 -58.38
CA LYS B 808 -24.94 -0.72 -58.70
C LYS B 808 -26.07 -1.26 -59.57
N ALA B 809 -25.74 -2.09 -60.56
CA ALA B 809 -26.78 -2.69 -61.40
C ALA B 809 -27.74 -3.53 -60.57
N LEU B 810 -27.19 -4.34 -59.66
CA LEU B 810 -28.05 -5.12 -58.77
C LEU B 810 -28.93 -4.21 -57.92
N ALA B 811 -28.36 -3.12 -57.42
CA ALA B 811 -29.14 -2.18 -56.62
C ALA B 811 -30.29 -1.57 -57.41
N ASP B 812 -30.02 -1.17 -58.66
CA ASP B 812 -31.09 -0.61 -59.48
C ASP B 812 -32.17 -1.66 -59.77
N GLU B 813 -31.76 -2.91 -59.99
CA GLU B 813 -32.76 -3.96 -60.19
C GLU B 813 -33.65 -4.12 -58.97
N TYR B 814 -33.04 -4.14 -57.77
CA TYR B 814 -33.83 -4.27 -56.55
C TYR B 814 -34.74 -3.06 -56.36
N GLU B 815 -34.24 -1.86 -56.63
CA GLU B 815 -35.06 -0.66 -56.49
C GLU B 815 -36.24 -0.69 -57.45
N ALA B 816 -36.01 -1.10 -58.70
CA ALA B 816 -37.11 -1.21 -59.65
C ALA B 816 -38.13 -2.23 -59.19
N LYS B 817 -37.67 -3.36 -58.65
CA LYS B 817 -38.59 -4.39 -58.17
C LYS B 817 -39.46 -3.85 -57.03
N VAL B 818 -38.85 -3.20 -56.04
CA VAL B 818 -39.63 -2.70 -54.90
C VAL B 818 -40.55 -1.57 -55.33
N LYS B 819 -40.11 -0.73 -56.27
CA LYS B 819 -40.96 0.32 -56.80
C LYS B 819 -42.20 -0.28 -57.47
N ALA B 820 -41.98 -1.19 -58.41
CA ALA B 820 -43.07 -1.81 -59.15
C ALA B 820 -43.98 -2.65 -58.25
N LEU B 821 -43.48 -3.11 -57.11
CA LEU B 821 -44.38 -3.75 -56.15
C LEU B 821 -45.20 -2.70 -55.41
N GLU B 822 -44.53 -1.87 -54.60
CA GLU B 822 -45.24 -1.02 -53.64
C GLU B 822 -46.14 -0.02 -54.36
N GLU B 823 -45.60 0.74 -55.30
CA GLU B 823 -46.36 1.86 -55.87
C GLU B 823 -47.12 1.49 -57.14
N ASP B 824 -47.11 0.21 -57.53
CA ASP B 824 -47.91 -0.22 -58.69
C ASP B 824 -48.93 -1.28 -58.33
N GLN B 825 -48.54 -2.35 -57.62
CA GLN B 825 -49.47 -3.45 -57.40
C GLN B 825 -50.56 -3.07 -56.42
N LYS B 826 -50.18 -2.42 -55.31
CA LYS B 826 -51.16 -2.01 -54.31
C LYS B 826 -52.14 -0.98 -54.88
N LYS B 827 -51.64 -0.02 -55.65
CA LYS B 827 -52.48 1.02 -56.22
C LYS B 827 -53.01 0.60 -57.59
N ARG C 11 1.27 58.53 13.68
CA ARG C 11 0.33 57.42 13.71
C ARG C 11 1.03 56.17 14.25
N SER C 12 1.52 55.33 13.35
CA SER C 12 2.22 54.13 13.76
C SER C 12 3.62 54.48 14.29
N ALA C 13 4.10 53.66 15.23
CA ALA C 13 5.44 53.88 15.76
C ALA C 13 6.50 53.76 14.68
N THR C 14 6.27 52.88 13.69
CA THR C 14 7.19 52.72 12.57
C THR C 14 6.89 53.63 11.40
N ARG C 15 5.81 54.42 11.47
CA ARG C 15 5.48 55.46 10.51
C ARG C 15 5.22 54.93 9.10
N VAL C 16 4.80 53.67 8.97
CA VAL C 16 4.43 53.10 7.68
C VAL C 16 3.16 52.29 7.86
N MET C 17 2.22 52.45 6.93
CA MET C 17 0.93 51.77 7.00
C MET C 17 0.63 50.88 5.79
N GLY C 18 1.28 51.12 4.65
CA GLY C 18 0.98 50.32 3.47
C GLY C 18 1.35 48.87 3.63
N GLY C 19 2.56 48.61 4.16
CA GLY C 19 3.03 47.26 4.33
C GLY C 19 4.44 47.22 4.89
N PRO C 20 4.98 46.01 5.06
CA PRO C 20 6.36 45.90 5.54
C PRO C 20 7.34 46.55 4.58
N VAL C 21 8.37 47.18 5.14
CA VAL C 21 9.39 47.88 4.37
C VAL C 21 10.75 47.28 4.70
N THR C 22 11.58 47.11 3.68
CA THR C 22 12.93 46.59 3.84
C THR C 22 13.90 47.41 3.00
N PRO C 23 15.12 47.64 3.49
CA PRO C 23 16.12 48.38 2.72
C PRO C 23 16.95 47.46 1.83
N ARG C 24 16.28 46.80 0.89
CA ARG C 24 16.92 45.82 0.01
C ARG C 24 16.36 46.00 -1.39
N LYS C 25 16.63 45.01 -2.24
CA LYS C 25 16.16 44.99 -3.62
C LYS C 25 15.39 43.69 -3.85
N GLY C 26 15.06 43.40 -5.11
CA GLY C 26 14.13 42.33 -5.42
C GLY C 26 14.63 41.17 -6.26
N PRO C 27 15.80 40.61 -5.97
CA PRO C 27 16.21 39.37 -6.63
C PRO C 27 15.77 38.16 -5.84
N PRO C 28 14.52 37.71 -6.00
CA PRO C 28 13.95 36.75 -5.05
C PRO C 28 14.76 35.46 -5.00
N LYS C 29 14.90 34.93 -3.78
CA LYS C 29 15.63 33.69 -3.53
C LYS C 29 14.69 32.68 -2.89
N PHE C 30 14.80 31.43 -3.29
CA PHE C 30 13.89 30.39 -2.84
C PHE C 30 14.68 29.18 -2.38
N LYS C 31 14.08 28.44 -1.44
CA LYS C 31 14.75 27.32 -0.79
C LYS C 31 14.68 26.06 -1.64
N GLN C 32 15.72 25.25 -1.55
CA GLN C 32 15.76 23.96 -2.21
C GLN C 32 15.11 22.90 -1.34
N ARG C 33 14.49 21.91 -1.97
CA ARG C 33 13.88 20.82 -1.23
C ARG C 33 14.96 20.00 -0.52
N GLN C 34 14.64 19.52 0.68
CA GLN C 34 15.56 18.66 1.41
C GLN C 34 15.43 17.23 0.89
N THR C 35 16.57 16.65 0.51
CA THR C 35 16.60 15.27 0.03
C THR C 35 17.82 14.54 0.58
N ARG C 36 18.13 14.75 1.86
CA ARG C 36 19.28 14.13 2.50
C ARG C 36 18.93 13.31 3.73
N GLN C 37 18.00 13.80 4.56
CA GLN C 37 17.64 13.10 5.79
C GLN C 37 17.02 11.75 5.49
N PHE C 38 15.85 11.74 4.84
CA PHE C 38 15.13 10.50 4.59
C PHE C 38 15.65 9.80 3.34
N LYS C 39 15.53 10.44 2.20
CA LYS C 39 15.95 9.84 0.93
C LYS C 39 17.43 10.09 0.70
N SER C 40 18.14 9.04 0.29
CA SER C 40 19.59 9.08 0.06
C SER C 40 20.34 9.75 1.22
N GLY C 49 14.94 -6.78 -0.92
CA GLY C 49 14.74 -5.83 -2.00
C GLY C 49 15.44 -4.50 -1.77
N PHE C 50 14.65 -3.47 -1.44
CA PHE C 50 15.23 -2.16 -1.18
C PHE C 50 16.14 -2.18 0.04
N GLY C 51 15.72 -2.86 1.10
CA GLY C 51 16.50 -2.92 2.32
C GLY C 51 16.87 -4.34 2.73
N ASP C 52 18.16 -4.64 2.72
CA ASP C 52 18.65 -5.94 3.13
C ASP C 52 19.79 -5.89 4.14
N ASP C 53 20.40 -4.72 4.37
CA ASP C 53 21.46 -4.60 5.36
C ASP C 53 20.93 -4.65 6.79
N ILE C 54 19.62 -4.63 6.97
CA ILE C 54 19.05 -4.72 8.33
C ILE C 54 19.36 -6.08 8.92
N PRO C 55 19.88 -6.16 10.15
CA PRO C 55 20.15 -7.47 10.75
C PRO C 55 18.88 -8.29 10.90
N GLY C 56 19.02 -9.60 10.69
CA GLY C 56 17.89 -10.51 10.77
C GLY C 56 16.98 -10.51 9.56
N MET C 57 17.37 -9.82 8.48
CA MET C 57 16.51 -9.72 7.30
C MET C 57 16.56 -10.97 6.44
N GLU C 58 17.57 -11.81 6.58
CA GLU C 58 17.77 -12.93 5.66
C GLU C 58 16.70 -13.99 5.83
N GLY C 59 16.38 -14.36 7.07
CA GLY C 59 15.46 -15.45 7.32
C GLY C 59 14.09 -14.98 7.75
N LEU C 60 13.55 -13.97 7.07
CA LEU C 60 12.32 -13.34 7.50
C LEU C 60 11.29 -13.26 6.38
N GLY C 61 11.63 -13.66 5.16
CA GLY C 61 10.73 -13.57 4.04
C GLY C 61 9.63 -14.61 4.09
N THR C 62 8.93 -14.73 2.96
CA THR C 62 7.87 -15.73 2.86
C THR C 62 8.43 -17.15 2.99
N ASP C 63 9.54 -17.43 2.31
CA ASP C 63 10.26 -18.71 2.34
C ASP C 63 9.31 -19.91 2.37
N ILE C 64 8.51 -20.08 1.32
CA ILE C 64 7.48 -21.11 1.31
C ILE C 64 8.12 -22.48 1.21
N THR C 65 8.26 -23.14 2.37
CA THR C 65 8.85 -24.47 2.46
C THR C 65 8.05 -25.32 3.44
N VAL C 66 6.72 -25.26 3.31
CA VAL C 66 5.84 -26.00 4.22
C VAL C 66 5.99 -27.49 3.92
N ILE C 67 6.46 -28.25 4.90
CA ILE C 67 6.66 -29.69 4.77
C ILE C 67 5.88 -30.38 5.86
N CYS C 68 5.09 -31.38 5.49
CA CYS C 68 4.33 -32.14 6.47
C CYS C 68 5.28 -32.93 7.34
N PRO C 69 5.18 -32.83 8.67
CA PRO C 69 6.13 -33.53 9.54
C PRO C 69 5.98 -35.05 9.50
N TRP C 70 4.86 -35.57 8.97
CA TRP C 70 4.59 -37.01 8.92
C TRP C 70 4.49 -37.57 10.34
N GLU C 71 5.63 -37.64 11.03
CA GLU C 71 5.73 -37.99 12.45
C GLU C 71 4.99 -39.28 12.81
N ALA C 72 4.71 -40.12 11.81
CA ALA C 72 4.06 -41.39 12.04
C ALA C 72 4.66 -42.51 11.20
N PHE C 73 5.75 -42.25 10.47
CA PHE C 73 6.37 -43.24 9.61
C PHE C 73 7.85 -43.33 9.96
N ASN C 74 8.32 -44.55 10.22
CA ASN C 74 9.73 -44.76 10.51
C ASN C 74 10.54 -44.65 9.22
N HIS C 75 11.87 -44.56 9.39
CA HIS C 75 12.73 -44.26 8.25
C HIS C 75 12.79 -45.39 7.22
N LEU C 76 12.45 -46.62 7.59
CA LEU C 76 12.28 -47.67 6.58
C LEU C 76 11.17 -47.31 5.61
N GLU C 77 9.95 -47.17 6.14
CA GLU C 77 8.82 -46.81 5.29
C GLU C 77 8.96 -45.40 4.73
N LEU C 78 9.65 -44.51 5.44
CA LEU C 78 9.88 -43.17 4.91
C LEU C 78 10.75 -43.23 3.65
N HIS C 79 11.84 -44.00 3.70
CA HIS C 79 12.69 -44.13 2.52
C HIS C 79 11.95 -44.85 1.40
N GLU C 80 11.17 -45.88 1.74
CA GLU C 80 10.37 -46.56 0.72
C GLU C 80 9.38 -45.61 0.07
N LEU C 81 8.75 -44.75 0.86
CA LEU C 81 7.80 -43.78 0.35
C LEU C 81 8.49 -42.77 -0.56
N ALA C 82 9.68 -42.31 -0.16
CA ALA C 82 10.42 -41.36 -0.98
C ALA C 82 10.94 -42.00 -2.26
N GLN C 83 11.13 -43.31 -2.26
CA GLN C 83 11.64 -43.99 -3.46
C GLN C 83 10.65 -43.84 -4.61
N TYR C 84 9.36 -43.96 -4.33
CA TYR C 84 8.33 -43.97 -5.37
C TYR C 84 7.89 -42.57 -5.77
N GLY C 85 8.49 -41.53 -5.21
CA GLY C 85 8.22 -40.17 -5.62
C GLY C 85 6.93 -39.57 -5.08
N ILE C 86 6.21 -40.28 -4.23
CA ILE C 86 4.98 -39.75 -3.67
C ILE C 86 5.29 -38.61 -2.70
N ILE C 87 6.36 -38.73 -1.93
CA ILE C 87 6.78 -37.72 -0.96
C ILE C 87 7.02 -36.38 -1.64
N ILE D 10 22.00 5.40 52.66
CA ILE D 10 21.28 5.82 53.86
C ILE D 10 19.87 5.26 53.79
N ARG D 11 19.08 5.50 54.83
CA ARG D 11 17.74 4.95 54.96
C ARG D 11 16.72 5.60 54.01
N SER D 12 17.14 6.57 53.21
CA SER D 12 16.29 7.25 52.23
C SER D 12 15.21 8.10 52.90
N ALA D 13 14.69 9.09 52.18
CA ALA D 13 13.70 9.99 52.76
C ALA D 13 12.41 9.24 53.10
N THR D 14 11.96 8.35 52.22
CA THR D 14 10.70 7.64 52.41
C THR D 14 10.86 6.32 53.17
N ARG D 15 12.09 5.94 53.50
CA ARG D 15 12.36 4.67 54.19
C ARG D 15 11.82 3.48 53.41
N VAL D 16 11.87 3.55 52.09
CA VAL D 16 11.35 2.52 51.20
C VAL D 16 12.46 2.07 50.27
N MET D 17 12.63 0.76 50.14
CA MET D 17 13.65 0.19 49.26
C MET D 17 13.03 -0.95 48.46
N GLY D 18 13.69 -1.27 47.35
CA GLY D 18 13.23 -2.35 46.49
C GLY D 18 12.34 -1.90 45.35
N GLY D 19 11.26 -1.20 45.65
CA GLY D 19 10.34 -0.75 44.63
C GLY D 19 9.29 0.21 45.14
N PRO D 20 8.49 0.77 44.22
CA PRO D 20 7.43 1.71 44.63
C PRO D 20 6.34 0.99 45.41
N VAL D 21 5.91 1.62 46.50
CA VAL D 21 4.80 1.10 47.30
C VAL D 21 3.56 1.95 47.04
N THR D 22 2.39 1.38 47.35
CA THR D 22 1.14 2.08 47.12
C THR D 22 0.06 1.48 48.01
N PRO D 23 -0.86 2.29 48.56
CA PRO D 23 -1.96 1.77 49.37
C PRO D 23 -3.19 1.40 48.53
N ARG D 24 -2.97 0.63 47.48
CA ARG D 24 -4.04 0.25 46.55
C ARG D 24 -3.89 -1.21 46.19
N LYS D 25 -4.86 -2.03 46.59
CA LYS D 25 -4.88 -3.45 46.29
C LYS D 25 -6.09 -3.79 45.44
N GLY D 26 -5.89 -4.74 44.53
CA GLY D 26 -6.97 -5.18 43.67
C GLY D 26 -6.52 -5.45 42.25
N PRO D 27 -7.41 -5.98 41.42
CA PRO D 27 -7.08 -6.25 40.02
C PRO D 27 -6.91 -4.95 39.26
N PRO D 28 -5.78 -4.76 38.59
CA PRO D 28 -5.55 -3.50 37.85
C PRO D 28 -6.50 -3.37 36.68
N LYS D 29 -6.80 -2.12 36.32
CA LYS D 29 -7.59 -1.80 35.14
C LYS D 29 -6.68 -1.38 34.00
N PHE D 30 -7.13 -1.63 32.78
CA PHE D 30 -6.36 -1.34 31.59
C PHE D 30 -7.19 -0.52 30.60
N LYS D 31 -6.49 0.34 29.85
CA LYS D 31 -7.17 1.17 28.86
C LYS D 31 -7.77 0.31 27.76
N GLN D 32 -8.87 0.80 27.19
CA GLN D 32 -9.60 -0.02 26.21
C GLN D 32 -8.89 -0.01 24.85
N ARG D 33 -8.88 1.14 24.17
CA ARG D 33 -8.17 1.39 22.92
C ARG D 33 -8.49 2.81 22.48
N GLN D 34 -7.85 3.23 21.40
CA GLN D 34 -8.18 4.48 20.72
C GLN D 34 -8.68 4.12 19.33
N THR D 35 -9.97 3.84 19.22
CA THR D 35 -10.56 3.36 17.97
C THR D 35 -11.79 4.16 17.54
N ARG D 36 -11.93 5.38 18.04
CA ARG D 36 -13.07 6.21 17.62
C ARG D 36 -12.65 7.58 17.10
N GLN D 37 -11.61 8.19 17.67
CA GLN D 37 -11.27 9.56 17.31
C GLN D 37 -10.64 9.64 15.92
N PHE D 38 -10.04 8.55 15.44
CA PHE D 38 -9.41 8.53 14.13
C PHE D 38 -10.14 7.66 13.12
N LYS D 39 -11.40 7.29 13.41
CA LYS D 39 -12.18 6.48 12.49
C LYS D 39 -13.40 7.25 11.99
N GLY D 49 -20.14 2.97 1.31
CA GLY D 49 -19.43 4.01 0.58
C GLY D 49 -18.28 4.61 1.35
N PHE D 50 -17.14 4.76 0.68
CA PHE D 50 -15.93 5.31 1.28
C PHE D 50 -15.63 6.67 0.68
N GLY D 51 -15.50 7.68 1.53
CA GLY D 51 -15.17 9.02 1.09
C GLY D 51 -16.20 9.63 0.16
N ASP D 52 -17.49 9.45 0.45
CA ASP D 52 -18.55 10.03 -0.35
C ASP D 52 -19.17 11.27 0.29
N ASP D 53 -19.06 11.43 1.61
CA ASP D 53 -19.60 12.59 2.28
C ASP D 53 -18.79 13.87 2.03
N ILE D 54 -17.61 13.74 1.44
CA ILE D 54 -16.74 14.89 1.17
C ILE D 54 -17.35 15.70 0.02
N PRO D 55 -17.56 17.00 0.19
CA PRO D 55 -18.10 17.81 -0.90
C PRO D 55 -17.12 17.91 -2.07
N GLY D 56 -17.70 18.06 -3.27
CA GLY D 56 -16.90 18.12 -4.47
C GLY D 56 -16.37 16.78 -4.94
N MET D 57 -16.83 15.68 -4.34
CA MET D 57 -16.29 14.36 -4.63
C MET D 57 -16.77 13.81 -5.97
N GLU D 58 -17.86 14.36 -6.52
CA GLU D 58 -18.45 13.79 -7.72
C GLU D 58 -17.54 13.96 -8.94
N GLY D 59 -16.92 15.13 -9.08
CA GLY D 59 -16.11 15.39 -10.26
C GLY D 59 -14.90 14.48 -10.35
N LEU D 60 -14.31 14.14 -9.21
CA LEU D 60 -13.11 13.31 -9.19
C LEU D 60 -13.43 11.88 -9.59
N GLY D 61 -12.44 11.22 -10.20
CA GLY D 61 -12.60 9.85 -10.65
C GLY D 61 -12.20 9.65 -12.08
N THR D 62 -11.51 8.55 -12.37
CA THR D 62 -11.10 8.25 -13.74
C THR D 62 -12.31 7.97 -14.61
N ASP D 63 -12.29 8.52 -15.83
CA ASP D 63 -13.36 8.35 -16.79
C ASP D 63 -12.93 7.42 -17.92
N ILE D 64 -13.93 6.84 -18.59
CA ILE D 64 -13.69 5.97 -19.72
C ILE D 64 -14.01 6.67 -21.04
N THR D 65 -14.25 7.99 -20.99
CA THR D 65 -14.49 8.78 -22.18
C THR D 65 -13.47 9.92 -22.28
N VAL D 66 -12.20 9.59 -22.06
CA VAL D 66 -11.12 10.58 -22.11
C VAL D 66 -10.45 10.51 -23.47
N ILE D 67 -11.05 9.77 -24.40
CA ILE D 67 -10.52 9.61 -25.75
C ILE D 67 -11.36 10.45 -26.70
N CYS D 68 -10.70 11.18 -27.58
CA CYS D 68 -11.40 12.03 -28.54
C CYS D 68 -12.20 11.17 -29.50
N PRO D 69 -13.50 11.40 -29.64
CA PRO D 69 -14.28 10.61 -30.62
C PRO D 69 -13.81 10.80 -32.04
N TRP D 70 -13.75 12.05 -32.51
CA TRP D 70 -13.31 12.33 -33.88
C TRP D 70 -12.75 13.74 -33.94
N GLU D 71 -11.97 13.99 -34.98
CA GLU D 71 -11.38 15.29 -35.23
C GLU D 71 -12.35 16.14 -36.06
N ALA D 72 -11.87 17.27 -36.59
CA ALA D 72 -12.71 18.16 -37.38
C ALA D 72 -13.14 17.45 -38.65
N PHE D 73 -14.42 17.08 -38.70
CA PHE D 73 -14.99 16.40 -39.86
C PHE D 73 -16.36 16.99 -40.16
N ASN D 74 -16.79 16.86 -41.41
CA ASN D 74 -18.11 17.32 -41.80
C ASN D 74 -19.18 16.49 -41.10
N HIS D 75 -20.29 17.15 -40.76
CA HIS D 75 -21.36 16.45 -40.04
C HIS D 75 -21.96 15.33 -40.88
N LEU D 76 -22.07 15.54 -42.19
CA LEU D 76 -22.56 14.47 -43.07
C LEU D 76 -21.60 13.28 -43.06
N GLU D 77 -20.30 13.55 -43.11
CA GLU D 77 -19.32 12.45 -43.05
C GLU D 77 -19.36 11.77 -41.69
N LEU D 78 -19.58 12.54 -40.61
CA LEU D 78 -19.71 11.95 -39.29
C LEU D 78 -20.92 11.01 -39.22
N HIS D 79 -22.05 11.43 -39.80
CA HIS D 79 -23.21 10.56 -39.85
C HIS D 79 -22.94 9.32 -40.70
N GLU D 80 -22.24 9.49 -41.82
CA GLU D 80 -21.94 8.36 -42.70
C GLU D 80 -21.04 7.34 -42.01
N LEU D 81 -20.10 7.83 -41.18
CA LEU D 81 -19.23 6.92 -40.45
C LEU D 81 -20.03 6.01 -39.51
N ALA D 82 -21.08 6.56 -38.90
CA ALA D 82 -21.89 5.75 -37.99
C ALA D 82 -22.63 4.64 -38.74
N GLN D 83 -23.03 4.91 -39.97
CA GLN D 83 -23.77 3.91 -40.74
C GLN D 83 -22.91 2.69 -41.05
N TYR D 84 -21.60 2.86 -41.14
CA TYR D 84 -20.69 1.77 -41.48
C TYR D 84 -19.95 1.21 -40.27
N GLY D 85 -20.36 1.58 -39.06
CA GLY D 85 -19.76 1.02 -37.86
C GLY D 85 -18.34 1.43 -37.61
N ILE D 86 -17.83 2.42 -38.35
CA ILE D 86 -16.47 2.90 -38.14
C ILE D 86 -16.40 3.93 -37.02
N ILE D 87 -17.53 4.54 -36.65
CA ILE D 87 -17.56 5.55 -35.60
C ILE D 87 -17.06 4.99 -34.28
#